data_5K70
#
_entry.id   5K70
#
_cell.length_a   110.890
_cell.length_b   113.430
_cell.length_c   185.906
_cell.angle_alpha   90.00
_cell.angle_beta   103.69
_cell.angle_gamma   90.00
#
_symmetry.space_group_name_H-M   'I 1 2 1'
#
loop_
_entity.id
_entity.type
_entity.pdbx_description
1 polymer 'Protein sidekick-2'
2 branched 2-acetamido-2-deoxy-beta-D-glucopyranose-(1-4)-[alpha-L-fucopyranose-(1-6)]2-acetamido-2-deoxy-beta-D-glucopyranose
3 branched alpha-L-fucopyranose-(1-6)-2-acetamido-2-deoxy-beta-D-glucopyranose
4 non-polymer 2-acetamido-2-deoxy-beta-D-glucopyranose
5 non-polymer 'PHOSPHATE ION'
6 water water
#
_entity_poly.entity_id   1
_entity_poly.type   'polypeptide(L)'
_entity_poly.pdbx_seq_one_letter_code
;GPAGAQDDVPPYFKTEPVRTQVRLEGSRLVLTCMAEGSWPLEFKWLHNNRELTRFSLEYRYMITSLDRTHAGFYRCIVRN
RMGALLQRQTEVQVAYMGSFEEGEKRQSVNHGEAAVIRAPRISSFPRPQVTWFRDGRKIPPSSRIAITLENTLVILSTVA
PDAGRYYVQAVNDKNGDNKTSQPITLAVENVGGPADPIAPTIIIPPKNTSVVAGTSEVTMECVANARPLIKLHIVWKKDG
APLSSGISDYNRRLTIANPTVSDAGYYECEAMLRSSSVAPVTRGAYLSVLEPPQFVREPERHITAEMEKVVDIPCRAKGV
PPPSITWYKDAALVEVGKLTRFKQRSDGGLQISGLLPDDTGMLQCFAHNAAGEAQTSTYLAVTS
;
_entity_poly.pdbx_strand_id   A,B,C,D
#
# COMPACT_ATOMS: atom_id res chain seq x y z
N GLY A 4 -63.11 -20.85 -1.24
CA GLY A 4 -63.94 -19.80 -0.67
C GLY A 4 -63.58 -18.42 -1.18
N ALA A 5 -64.61 -17.60 -1.40
CA ALA A 5 -64.47 -16.30 -2.07
C ALA A 5 -63.61 -15.28 -1.31
N GLN A 6 -63.58 -15.37 0.02
CA GLN A 6 -62.85 -14.41 0.83
C GLN A 6 -61.38 -14.74 1.12
N ASP A 7 -60.57 -13.69 1.16
CA ASP A 7 -59.14 -13.76 1.40
C ASP A 7 -58.82 -14.28 2.81
N ASP A 8 -57.80 -15.12 2.92
CA ASP A 8 -57.43 -15.68 4.22
C ASP A 8 -55.90 -15.74 4.36
N VAL A 9 -55.25 -14.64 3.99
CA VAL A 9 -53.81 -14.49 4.18
C VAL A 9 -53.55 -14.04 5.61
N PRO A 10 -52.87 -14.86 6.41
CA PRO A 10 -52.59 -14.57 7.81
C PRO A 10 -51.63 -13.39 7.96
N PRO A 11 -51.55 -12.80 9.16
CA PRO A 11 -50.63 -11.69 9.38
C PRO A 11 -49.18 -12.15 9.29
N TYR A 12 -48.31 -11.27 8.82
CA TYR A 12 -46.88 -11.48 8.91
C TYR A 12 -46.17 -10.15 8.96
N PHE A 13 -44.87 -10.17 9.26
CA PHE A 13 -44.14 -8.93 9.30
C PHE A 13 -43.34 -8.74 8.02
N LYS A 14 -43.57 -7.59 7.40
CA LYS A 14 -42.86 -7.15 6.20
C LYS A 14 -41.40 -6.96 6.61
N THR A 15 -41.23 -6.21 7.70
CA THR A 15 -39.93 -5.98 8.30
C THR A 15 -40.07 -6.04 9.82
N GLU A 16 -38.98 -6.33 10.52
CA GLU A 16 -38.99 -6.34 11.99
C GLU A 16 -38.34 -5.05 12.50
N PRO A 17 -38.69 -4.63 13.72
CA PRO A 17 -38.14 -3.39 14.25
C PRO A 17 -36.69 -3.52 14.71
N VAL A 18 -35.98 -2.40 14.84
CA VAL A 18 -34.61 -2.44 15.32
C VAL A 18 -34.60 -2.97 16.74
N ARG A 19 -33.51 -3.63 17.13
CA ARG A 19 -33.43 -4.25 18.44
C ARG A 19 -33.28 -3.16 19.49
N THR A 20 -32.56 -2.10 19.10
CA THR A 20 -32.30 -0.99 19.99
C THR A 20 -32.37 0.33 19.21
N GLN A 21 -32.89 1.36 19.87
CA GLN A 21 -32.93 2.69 19.28
C GLN A 21 -32.85 3.77 20.36
N VAL A 22 -31.92 4.70 20.18
CA VAL A 22 -31.78 5.81 21.11
C VAL A 22 -32.53 7.01 20.57
N ARG A 23 -33.39 7.60 21.41
CA ARG A 23 -34.16 8.75 21.01
C ARG A 23 -34.03 9.85 22.05
N LEU A 24 -34.12 11.08 21.59
CA LEU A 24 -33.90 12.24 22.44
C LEU A 24 -35.08 12.49 23.36
N GLU A 25 -34.80 12.94 24.57
CA GLU A 25 -35.84 13.35 25.50
C GLU A 25 -36.66 14.49 24.90
N GLY A 26 -37.98 14.40 25.01
CA GLY A 26 -38.86 15.43 24.47
C GLY A 26 -39.19 15.35 22.99
N SER A 27 -38.58 14.40 22.28
CA SER A 27 -38.87 14.22 20.86
C SER A 27 -40.15 13.42 20.69
N ARG A 28 -40.65 13.37 19.45
CA ARG A 28 -41.84 12.59 19.15
C ARG A 28 -41.39 11.21 18.69
N LEU A 29 -41.93 10.16 19.31
CA LEU A 29 -41.52 8.81 18.99
C LEU A 29 -42.64 8.07 18.29
N VAL A 30 -42.33 7.50 17.13
CA VAL A 30 -43.32 6.76 16.38
C VAL A 30 -42.86 5.32 16.16
N LEU A 31 -43.39 4.41 16.96
CA LEU A 31 -43.14 2.99 16.81
C LEU A 31 -44.09 2.42 15.77
N THR A 32 -43.64 1.44 15.00
CA THR A 32 -44.48 0.91 13.93
C THR A 32 -44.59 -0.61 13.98
N CYS A 33 -45.74 -1.11 13.55
CA CYS A 33 -45.94 -2.54 13.37
C CYS A 33 -46.09 -2.82 11.88
N MET A 34 -44.97 -3.09 11.22
CA MET A 34 -44.97 -3.24 9.78
C MET A 34 -45.49 -4.60 9.39
N ALA A 35 -46.79 -4.79 9.61
CA ALA A 35 -47.41 -6.08 9.38
C ALA A 35 -48.19 -6.07 8.09
N GLU A 36 -48.33 -7.24 7.47
CA GLU A 36 -49.08 -7.40 6.25
C GLU A 36 -50.06 -8.55 6.48
N GLY A 37 -51.03 -8.71 5.60
CA GLY A 37 -52.02 -9.77 5.78
C GLY A 37 -53.40 -9.31 5.35
N SER A 38 -54.34 -10.24 5.20
CA SER A 38 -55.67 -9.90 4.70
C SER A 38 -56.34 -8.89 5.63
N TRP A 39 -56.95 -7.88 5.02
CA TRP A 39 -57.59 -6.78 5.75
C TRP A 39 -58.91 -7.25 6.36
N PRO A 40 -59.28 -6.71 7.52
CA PRO A 40 -58.61 -5.69 8.35
C PRO A 40 -57.60 -6.22 9.36
N LEU A 41 -56.47 -5.52 9.45
CA LEU A 41 -55.43 -5.84 10.40
C LEU A 41 -55.61 -4.96 11.62
N GLU A 42 -55.58 -5.56 12.82
CA GLU A 42 -55.68 -4.74 14.02
C GLU A 42 -54.42 -4.81 14.86
N PHE A 43 -54.10 -3.69 15.50
CA PHE A 43 -52.84 -3.56 16.21
C PHE A 43 -53.06 -3.18 17.66
N LYS A 44 -52.21 -3.74 18.51
CA LYS A 44 -52.28 -3.57 19.95
C LYS A 44 -50.84 -3.53 20.45
N TRP A 45 -50.56 -2.72 21.47
CA TRP A 45 -49.18 -2.50 21.87
C TRP A 45 -48.83 -2.89 23.31
N LEU A 46 -47.62 -3.40 23.49
CA LEU A 46 -47.13 -3.73 24.84
C LEU A 46 -45.92 -2.91 25.23
N HIS A 47 -45.88 -2.52 26.51
CA HIS A 47 -44.69 -1.90 27.09
C HIS A 47 -44.22 -2.74 28.27
N ASN A 48 -43.01 -3.28 28.15
CA ASN A 48 -42.47 -4.24 29.13
C ASN A 48 -43.44 -5.39 29.40
N ASN A 49 -44.11 -5.84 28.34
CA ASN A 49 -45.06 -6.95 28.40
C ASN A 49 -46.27 -6.64 29.27
N ARG A 50 -46.60 -5.36 29.36
CA ARG A 50 -47.85 -4.95 29.99
C ARG A 50 -48.62 -4.22 28.91
N GLU A 51 -49.89 -4.58 28.76
CA GLU A 51 -50.69 -4.02 27.69
C GLU A 51 -50.83 -2.50 27.77
N LEU A 52 -50.60 -1.85 26.64
CA LEU A 52 -50.62 -0.40 26.55
C LEU A 52 -51.90 0.12 25.91
N THR A 53 -52.33 -0.57 24.86
CA THR A 53 -53.50 -0.15 24.09
C THR A 53 -54.42 -1.32 23.80
N ARG A 54 -55.63 -1.01 23.35
CA ARG A 54 -56.56 -2.02 22.87
C ARG A 54 -56.37 -2.16 21.38
N PHE A 55 -56.89 -3.23 20.79
CA PHE A 55 -56.75 -3.43 19.36
C PHE A 55 -57.26 -2.21 18.60
N SER A 56 -56.51 -1.82 17.58
CA SER A 56 -56.82 -0.63 16.80
C SER A 56 -56.46 -0.87 15.35
N LEU A 57 -57.06 -0.11 14.45
CA LEU A 57 -56.70 -0.20 13.04
C LEU A 57 -55.37 0.49 12.74
N GLU A 58 -54.93 1.33 13.69
CA GLU A 58 -53.68 2.07 13.53
C GLU A 58 -52.44 1.24 13.83
N TYR A 59 -51.49 1.24 12.90
CA TYR A 59 -50.29 0.42 13.02
C TYR A 59 -49.16 1.14 13.75
N ARG A 60 -49.36 2.40 14.07
CA ARG A 60 -48.32 3.18 14.70
C ARG A 60 -48.65 3.47 16.15
N TYR A 61 -47.63 3.49 17.00
CA TYR A 61 -47.83 3.94 18.36
C TYR A 61 -46.99 5.19 18.52
N MET A 62 -47.65 6.29 18.85
CA MET A 62 -46.97 7.57 18.90
C MET A 62 -46.91 8.11 20.31
N ILE A 63 -45.70 8.46 20.74
CA ILE A 63 -45.48 9.15 22.01
C ILE A 63 -45.12 10.58 21.68
N THR A 64 -45.98 11.52 22.07
CA THR A 64 -45.83 12.92 21.68
C THR A 64 -44.54 13.56 22.21
N SER A 65 -44.27 13.39 23.49
CA SER A 65 -43.02 13.88 24.06
C SER A 65 -42.41 12.79 24.94
N LEU A 66 -41.22 12.37 24.58
CA LEU A 66 -40.58 11.23 25.23
C LEU A 66 -39.79 11.62 26.47
N ASP A 67 -40.09 10.96 27.58
CA ASP A 67 -39.33 11.11 28.79
C ASP A 67 -38.83 9.73 29.22
N ARG A 68 -38.08 9.72 30.31
CA ARG A 68 -37.37 8.52 30.75
C ARG A 68 -38.30 7.46 31.32
N THR A 69 -39.52 7.86 31.68
CA THR A 69 -40.54 6.93 32.14
C THR A 69 -41.05 6.06 31.00
N HIS A 70 -41.02 6.62 29.80
CA HIS A 70 -41.55 5.95 28.62
C HIS A 70 -40.52 5.10 27.90
N ALA A 71 -39.33 4.96 28.51
CA ALA A 71 -38.31 4.07 27.98
C ALA A 71 -38.70 2.62 28.21
N GLY A 72 -37.93 1.70 27.63
CA GLY A 72 -38.17 0.29 27.86
C GLY A 72 -38.45 -0.48 26.59
N PHE A 73 -39.04 -1.66 26.75
CA PHE A 73 -39.30 -2.55 25.63
C PHE A 73 -40.71 -2.41 25.08
N TYR A 74 -40.80 -2.32 23.76
CA TYR A 74 -42.07 -2.20 23.08
C TYR A 74 -42.19 -3.30 22.04
N ARG A 75 -43.40 -3.81 21.89
CA ARG A 75 -43.71 -4.78 20.86
C ARG A 75 -45.21 -4.69 20.62
N CYS A 76 -45.64 -4.95 19.40
CA CYS A 76 -47.07 -4.96 19.16
C CYS A 76 -47.56 -6.38 18.93
N ILE A 77 -48.86 -6.55 19.09
CA ILE A 77 -49.52 -7.77 18.65
C ILE A 77 -50.40 -7.37 17.47
N VAL A 78 -50.33 -8.16 16.40
CA VAL A 78 -51.16 -7.90 15.23
C VAL A 78 -52.04 -9.11 14.98
N ARG A 79 -53.31 -8.85 14.67
CA ARG A 79 -54.25 -9.91 14.35
C ARG A 79 -55.10 -9.55 13.16
N ASN A 80 -55.69 -10.57 12.58
CA ASN A 80 -56.73 -10.43 11.58
C ASN A 80 -57.62 -11.64 11.76
N ARG A 81 -58.51 -11.92 10.80
CA ARG A 81 -59.43 -13.04 10.93
C ARG A 81 -58.72 -14.39 11.13
N MET A 82 -57.49 -14.51 10.63
CA MET A 82 -56.78 -15.78 10.64
C MET A 82 -56.16 -16.14 11.99
N GLY A 83 -55.67 -15.13 12.71
CA GLY A 83 -54.94 -15.37 13.93
C GLY A 83 -54.13 -14.16 14.34
N ALA A 84 -53.13 -14.36 15.21
CA ALA A 84 -52.33 -13.25 15.69
C ALA A 84 -50.85 -13.60 15.80
N LEU A 85 -50.00 -12.59 15.63
CA LEU A 85 -48.56 -12.77 15.83
C LEU A 85 -48.01 -11.78 16.84
N LEU A 86 -46.99 -12.23 17.58
CA LEU A 86 -46.28 -11.37 18.51
C LEU A 86 -45.00 -10.86 17.84
N GLN A 87 -44.84 -9.54 17.82
CA GLN A 87 -43.69 -8.91 17.22
C GLN A 87 -42.41 -9.05 18.04
N ARG A 88 -41.27 -9.08 17.36
CA ARG A 88 -39.98 -8.94 18.03
C ARG A 88 -39.95 -7.57 18.69
N GLN A 89 -39.45 -7.52 19.93
CA GLN A 89 -39.48 -6.26 20.65
C GLN A 89 -38.29 -5.35 20.34
N THR A 90 -38.50 -4.07 20.57
CA THR A 90 -37.49 -3.05 20.37
C THR A 90 -37.25 -2.37 21.71
N GLU A 91 -36.00 -2.02 22.00
CA GLU A 91 -35.75 -1.30 23.24
C GLU A 91 -35.59 0.18 22.93
N VAL A 92 -36.50 0.97 23.49
CA VAL A 92 -36.41 2.41 23.34
C VAL A 92 -35.60 2.98 24.48
N GLN A 93 -34.50 3.65 24.15
CA GLN A 93 -33.64 4.23 25.16
C GLN A 93 -33.66 5.75 25.04
N VAL A 94 -33.96 6.41 26.14
CA VAL A 94 -34.08 7.85 26.15
C VAL A 94 -32.75 8.51 26.49
N ALA A 95 -32.22 9.28 25.54
CA ALA A 95 -30.98 10.02 25.77
C ALA A 95 -31.19 11.19 26.72
N TYR A 96 -30.22 11.43 27.59
CA TYR A 96 -30.31 12.48 28.60
C TYR A 96 -28.95 12.70 29.23
N MET A 97 -28.77 13.86 29.87
CA MET A 97 -27.63 14.05 30.78
C MET A 97 -27.88 15.05 31.90
N GLY A 98 -27.52 14.65 33.11
CA GLY A 98 -27.63 15.51 34.28
C GLY A 98 -26.37 16.35 34.49
N SER A 99 -25.93 16.44 35.73
CA SER A 99 -24.76 17.23 36.08
C SER A 99 -23.87 16.49 37.09
N PHE A 100 -22.61 16.90 37.18
CA PHE A 100 -21.66 16.25 38.09
C PHE A 100 -22.02 16.56 39.54
N GLU A 101 -22.30 15.53 40.32
CA GLU A 101 -22.78 15.72 41.69
C GLU A 101 -21.84 15.28 42.81
N GLU A 102 -20.76 14.57 42.49
CA GLU A 102 -19.90 14.02 43.52
C GLU A 102 -19.16 15.04 44.38
N GLY A 103 -18.68 16.11 43.75
CA GLY A 103 -17.96 17.15 44.45
C GLY A 103 -16.47 16.87 44.33
N GLU A 104 -15.63 17.82 44.77
CA GLU A 104 -14.18 17.63 44.67
C GLU A 104 -13.67 16.47 45.53
N LYS A 105 -12.56 15.89 45.09
CA LYS A 105 -11.91 14.79 45.78
C LYS A 105 -10.43 15.05 45.93
N ARG A 106 -9.83 14.46 46.95
CA ARG A 106 -8.39 14.58 47.16
C ARG A 106 -7.78 13.19 47.15
N GLN A 107 -6.65 13.07 46.47
CA GLN A 107 -6.05 11.78 46.20
C GLN A 107 -4.53 11.84 46.35
N SER A 108 -3.92 10.74 46.77
CA SER A 108 -2.47 10.71 46.93
C SER A 108 -1.81 9.56 46.19
N VAL A 109 -0.55 9.78 45.84
CA VAL A 109 0.27 8.78 45.18
C VAL A 109 1.74 9.01 45.58
N ASN A 110 2.48 7.92 45.78
CA ASN A 110 3.90 8.01 46.08
C ASN A 110 4.77 8.18 44.84
N HIS A 111 5.84 8.97 44.99
CA HIS A 111 6.81 9.21 43.93
C HIS A 111 7.18 7.92 43.23
N GLY A 112 7.10 7.94 41.90
CA GLY A 112 7.41 6.76 41.11
C GLY A 112 6.26 5.77 40.95
N GLU A 113 5.22 5.89 41.78
CA GLU A 113 4.05 5.02 41.62
C GLU A 113 3.07 5.68 40.67
N ALA A 114 2.03 4.95 40.30
CA ALA A 114 1.05 5.50 39.39
C ALA A 114 -0.24 5.90 40.09
N ALA A 115 -0.72 7.08 39.74
CA ALA A 115 -1.95 7.60 40.28
C ALA A 115 -3.10 7.12 39.40
N VAL A 116 -4.09 6.49 40.02
CA VAL A 116 -5.23 6.01 39.29
C VAL A 116 -6.43 6.84 39.70
N ILE A 117 -6.86 7.70 38.79
CA ILE A 117 -7.97 8.61 39.04
C ILE A 117 -9.18 8.20 38.21
N ARG A 118 -10.17 7.59 38.86
CA ARG A 118 -11.40 7.23 38.19
C ARG A 118 -12.08 8.51 37.71
N ALA A 119 -12.74 8.44 36.56
CA ALA A 119 -13.47 9.59 36.06
C ALA A 119 -14.70 9.82 36.91
N PRO A 120 -14.99 11.10 37.24
CA PRO A 120 -16.20 11.50 37.95
C PRO A 120 -17.48 10.97 37.30
N ARG A 121 -18.37 10.39 38.10
CA ARG A 121 -19.63 9.85 37.60
C ARG A 121 -20.65 10.95 37.31
N ILE A 122 -21.35 10.81 36.19
CA ILE A 122 -22.45 11.69 35.83
C ILE A 122 -23.61 10.86 35.26
N SER A 123 -24.84 11.17 35.67
CA SER A 123 -25.99 10.45 35.13
C SER A 123 -26.17 10.80 33.67
N SER A 124 -26.22 9.79 32.80
CA SER A 124 -26.28 10.01 31.36
C SER A 124 -26.59 8.77 30.55
N PHE A 125 -27.35 8.94 29.48
CA PHE A 125 -27.40 7.94 28.41
C PHE A 125 -27.38 8.62 27.05
N PRO A 126 -26.55 8.11 26.13
CA PRO A 126 -25.55 7.06 26.33
C PRO A 126 -24.39 7.54 27.18
N ARG A 127 -23.42 6.67 27.44
CA ARG A 127 -22.25 7.07 28.21
C ARG A 127 -21.54 8.15 27.42
N PRO A 128 -21.16 9.24 28.10
CA PRO A 128 -20.63 10.43 27.41
C PRO A 128 -19.20 10.27 26.92
N GLN A 129 -18.81 11.16 26.01
CA GLN A 129 -17.42 11.29 25.61
C GLN A 129 -16.70 12.07 26.70
N VAL A 130 -15.65 11.50 27.26
CA VAL A 130 -14.98 12.12 28.40
C VAL A 130 -13.58 12.60 28.01
N THR A 131 -13.29 13.86 28.31
CA THR A 131 -11.97 14.43 28.08
C THR A 131 -11.33 14.88 29.39
N TRP A 132 -10.07 14.54 29.60
CA TRP A 132 -9.40 14.96 30.82
C TRP A 132 -8.71 16.29 30.64
N PHE A 133 -8.79 17.11 31.68
CA PHE A 133 -8.16 18.42 31.66
C PHE A 133 -7.32 18.68 32.90
N ARG A 134 -6.31 19.51 32.72
CA ARG A 134 -5.59 20.09 33.83
C ARG A 134 -5.15 21.49 33.42
N ASP A 135 -5.55 22.48 34.22
CA ASP A 135 -5.18 23.87 33.97
C ASP A 135 -5.66 24.34 32.59
N GLY A 136 -6.85 23.89 32.20
CA GLY A 136 -7.46 24.29 30.94
C GLY A 136 -6.85 23.65 29.70
N ARG A 137 -5.86 22.80 29.88
CA ARG A 137 -5.24 22.11 28.74
C ARG A 137 -5.67 20.65 28.72
N LYS A 138 -5.98 20.14 27.54
CA LYS A 138 -6.44 18.76 27.40
C LYS A 138 -5.31 17.78 27.69
N ILE A 139 -5.63 16.69 28.36
CA ILE A 139 -4.65 15.65 28.69
C ILE A 139 -4.84 14.41 27.81
N PRO A 140 -4.03 14.30 26.75
CA PRO A 140 -4.10 13.15 25.85
C PRO A 140 -3.21 12.00 26.31
N PRO A 141 -3.48 10.79 25.84
CA PRO A 141 -2.60 9.67 26.15
C PRO A 141 -1.18 9.90 25.64
N SER A 142 -0.19 9.41 26.38
CA SER A 142 1.21 9.59 26.03
C SER A 142 2.00 8.43 26.61
N SER A 143 3.32 8.48 26.50
CA SER A 143 4.18 7.43 27.02
C SER A 143 3.94 7.21 28.51
N ARG A 144 3.62 8.29 29.22
CA ARG A 144 3.43 8.21 30.67
C ARG A 144 2.01 8.52 31.17
N ILE A 145 1.09 8.79 30.26
CA ILE A 145 -0.31 9.02 30.64
C ILE A 145 -1.24 8.09 29.89
N ALA A 146 -1.95 7.24 30.62
CA ALA A 146 -2.91 6.33 30.00
C ALA A 146 -4.34 6.76 30.29
N ILE A 147 -5.24 6.50 29.35
CA ILE A 147 -6.66 6.67 29.58
C ILE A 147 -7.35 5.37 29.23
N THR A 148 -8.03 4.78 30.21
CA THR A 148 -8.58 3.45 30.05
C THR A 148 -9.91 3.49 29.32
N LEU A 149 -10.39 2.30 28.93
CA LEU A 149 -11.66 2.14 28.24
C LEU A 149 -12.81 2.69 29.07
N GLU A 150 -12.57 2.85 30.36
CA GLU A 150 -13.55 3.39 31.31
C GLU A 150 -13.29 4.85 31.66
N ASN A 151 -12.46 5.51 30.85
CA ASN A 151 -12.13 6.92 31.04
C ASN A 151 -11.36 7.18 32.34
N THR A 152 -10.73 6.14 32.88
CA THR A 152 -9.85 6.30 34.03
C THR A 152 -8.51 6.87 33.63
N LEU A 153 -8.09 7.94 34.32
CA LEU A 153 -6.79 8.53 34.10
C LEU A 153 -5.71 7.80 34.90
N VAL A 154 -4.65 7.38 34.23
CA VAL A 154 -3.54 6.73 34.92
C VAL A 154 -2.26 7.47 34.62
N ILE A 155 -1.70 8.12 35.65
CA ILE A 155 -0.44 8.82 35.49
C ILE A 155 0.70 7.92 35.95
N LEU A 156 1.52 7.49 34.99
CA LEU A 156 2.60 6.55 35.26
C LEU A 156 3.84 7.24 35.80
N SER A 157 4.56 6.53 36.67
CA SER A 157 5.78 7.02 37.30
C SER A 157 5.68 8.48 37.67
N THR A 158 4.80 8.78 38.62
CA THR A 158 4.47 10.15 38.97
C THR A 158 5.68 10.91 39.49
N VAL A 159 5.70 12.20 39.19
CA VAL A 159 6.75 13.09 39.68
C VAL A 159 6.09 14.31 40.31
N ALA A 160 6.88 15.21 40.87
CA ALA A 160 6.33 16.36 41.60
C ALA A 160 5.39 17.24 40.76
N PRO A 161 5.79 17.61 39.52
CA PRO A 161 4.87 18.44 38.72
C PRO A 161 3.53 17.78 38.38
N ASP A 162 3.42 16.46 38.50
CA ASP A 162 2.15 15.79 38.23
C ASP A 162 1.12 16.01 39.32
N ALA A 163 1.15 17.17 39.95
CA ALA A 163 0.27 17.43 41.09
C ALA A 163 -0.45 18.75 40.91
N GLY A 164 -1.76 18.71 41.08
CA GLY A 164 -2.62 19.86 40.86
C GLY A 164 -4.03 19.34 40.72
N ARG A 165 -4.90 20.11 40.08
CA ARG A 165 -6.29 19.73 39.99
C ARG A 165 -6.64 19.15 38.62
N TYR A 166 -7.23 17.96 38.64
CA TYR A 166 -7.65 17.27 37.44
C TYR A 166 -9.16 17.18 37.40
N TYR A 167 -9.74 17.49 36.25
CA TYR A 167 -11.19 17.45 36.08
C TYR A 167 -11.53 16.96 34.69
N VAL A 168 -12.80 16.65 34.46
CA VAL A 168 -13.20 16.15 33.15
C VAL A 168 -14.26 17.01 32.49
N GLN A 169 -14.35 16.85 31.17
CA GLN A 169 -15.44 17.41 30.40
C GLN A 169 -16.23 16.24 29.81
N ALA A 170 -17.54 16.22 30.04
CA ALA A 170 -18.38 15.17 29.49
C ALA A 170 -19.29 15.73 28.40
N VAL A 171 -19.29 15.09 27.24
CA VAL A 171 -20.17 15.51 26.16
C VAL A 171 -21.06 14.35 25.74
N ASN A 172 -22.36 14.59 25.75
CA ASN A 172 -23.34 13.60 25.29
C ASN A 172 -23.57 13.77 23.79
N ASP A 173 -23.10 12.79 23.02
CA ASP A 173 -23.12 12.90 21.57
C ASP A 173 -24.53 12.84 20.96
N LYS A 174 -25.51 12.41 21.75
CA LYS A 174 -26.88 12.37 21.25
C LYS A 174 -27.65 13.69 21.43
N ASN A 175 -27.46 14.37 22.56
CA ASN A 175 -28.15 15.64 22.78
C ASN A 175 -27.24 16.87 22.90
N GLY A 176 -25.93 16.66 22.72
CA GLY A 176 -25.00 17.78 22.65
C GLY A 176 -24.61 18.41 23.97
N ASP A 177 -25.19 17.92 25.07
CA ASP A 177 -24.88 18.43 26.41
C ASP A 177 -23.38 18.38 26.71
N ASN A 178 -22.92 19.37 27.48
CA ASN A 178 -21.50 19.60 27.77
C ASN A 178 -21.33 20.09 29.20
N LYS A 179 -20.89 19.20 30.09
CA LYS A 179 -20.73 19.55 31.51
C LYS A 179 -19.30 19.30 32.00
N THR A 180 -18.90 20.06 33.02
CA THR A 180 -17.54 19.94 33.57
C THR A 180 -17.61 19.54 35.03
N SER A 181 -16.83 18.53 35.41
CA SER A 181 -16.85 17.99 36.77
C SER A 181 -16.12 18.83 37.81
N GLN A 182 -16.26 18.42 39.07
CA GLN A 182 -15.50 19.00 40.16
C GLN A 182 -14.13 18.34 40.15
N PRO A 183 -13.09 19.09 40.54
CA PRO A 183 -11.72 18.60 40.40
C PRO A 183 -11.37 17.41 41.30
N ILE A 184 -10.44 16.59 40.86
CA ILE A 184 -9.79 15.63 41.74
C ILE A 184 -8.41 16.22 42.00
N THR A 185 -8.07 16.45 43.26
CA THR A 185 -6.79 17.05 43.57
C THR A 185 -5.79 15.95 43.85
N LEU A 186 -4.67 15.99 43.15
CA LEU A 186 -3.67 14.93 43.27
C LEU A 186 -2.44 15.44 44.00
N ALA A 187 -1.99 14.69 44.98
CA ALA A 187 -0.76 15.02 45.67
C ALA A 187 0.28 13.94 45.42
N VAL A 188 1.50 14.36 45.09
CA VAL A 188 2.59 13.43 44.89
C VAL A 188 3.49 13.53 46.10
N GLU A 189 3.69 12.42 46.81
CA GLU A 189 4.38 12.46 48.08
C GLU A 189 5.71 11.73 48.08
N ASN A 190 6.56 12.09 49.05
CA ASN A 190 7.93 11.58 49.15
C ASN A 190 8.71 11.97 47.89
N VAL A 191 8.36 13.14 47.37
CA VAL A 191 9.01 13.78 46.23
C VAL A 191 10.51 13.93 46.42
N GLY A 192 11.25 13.73 45.33
CA GLY A 192 12.64 14.17 45.25
C GLY A 192 13.72 13.32 45.90
N GLY A 193 13.48 12.03 46.04
CA GLY A 193 14.55 11.14 46.44
C GLY A 193 15.41 10.83 45.23
N PRO A 194 16.23 9.79 45.31
CA PRO A 194 16.87 9.19 44.14
C PRO A 194 15.84 8.48 43.26
N ALA A 195 15.91 8.67 41.95
CA ALA A 195 14.95 8.05 41.04
C ALA A 195 15.31 6.59 40.79
N ASP A 196 15.27 5.79 41.86
CA ASP A 196 15.62 4.37 41.79
C ASP A 196 14.64 3.62 40.89
N PRO A 197 15.06 2.48 40.34
CA PRO A 197 14.13 1.78 39.45
C PRO A 197 13.02 1.10 40.24
N ILE A 198 11.86 1.04 39.62
CA ILE A 198 10.69 0.40 40.21
C ILE A 198 10.25 -0.75 39.33
N ALA A 199 10.10 -1.93 39.92
CA ALA A 199 9.79 -3.12 39.14
C ALA A 199 8.44 -2.97 38.43
N PRO A 200 8.30 -3.63 37.26
CA PRO A 200 7.08 -3.51 36.47
C PRO A 200 5.85 -4.11 37.15
N THR A 201 4.77 -3.34 37.22
CA THR A 201 3.51 -3.83 37.76
C THR A 201 2.35 -3.49 36.83
N ILE A 202 1.34 -4.37 36.81
CA ILE A 202 0.16 -4.12 35.99
C ILE A 202 -0.93 -3.48 36.82
N ILE A 203 -1.19 -2.22 36.53
CA ILE A 203 -2.18 -1.40 37.22
C ILE A 203 -3.60 -1.60 36.71
N ILE A 204 -3.75 -1.65 35.41
CA ILE A 204 -5.06 -1.91 34.82
C ILE A 204 -4.97 -3.22 34.07
N PRO A 205 -5.38 -4.31 34.70
CA PRO A 205 -5.27 -5.63 34.08
C PRO A 205 -6.41 -5.90 33.11
N PRO A 206 -6.21 -6.83 32.18
CA PRO A 206 -7.27 -7.26 31.26
C PRO A 206 -8.53 -7.68 32.01
N LYS A 207 -9.68 -7.28 31.50
CA LYS A 207 -10.96 -7.65 32.09
C LYS A 207 -11.56 -8.80 31.31
N ASN A 208 -12.22 -9.72 32.00
CA ASN A 208 -13.05 -10.69 31.30
C ASN A 208 -14.04 -9.90 30.46
N THR A 209 -14.11 -10.20 29.16
CA THR A 209 -14.90 -9.36 28.27
C THR A 209 -15.87 -10.17 27.42
N SER A 210 -17.08 -9.65 27.26
CA SER A 210 -18.07 -10.27 26.39
C SER A 210 -18.42 -9.36 25.23
N VAL A 211 -18.73 -9.97 24.10
CA VAL A 211 -19.09 -9.23 22.89
C VAL A 211 -20.02 -10.09 22.06
N VAL A 212 -21.03 -9.46 21.47
CA VAL A 212 -21.95 -10.18 20.60
C VAL A 212 -21.46 -10.16 19.17
N ALA A 213 -21.36 -11.33 18.56
CA ALA A 213 -20.92 -11.45 17.17
C ALA A 213 -21.73 -10.50 16.30
N GLY A 214 -21.03 -9.75 15.47
CA GLY A 214 -21.67 -8.73 14.65
C GLY A 214 -21.18 -7.36 15.07
N THR A 215 -20.62 -7.29 16.26
CA THR A 215 -19.99 -6.07 16.76
C THR A 215 -18.73 -5.83 15.96
N SER A 216 -18.47 -4.57 15.60
CA SER A 216 -17.36 -4.26 14.70
C SER A 216 -16.00 -4.54 15.33
N GLU A 217 -15.91 -4.46 16.65
CA GLU A 217 -14.62 -4.53 17.32
C GLU A 217 -14.75 -4.88 18.81
N VAL A 218 -13.72 -5.53 19.36
CA VAL A 218 -13.63 -5.73 20.81
C VAL A 218 -12.19 -5.48 21.23
N THR A 219 -12.01 -4.86 22.39
CA THR A 219 -10.67 -4.46 22.83
C THR A 219 -10.33 -4.97 24.23
N MET A 220 -9.14 -5.53 24.36
CA MET A 220 -8.60 -5.83 25.69
C MET A 220 -7.62 -4.71 26.05
N GLU A 221 -7.47 -4.45 27.34
CA GLU A 221 -6.64 -3.33 27.78
C GLU A 221 -5.74 -3.72 28.94
N CYS A 222 -4.52 -3.20 28.92
CA CYS A 222 -3.54 -3.52 29.96
C CYS A 222 -2.59 -2.34 30.17
N VAL A 223 -2.72 -1.65 31.31
CA VAL A 223 -1.85 -0.53 31.62
C VAL A 223 -0.82 -0.92 32.67
N ALA A 224 0.45 -0.66 32.41
CA ALA A 224 1.52 -1.08 33.28
C ALA A 224 2.39 0.08 33.76
N ASN A 225 3.04 -0.09 34.91
CA ASN A 225 3.94 0.91 35.45
C ASN A 225 5.32 0.37 35.73
N ALA A 226 6.32 1.21 35.49
CA ALA A 226 7.69 0.90 35.83
C ALA A 226 8.52 2.17 35.83
N ARG A 227 9.69 2.11 36.45
CA ARG A 227 10.66 3.19 36.40
C ARG A 227 12.02 2.54 36.14
N PRO A 228 12.72 2.97 35.08
CA PRO A 228 12.36 4.00 34.10
C PRO A 228 11.40 3.53 33.01
N LEU A 229 10.41 4.37 32.73
CA LEU A 229 9.34 4.06 31.77
C LEU A 229 9.81 3.68 30.36
N ILE A 230 10.89 4.30 29.92
CA ILE A 230 11.37 4.11 28.55
C ILE A 230 11.79 2.66 28.32
N LYS A 231 12.18 1.98 29.39
CA LYS A 231 12.54 0.57 29.30
C LYS A 231 11.33 -0.36 29.43
N LEU A 232 10.17 0.19 29.76
CA LEU A 232 8.98 -0.65 29.95
C LEU A 232 8.39 -1.10 28.61
N HIS A 233 8.12 -2.40 28.50
CA HIS A 233 7.64 -2.99 27.26
C HIS A 233 6.44 -3.91 27.52
N ILE A 234 5.32 -3.69 26.83
CA ILE A 234 4.15 -4.56 26.96
C ILE A 234 4.03 -5.57 25.82
N VAL A 235 3.92 -6.86 26.16
CA VAL A 235 3.72 -7.90 25.17
C VAL A 235 2.40 -8.61 25.39
N TRP A 236 1.59 -8.72 24.34
CA TRP A 236 0.33 -9.44 24.38
C TRP A 236 0.49 -10.88 23.89
N LYS A 237 -0.17 -11.82 24.56
CA LYS A 237 -0.11 -13.20 24.12
C LYS A 237 -1.49 -13.84 24.03
N LYS A 238 -1.70 -14.57 22.95
CA LYS A 238 -2.83 -15.47 22.77
C LYS A 238 -2.25 -16.88 22.68
N ASP A 239 -2.77 -17.79 23.49
CA ASP A 239 -2.28 -19.17 23.53
C ASP A 239 -0.76 -19.27 23.64
N GLY A 240 -0.17 -18.42 24.48
CA GLY A 240 1.26 -18.47 24.77
C GLY A 240 2.19 -17.83 23.76
N ALA A 241 1.71 -17.60 22.54
CA ALA A 241 2.51 -16.96 21.50
C ALA A 241 2.20 -15.48 21.36
N PRO A 242 3.24 -14.63 21.30
CA PRO A 242 3.06 -13.18 21.20
C PRO A 242 2.31 -12.76 19.92
N LEU A 243 1.48 -11.73 20.06
CA LEU A 243 0.71 -11.19 18.95
C LEU A 243 1.47 -10.04 18.29
N SER A 244 1.61 -10.08 16.97
CA SER A 244 2.38 -9.05 16.27
C SER A 244 1.47 -8.06 15.55
N SER A 245 0.17 -8.19 15.74
CA SER A 245 -0.77 -7.26 15.13
C SER A 245 -1.95 -6.94 16.05
N GLY A 246 -2.63 -5.84 15.76
CA GLY A 246 -3.84 -5.47 16.48
C GLY A 246 -3.58 -4.67 17.74
N ILE A 247 -2.33 -4.24 17.92
CA ILE A 247 -1.94 -3.56 19.14
C ILE A 247 -1.75 -2.07 18.89
N SER A 248 -2.23 -1.26 19.82
CA SER A 248 -2.21 0.19 19.67
C SER A 248 -2.14 0.85 21.03
N ASP A 249 -2.05 2.18 21.04
CA ASP A 249 -2.15 2.97 22.26
C ASP A 249 -1.02 2.63 23.24
N TYR A 250 0.22 2.78 22.79
CA TYR A 250 1.40 2.50 23.60
C TYR A 250 1.38 1.08 24.18
N ASN A 251 0.97 0.13 23.35
CA ASN A 251 0.90 -1.29 23.71
C ASN A 251 -0.13 -1.62 24.78
N ARG A 252 -0.95 -0.64 25.16
CA ARG A 252 -1.86 -0.83 26.27
C ARG A 252 -3.17 -1.44 25.79
N ARG A 253 -3.33 -1.56 24.47
CA ARG A 253 -4.57 -2.08 23.91
C ARG A 253 -4.38 -3.17 22.86
N LEU A 254 -5.27 -4.16 22.89
CA LEU A 254 -5.38 -5.19 21.86
C LEU A 254 -6.75 -5.14 21.20
N THR A 255 -6.79 -4.97 19.89
CA THR A 255 -8.06 -4.88 19.17
C THR A 255 -8.27 -6.10 18.29
N ILE A 256 -9.44 -6.71 18.46
CA ILE A 256 -9.85 -7.84 17.62
C ILE A 256 -11.01 -7.40 16.75
N ALA A 257 -10.76 -7.34 15.44
CA ALA A 257 -11.76 -6.85 14.50
C ALA A 257 -12.81 -7.90 14.18
N ASN A 258 -14.07 -7.49 14.17
CA ASN A 258 -15.20 -8.35 13.84
C ASN A 258 -15.10 -9.73 14.50
N PRO A 259 -15.07 -9.78 15.84
CA PRO A 259 -14.83 -11.05 16.53
C PRO A 259 -15.92 -12.10 16.32
N THR A 260 -15.50 -13.36 16.29
CA THR A 260 -16.38 -14.52 16.26
C THR A 260 -15.88 -15.49 17.33
N VAL A 261 -16.51 -16.66 17.45
CA VAL A 261 -16.10 -17.60 18.49
C VAL A 261 -14.65 -18.05 18.31
N SER A 262 -14.17 -17.99 17.08
CA SER A 262 -12.79 -18.36 16.79
C SER A 262 -11.80 -17.52 17.57
N ASP A 263 -12.22 -16.32 17.96
CA ASP A 263 -11.32 -15.37 18.62
C ASP A 263 -11.46 -15.44 20.15
N ALA A 264 -12.43 -16.21 20.62
CA ALA A 264 -12.62 -16.40 22.05
C ALA A 264 -11.45 -17.22 22.63
N GLY A 265 -11.13 -16.99 23.89
CA GLY A 265 -10.01 -17.67 24.51
C GLY A 265 -9.30 -16.80 25.53
N TYR A 266 -8.15 -17.26 26.01
CA TYR A 266 -7.43 -16.53 27.03
C TYR A 266 -6.37 -15.63 26.43
N TYR A 267 -6.50 -14.34 26.69
CA TYR A 267 -5.55 -13.34 26.21
C TYR A 267 -4.79 -12.81 27.42
N GLU A 268 -3.47 -12.77 27.35
CA GLU A 268 -2.70 -12.32 28.50
C GLU A 268 -1.76 -11.16 28.18
N CYS A 269 -1.46 -10.38 29.22
CA CYS A 269 -0.61 -9.20 29.10
C CYS A 269 0.66 -9.38 29.91
N GLU A 270 1.81 -9.17 29.29
CA GLU A 270 3.07 -9.27 30.01
C GLU A 270 3.81 -7.94 30.03
N ALA A 271 4.03 -7.43 31.23
CA ALA A 271 4.80 -6.21 31.42
C ALA A 271 6.22 -6.59 31.79
N MET A 272 7.19 -5.97 31.12
CA MET A 272 8.59 -6.31 31.32
C MET A 272 9.51 -5.12 31.03
N LEU A 273 10.72 -5.18 31.59
CA LEU A 273 11.71 -4.12 31.38
C LEU A 273 12.85 -4.56 30.47
N ARG A 274 13.12 -3.78 29.44
CA ARG A 274 14.24 -4.04 28.55
C ARG A 274 15.56 -3.72 29.25
N SER A 275 16.59 -4.49 28.91
CA SER A 275 17.93 -4.27 29.45
C SER A 275 17.91 -4.32 30.97
N SER A 276 17.13 -5.23 31.52
CA SER A 276 16.98 -5.32 32.97
C SER A 276 16.89 -6.77 33.43
N SER A 277 17.22 -6.98 34.70
CA SER A 277 17.19 -8.31 35.29
C SER A 277 15.89 -8.60 36.01
N VAL A 278 15.05 -7.57 36.16
CA VAL A 278 13.80 -7.71 36.88
C VAL A 278 12.85 -8.69 36.20
N ALA A 279 12.07 -9.39 37.00
CA ALA A 279 11.12 -10.38 36.49
C ALA A 279 9.93 -9.68 35.86
N PRO A 280 9.43 -10.22 34.74
CA PRO A 280 8.21 -9.68 34.14
C PRO A 280 6.96 -10.14 34.86
N VAL A 281 5.88 -9.36 34.81
CA VAL A 281 4.62 -9.73 35.44
C VAL A 281 3.55 -9.94 34.37
N THR A 282 2.75 -10.98 34.51
CA THR A 282 1.71 -11.29 33.54
C THR A 282 0.32 -11.36 34.15
N ARG A 283 -0.64 -10.73 33.47
CA ARG A 283 -2.05 -10.82 33.83
C ARG A 283 -2.88 -11.07 32.57
N GLY A 284 -3.94 -11.86 32.70
CA GLY A 284 -4.76 -12.20 31.55
C GLY A 284 -6.24 -12.32 31.85
N ALA A 285 -7.04 -12.43 30.79
CA ALA A 285 -8.49 -12.54 30.92
C ALA A 285 -9.10 -13.34 29.78
N TYR A 286 -10.38 -13.66 29.90
CA TYR A 286 -11.10 -14.42 28.89
C TYR A 286 -12.01 -13.56 28.04
N LEU A 287 -11.85 -13.67 26.73
CA LEU A 287 -12.80 -13.07 25.80
C LEU A 287 -13.89 -14.06 25.47
N SER A 288 -15.12 -13.72 25.80
CA SER A 288 -16.27 -14.57 25.47
C SER A 288 -17.08 -13.93 24.35
N VAL A 289 -17.36 -14.69 23.30
CA VAL A 289 -18.16 -14.18 22.19
C VAL A 289 -19.53 -14.86 22.16
N LEU A 290 -20.58 -14.04 22.23
CA LEU A 290 -21.94 -14.53 22.17
C LEU A 290 -22.50 -14.45 20.74
N GLU A 291 -23.34 -15.42 20.38
CA GLU A 291 -24.03 -15.38 19.10
C GLU A 291 -25.54 -15.42 19.28
N PRO A 292 -26.24 -14.42 18.71
CA PRO A 292 -27.70 -14.35 18.81
C PRO A 292 -28.33 -15.54 18.08
N PRO A 293 -29.59 -15.86 18.40
CA PRO A 293 -30.21 -17.05 17.84
C PRO A 293 -30.38 -16.98 16.33
N GLN A 294 -29.99 -18.05 15.64
CA GLN A 294 -30.28 -18.21 14.22
C GLN A 294 -31.05 -19.50 14.02
N PHE A 295 -32.13 -19.46 13.26
CA PHE A 295 -32.88 -20.67 13.00
C PHE A 295 -32.13 -21.61 12.09
N VAL A 296 -32.18 -22.89 12.42
CA VAL A 296 -31.58 -23.93 11.61
C VAL A 296 -32.68 -24.55 10.77
N ARG A 297 -33.83 -24.78 11.39
CA ARG A 297 -35.02 -25.24 10.71
C ARG A 297 -36.24 -24.43 11.13
N GLU A 298 -36.97 -23.92 10.14
CA GLU A 298 -38.18 -23.18 10.41
C GLU A 298 -39.36 -23.98 9.85
N PRO A 299 -40.54 -23.87 10.47
CA PRO A 299 -41.67 -24.63 9.93
C PRO A 299 -42.15 -24.09 8.60
N GLU A 300 -42.78 -24.96 7.82
CA GLU A 300 -43.57 -24.54 6.67
C GLU A 300 -44.56 -23.49 7.17
N ARG A 301 -44.83 -22.47 6.37
CA ARG A 301 -45.73 -21.41 6.78
C ARG A 301 -47.16 -21.92 6.99
N HIS A 302 -47.49 -23.05 6.38
CA HIS A 302 -48.77 -23.71 6.54
C HIS A 302 -48.62 -25.17 7.02
N ILE A 303 -49.30 -25.53 8.09
CA ILE A 303 -49.35 -26.94 8.50
C ILE A 303 -50.79 -27.42 8.67
N THR A 304 -51.11 -28.52 7.99
CA THR A 304 -52.44 -29.11 8.05
C THR A 304 -52.39 -30.49 8.68
N ALA A 305 -53.26 -30.70 9.67
CA ALA A 305 -53.31 -31.97 10.40
C ALA A 305 -54.76 -32.34 10.67
N GLU A 306 -55.03 -33.63 10.70
CA GLU A 306 -56.39 -34.12 10.90
C GLU A 306 -56.80 -34.05 12.37
N MET A 307 -58.09 -33.81 12.59
CA MET A 307 -58.63 -33.69 13.95
C MET A 307 -58.35 -34.95 14.77
N GLU A 308 -58.03 -34.75 16.04
CA GLU A 308 -57.78 -35.83 17.00
C GLU A 308 -56.45 -36.56 16.76
N LYS A 309 -55.76 -36.18 15.69
CA LYS A 309 -54.46 -36.78 15.39
C LYS A 309 -53.34 -35.99 16.08
N VAL A 310 -52.10 -36.35 15.79
CA VAL A 310 -50.96 -35.68 16.42
C VAL A 310 -50.13 -34.97 15.36
N VAL A 311 -49.66 -33.76 15.68
CA VAL A 311 -48.82 -33.00 14.76
C VAL A 311 -47.61 -32.41 15.50
N ASP A 312 -46.45 -32.46 14.84
CA ASP A 312 -45.25 -31.81 15.34
C ASP A 312 -44.87 -30.62 14.49
N ILE A 313 -44.54 -29.52 15.16
CA ILE A 313 -44.16 -28.29 14.48
C ILE A 313 -42.73 -27.95 14.83
N PRO A 314 -41.83 -28.04 13.83
CA PRO A 314 -40.40 -27.91 14.05
C PRO A 314 -40.01 -26.48 14.39
N CYS A 315 -39.03 -26.35 15.26
CA CYS A 315 -38.40 -25.07 15.54
C CYS A 315 -37.03 -25.34 16.13
N ARG A 316 -36.01 -25.13 15.30
CA ARG A 316 -34.64 -25.41 15.71
C ARG A 316 -33.77 -24.18 15.48
N ALA A 317 -33.09 -23.75 16.54
CA ALA A 317 -32.25 -22.57 16.47
C ALA A 317 -30.90 -22.84 17.12
N LYS A 318 -29.87 -22.14 16.64
CA LYS A 318 -28.55 -22.23 17.22
C LYS A 318 -28.17 -20.88 17.81
N GLY A 319 -27.29 -20.88 18.80
CA GLY A 319 -26.82 -19.65 19.41
C GLY A 319 -25.84 -19.93 20.55
N VAL A 320 -25.10 -18.90 20.94
CA VAL A 320 -24.24 -18.98 22.11
C VAL A 320 -24.58 -17.87 23.10
N PRO A 321 -25.08 -18.23 24.30
CA PRO A 321 -25.37 -19.58 24.80
C PRO A 321 -26.54 -20.21 24.06
N PRO A 322 -26.69 -21.55 24.16
CA PRO A 322 -27.82 -22.19 23.47
C PRO A 322 -29.13 -21.54 23.87
N PRO A 323 -29.91 -21.07 22.88
CA PRO A 323 -31.12 -20.27 23.09
C PRO A 323 -32.26 -21.09 23.68
N SER A 324 -33.10 -20.44 24.49
CA SER A 324 -34.31 -21.06 25.00
C SER A 324 -35.43 -20.87 23.98
N ILE A 325 -36.38 -21.81 23.96
CA ILE A 325 -37.42 -21.78 22.94
C ILE A 325 -38.81 -21.68 23.55
N THR A 326 -39.58 -20.70 23.08
CA THR A 326 -40.91 -20.40 23.61
C THR A 326 -41.99 -20.35 22.52
N TRP A 327 -43.12 -21.00 22.81
CA TRP A 327 -44.20 -21.10 21.83
C TRP A 327 -45.38 -20.19 22.13
N TYR A 328 -45.93 -19.58 21.08
CA TYR A 328 -47.14 -18.77 21.21
C TYR A 328 -48.25 -19.27 20.29
N LYS A 329 -49.47 -19.23 20.81
CA LYS A 329 -50.66 -19.49 19.99
C LYS A 329 -51.45 -18.19 19.92
N ASP A 330 -51.51 -17.61 18.72
CA ASP A 330 -52.12 -16.30 18.51
C ASP A 330 -51.68 -15.29 19.58
N ALA A 331 -50.37 -15.12 19.68
CA ALA A 331 -49.75 -14.14 20.59
C ALA A 331 -49.95 -14.43 22.08
N ALA A 332 -50.47 -15.61 22.40
CA ALA A 332 -50.65 -15.99 23.80
C ALA A 332 -49.65 -17.09 24.17
N LEU A 333 -49.01 -16.95 25.33
CA LEU A 333 -48.07 -17.96 25.80
C LEU A 333 -48.74 -19.32 25.89
N VAL A 334 -48.12 -20.32 25.27
CA VAL A 334 -48.62 -21.68 25.34
C VAL A 334 -48.18 -22.32 26.65
N GLU A 335 -49.15 -22.86 27.40
CA GLU A 335 -48.84 -23.54 28.65
C GLU A 335 -48.56 -25.01 28.33
N VAL A 336 -47.33 -25.43 28.60
CA VAL A 336 -46.84 -26.74 28.14
C VAL A 336 -46.67 -27.72 29.30
N GLY A 337 -47.24 -27.39 30.45
CA GLY A 337 -47.24 -28.29 31.59
C GLY A 337 -47.95 -29.60 31.30
N LYS A 338 -47.66 -30.63 32.11
CA LYS A 338 -48.38 -31.90 32.01
C LYS A 338 -49.85 -31.65 32.32
N LEU A 339 -50.70 -32.60 31.95
CA LEU A 339 -52.17 -32.48 32.05
C LEU A 339 -52.69 -31.53 30.98
N THR A 340 -51.86 -31.32 29.96
CA THR A 340 -52.21 -30.49 28.82
C THR A 340 -51.85 -31.29 27.58
N ARG A 341 -52.56 -31.02 26.49
CA ARG A 341 -52.36 -31.71 25.23
C ARG A 341 -51.06 -31.29 24.55
N PHE A 342 -50.32 -30.38 25.19
CA PHE A 342 -49.13 -29.79 24.61
C PHE A 342 -47.81 -30.22 25.25
N LYS A 343 -46.95 -30.85 24.45
CA LYS A 343 -45.61 -31.25 24.91
C LYS A 343 -44.53 -30.58 24.04
N GLN A 344 -43.47 -30.12 24.69
CA GLN A 344 -42.34 -29.47 23.99
C GLN A 344 -41.13 -30.38 23.88
N ARG A 345 -40.70 -30.61 22.65
CA ARG A 345 -39.57 -31.49 22.37
C ARG A 345 -38.23 -31.00 22.87
N SER A 346 -37.28 -31.93 22.96
CA SER A 346 -35.91 -31.63 23.31
C SER A 346 -35.22 -30.79 22.21
N ASP A 347 -35.51 -31.08 20.94
CA ASP A 347 -34.94 -30.31 19.83
C ASP A 347 -35.63 -28.94 19.66
N GLY A 348 -36.65 -28.69 20.49
CA GLY A 348 -37.33 -27.42 20.49
C GLY A 348 -38.74 -27.42 19.93
N GLY A 349 -39.06 -28.43 19.12
CA GLY A 349 -40.35 -28.53 18.45
C GLY A 349 -41.54 -28.63 19.38
N LEU A 350 -42.70 -28.18 18.91
CA LEU A 350 -43.92 -28.27 19.70
C LEU A 350 -44.77 -29.41 19.17
N GLN A 351 -45.19 -30.30 20.07
CA GLN A 351 -46.04 -31.42 19.69
C GLN A 351 -47.43 -31.30 20.31
N ILE A 352 -48.45 -31.25 19.46
CA ILE A 352 -49.83 -31.14 19.92
C ILE A 352 -50.60 -32.43 19.63
N SER A 353 -51.22 -32.98 20.67
CA SER A 353 -52.00 -34.20 20.50
C SER A 353 -53.48 -33.93 20.81
N GLY A 354 -54.34 -34.83 20.34
CA GLY A 354 -55.78 -34.67 20.54
C GLY A 354 -56.26 -33.38 19.91
N LEU A 355 -55.88 -33.17 18.65
CA LEU A 355 -56.15 -31.91 17.96
C LEU A 355 -57.63 -31.54 17.94
N LEU A 356 -57.92 -30.38 18.51
CA LEU A 356 -59.26 -29.80 18.48
C LEU A 356 -59.30 -28.76 17.36
N PRO A 357 -60.50 -28.47 16.85
CA PRO A 357 -60.62 -27.42 15.82
C PRO A 357 -60.18 -26.03 16.30
N ASP A 358 -60.22 -25.77 17.60
CA ASP A 358 -59.76 -24.48 18.14
C ASP A 358 -58.24 -24.35 18.14
N ASP A 359 -57.52 -25.42 17.82
CA ASP A 359 -56.07 -25.38 17.80
C ASP A 359 -55.60 -24.69 16.52
N THR A 360 -56.55 -24.51 15.60
CA THR A 360 -56.32 -23.76 14.38
C THR A 360 -55.85 -22.35 14.73
N GLY A 361 -55.02 -21.77 13.87
CA GLY A 361 -54.52 -20.42 14.08
C GLY A 361 -53.01 -20.34 13.96
N MET A 362 -52.44 -19.22 14.41
CA MET A 362 -51.01 -19.02 14.31
C MET A 362 -50.27 -19.66 15.48
N LEU A 363 -49.28 -20.48 15.16
CA LEU A 363 -48.33 -20.95 16.16
C LEU A 363 -47.00 -20.30 15.88
N GLN A 364 -46.44 -19.67 16.90
CA GLN A 364 -45.28 -18.81 16.73
C GLN A 364 -44.23 -19.17 17.76
N CYS A 365 -42.99 -19.27 17.29
CA CYS A 365 -41.90 -19.75 18.12
C CYS A 365 -40.83 -18.68 18.29
N PHE A 366 -40.47 -18.39 19.55
CA PHE A 366 -39.36 -17.49 19.83
C PHE A 366 -38.11 -18.20 20.34
N ALA A 367 -36.97 -17.88 19.74
CA ALA A 367 -35.68 -18.32 20.23
C ALA A 367 -35.01 -17.14 20.91
N HIS A 368 -34.68 -17.29 22.18
CA HIS A 368 -34.09 -16.19 22.94
CA HIS A 368 -34.12 -16.19 22.98
C HIS A 368 -32.85 -16.58 23.73
N ASN A 369 -31.93 -15.63 23.83
CA ASN A 369 -30.75 -15.72 24.67
C ASN A 369 -30.29 -14.29 24.92
N ALA A 370 -29.32 -14.10 25.79
CA ALA A 370 -28.81 -12.76 26.12
C ALA A 370 -28.39 -11.89 24.93
N ALA A 371 -28.13 -12.48 23.78
CA ALA A 371 -27.59 -11.71 22.66
C ALA A 371 -28.65 -11.29 21.65
N GLY A 372 -29.86 -11.82 21.78
CA GLY A 372 -30.92 -11.45 20.87
C GLY A 372 -32.07 -12.44 20.83
N GLU A 373 -33.02 -12.16 19.95
CA GLU A 373 -34.18 -13.04 19.81
C GLU A 373 -34.62 -13.13 18.35
N ALA A 374 -35.12 -14.30 17.97
CA ALA A 374 -35.63 -14.51 16.63
C ALA A 374 -37.01 -15.14 16.75
N GLN A 375 -37.82 -14.94 15.74
CA GLN A 375 -39.18 -15.44 15.77
C GLN A 375 -39.54 -16.08 14.43
N THR A 376 -40.33 -17.15 14.49
CA THR A 376 -40.78 -17.82 13.28
C THR A 376 -42.17 -18.39 13.56
N SER A 377 -42.98 -18.57 12.52
CA SER A 377 -44.35 -18.98 12.74
C SER A 377 -44.96 -19.74 11.57
N THR A 378 -46.15 -20.26 11.79
CA THR A 378 -46.86 -21.07 10.82
C THR A 378 -48.35 -21.00 11.10
N TYR A 379 -49.17 -21.21 10.07
CA TYR A 379 -50.61 -21.31 10.28
C TYR A 379 -51.00 -22.78 10.39
N LEU A 380 -51.59 -23.14 11.51
CA LEU A 380 -52.02 -24.52 11.73
C LEU A 380 -53.49 -24.64 11.38
N ALA A 381 -53.81 -25.52 10.46
CA ALA A 381 -55.19 -25.78 10.11
C ALA A 381 -55.55 -27.18 10.56
N VAL A 382 -56.56 -27.30 11.40
CA VAL A 382 -57.02 -28.62 11.79
C VAL A 382 -58.22 -28.97 10.94
N THR A 383 -58.06 -29.97 10.08
CA THR A 383 -59.14 -30.37 9.19
C THR A 383 -60.06 -31.37 9.86
N SER A 384 -61.31 -31.41 9.41
CA SER A 384 -62.21 -32.49 9.79
C SER A 384 -61.63 -33.79 9.23
N ALA B 5 1.59 5.39 15.21
CA ALA B 5 2.49 5.10 14.09
C ALA B 5 3.28 3.81 14.34
N GLN B 6 3.52 3.52 15.62
CA GLN B 6 4.17 2.27 16.00
C GLN B 6 3.07 1.24 16.21
N ASP B 7 1.84 1.71 16.22
CA ASP B 7 0.65 0.88 16.34
C ASP B 7 0.54 0.01 15.10
N ASP B 8 -0.06 -1.18 15.25
CA ASP B 8 -0.11 -2.11 14.13
C ASP B 8 -1.47 -2.82 14.01
N VAL B 9 -2.54 -2.05 14.09
CA VAL B 9 -3.87 -2.59 13.86
C VAL B 9 -4.14 -2.62 12.35
N PRO B 10 -4.35 -3.82 11.79
CA PRO B 10 -4.60 -3.98 10.37
C PRO B 10 -5.96 -3.36 10.00
N PRO B 11 -6.20 -3.14 8.70
CA PRO B 11 -7.51 -2.58 8.34
C PRO B 11 -8.65 -3.55 8.64
N TYR B 12 -9.82 -3.01 8.98
CA TYR B 12 -11.05 -3.78 9.03
C TYR B 12 -12.20 -2.83 8.74
N PHE B 13 -13.38 -3.38 8.50
CA PHE B 13 -14.53 -2.53 8.22
C PHE B 13 -15.44 -2.42 9.44
N LYS B 14 -15.73 -1.20 9.86
CA LYS B 14 -16.69 -1.00 10.93
C LYS B 14 -18.06 -1.38 10.42
N THR B 15 -18.39 -0.87 9.24
CA THR B 15 -19.65 -1.21 8.59
C THR B 15 -19.42 -1.52 7.12
N GLU B 16 -20.29 -2.35 6.55
CA GLU B 16 -20.22 -2.65 5.13
C GLU B 16 -21.33 -1.90 4.40
N PRO B 17 -21.12 -1.61 3.12
CA PRO B 17 -22.13 -0.82 2.41
C PRO B 17 -23.35 -1.66 2.09
N VAL B 18 -24.46 -0.99 1.82
CA VAL B 18 -25.67 -1.71 1.44
C VAL B 18 -25.40 -2.46 0.14
N ARG B 19 -26.10 -3.57 -0.05
CA ARG B 19 -25.89 -4.42 -1.21
C ARG B 19 -26.42 -3.78 -2.48
N THR B 20 -27.52 -3.06 -2.34
CA THR B 20 -28.15 -2.41 -3.48
C THR B 20 -28.70 -1.04 -3.06
N GLN B 21 -28.61 -0.05 -3.94
CA GLN B 21 -29.18 1.26 -3.66
C GLN B 21 -29.66 1.94 -4.93
N VAL B 22 -30.89 2.41 -4.91
CA VAL B 22 -31.50 3.13 -6.03
C VAL B 22 -31.39 4.63 -5.77
N ARG B 23 -30.88 5.37 -6.76
CA ARG B 23 -30.71 6.82 -6.60
C ARG B 23 -31.24 7.61 -7.78
N LEU B 24 -31.66 8.86 -7.53
CA LEU B 24 -32.25 9.69 -8.57
C LEU B 24 -31.19 10.22 -9.53
N GLU B 25 -31.56 10.29 -10.80
CA GLU B 25 -30.70 10.90 -11.81
C GLU B 25 -30.44 12.37 -11.49
N GLY B 26 -29.19 12.79 -11.60
CA GLY B 26 -28.81 14.15 -11.28
C GLY B 26 -28.57 14.41 -9.80
N SER B 27 -28.78 13.39 -8.97
CA SER B 27 -28.59 13.55 -7.54
C SER B 27 -27.11 13.44 -7.16
N ARG B 28 -26.80 13.83 -5.93
CA ARG B 28 -25.45 13.76 -5.40
C ARG B 28 -25.25 12.45 -4.67
N LEU B 29 -24.24 11.69 -5.07
CA LEU B 29 -24.02 10.39 -4.46
C LEU B 29 -22.66 10.35 -3.77
N VAL B 30 -22.65 9.97 -2.50
CA VAL B 30 -21.41 9.84 -1.74
C VAL B 30 -21.22 8.44 -1.19
N LEU B 31 -20.36 7.67 -1.84
CA LEU B 31 -20.01 6.33 -1.39
C LEU B 31 -18.93 6.41 -0.32
N THR B 32 -18.96 5.48 0.64
CA THR B 32 -18.02 5.54 1.75
C THR B 32 -17.28 4.22 1.98
N CYS B 33 -16.05 4.34 2.46
CA CYS B 33 -15.26 3.19 2.87
C CYS B 33 -15.08 3.25 4.38
N MET B 34 -16.02 2.64 5.11
CA MET B 34 -16.06 2.75 6.56
C MET B 34 -15.06 1.80 7.19
N ALA B 35 -13.79 2.08 6.97
CA ALA B 35 -12.72 1.22 7.44
C ALA B 35 -12.04 1.83 8.67
N GLU B 36 -11.44 0.97 9.47
CA GLU B 36 -10.71 1.40 10.65
C GLU B 36 -9.33 0.78 10.62
N GLY B 37 -8.43 1.24 11.47
CA GLY B 37 -7.09 0.68 11.49
C GLY B 37 -6.00 1.70 11.74
N SER B 38 -4.81 1.19 12.05
CA SER B 38 -3.67 2.04 12.35
C SER B 38 -3.30 2.92 11.17
N TRP B 39 -2.98 4.18 11.47
CA TRP B 39 -2.65 5.19 10.48
C TRP B 39 -1.27 4.88 9.87
N PRO B 40 -1.06 5.22 8.59
CA PRO B 40 -1.99 5.88 7.67
C PRO B 40 -2.91 4.94 6.89
N LEU B 41 -4.18 5.30 6.83
CA LEU B 41 -5.16 4.54 6.04
C LEU B 41 -5.33 5.20 4.70
N GLU B 42 -5.21 4.38 3.66
CA GLU B 42 -5.35 4.85 2.30
C GLU B 42 -6.51 4.15 1.61
N PHE B 43 -7.21 4.89 0.77
CA PHE B 43 -8.41 4.38 0.14
C PHE B 43 -8.32 4.53 -1.37
N LYS B 44 -8.84 3.53 -2.07
CA LYS B 44 -8.79 3.48 -3.52
C LYS B 44 -10.10 2.89 -4.00
N TRP B 45 -10.60 3.35 -5.15
CA TRP B 45 -11.93 2.93 -5.57
C TRP B 45 -11.96 2.17 -6.87
N LEU B 46 -12.85 1.17 -6.93
CA LEU B 46 -13.06 0.41 -8.15
C LEU B 46 -14.49 0.61 -8.64
N HIS B 47 -14.64 0.73 -9.96
CA HIS B 47 -15.96 0.74 -10.58
C HIS B 47 -16.02 -0.42 -11.57
N ASN B 48 -16.92 -1.35 -11.30
CA ASN B 48 -16.98 -2.60 -12.06
C ASN B 48 -15.61 -3.28 -12.08
N ASN B 49 -14.94 -3.23 -10.94
CA ASN B 49 -13.63 -3.87 -10.72
C ASN B 49 -12.50 -3.28 -11.57
N ARG B 50 -12.64 -2.00 -11.92
CA ARG B 50 -11.61 -1.23 -12.59
C ARG B 50 -11.24 0.01 -11.78
N GLU B 51 -9.96 0.35 -11.72
CA GLU B 51 -9.54 1.49 -10.91
C GLU B 51 -10.26 2.77 -11.28
N LEU B 52 -10.79 3.44 -10.27
CA LEU B 52 -11.52 4.70 -10.41
C LEU B 52 -10.62 5.81 -9.92
N THR B 53 -9.95 5.52 -8.81
CA THR B 53 -9.07 6.47 -8.14
C THR B 53 -7.79 5.76 -7.77
N ARG B 54 -6.76 6.55 -7.44
CA ARG B 54 -5.56 6.00 -6.84
C ARG B 54 -5.69 6.14 -5.34
N PHE B 55 -4.83 5.47 -4.59
CA PHE B 55 -4.89 5.50 -3.14
C PHE B 55 -4.89 6.94 -2.61
N SER B 56 -5.77 7.20 -1.65
CA SER B 56 -5.94 8.53 -1.09
C SER B 56 -6.23 8.44 0.40
N LEU B 57 -5.97 9.52 1.12
CA LEU B 57 -6.27 9.60 2.54
C LEU B 57 -7.77 9.81 2.76
N GLU B 58 -8.47 10.18 1.69
CA GLU B 58 -9.91 10.39 1.72
C GLU B 58 -10.68 9.07 1.64
N TYR B 59 -11.61 8.86 2.57
CA TYR B 59 -12.34 7.60 2.62
C TYR B 59 -13.63 7.64 1.79
N ARG B 60 -13.92 8.81 1.24
CA ARG B 60 -15.16 8.99 0.48
C ARG B 60 -14.92 9.16 -1.02
N TYR B 61 -15.83 8.60 -1.81
CA TYR B 61 -15.86 8.87 -3.24
C TYR B 61 -17.18 9.53 -3.58
N MET B 62 -17.12 10.70 -4.18
CA MET B 62 -18.33 11.44 -4.47
C MET B 62 -18.60 11.48 -5.96
N ILE B 63 -19.83 11.16 -6.35
CA ILE B 63 -20.24 11.30 -7.73
C ILE B 63 -21.07 12.57 -7.72
N THR B 64 -20.56 13.61 -8.38
CA THR B 64 -21.16 14.94 -8.29
C THR B 64 -22.59 15.03 -8.81
N SER B 65 -22.86 14.54 -10.00
CA SER B 65 -24.22 14.52 -10.51
C SER B 65 -24.42 13.17 -11.17
N LEU B 66 -25.41 12.43 -10.68
CA LEU B 66 -25.59 11.05 -11.10
C LEU B 66 -26.37 10.87 -12.39
N ASP B 67 -25.75 10.17 -13.32
CA ASP B 67 -26.42 9.74 -14.54
C ASP B 67 -26.23 8.24 -14.65
N ARG B 68 -26.80 7.63 -15.68
CA ARG B 68 -26.83 6.18 -15.80
C ARG B 68 -25.46 5.60 -16.16
N THR B 69 -24.56 6.44 -16.64
CA THR B 69 -23.20 6.01 -16.94
C THR B 69 -22.44 5.71 -15.64
N HIS B 70 -22.81 6.42 -14.58
CA HIS B 70 -22.15 6.26 -13.29
C HIS B 70 -22.82 5.17 -12.45
N ALA B 71 -23.77 4.48 -13.05
CA ALA B 71 -24.36 3.31 -12.42
C ALA B 71 -23.35 2.17 -12.44
N GLY B 72 -23.68 1.09 -11.74
CA GLY B 72 -22.83 -0.09 -11.74
C GLY B 72 -22.35 -0.44 -10.35
N PHE B 73 -21.30 -1.26 -10.28
CA PHE B 73 -20.79 -1.72 -9.00
C PHE B 73 -19.63 -0.90 -8.50
N TYR B 74 -19.66 -0.55 -7.22
CA TYR B 74 -18.58 0.20 -6.62
C TYR B 74 -18.07 -0.55 -5.40
N ARG B 75 -16.76 -0.49 -5.20
CA ARG B 75 -16.15 -1.05 -4.01
C ARG B 75 -14.82 -0.34 -3.83
N CYS B 76 -14.38 -0.19 -2.59
CA CYS B 76 -13.08 0.39 -2.35
C CYS B 76 -12.08 -0.65 -1.85
N ILE B 77 -10.80 -0.32 -1.96
CA ILE B 77 -9.75 -1.09 -1.31
C ILE B 77 -9.16 -0.20 -0.24
N VAL B 78 -8.94 -0.74 0.96
CA VAL B 78 -8.32 0.02 2.04
C VAL B 78 -7.03 -0.66 2.47
N ARG B 79 -5.98 0.14 2.68
CA ARG B 79 -4.72 -0.38 3.17
C ARG B 79 -4.08 0.49 4.23
N ASN B 80 -3.14 -0.11 4.95
CA ASN B 80 -2.25 0.58 5.87
C ASN B 80 -0.91 -0.17 5.90
N ARG B 81 -0.06 0.08 6.89
CA ARG B 81 1.21 -0.61 6.95
C ARG B 81 1.07 -2.14 6.98
N MET B 82 -0.04 -2.62 7.53
CA MET B 82 -0.19 -4.05 7.80
C MET B 82 -0.59 -4.88 6.58
N GLY B 83 -1.43 -4.30 5.72
CA GLY B 83 -1.98 -5.04 4.59
C GLY B 83 -3.20 -4.34 4.01
N ALA B 84 -3.99 -5.07 3.21
CA ALA B 84 -5.14 -4.47 2.54
C ALA B 84 -6.37 -5.38 2.52
N LEU B 85 -7.55 -4.75 2.48
CA LEU B 85 -8.83 -5.48 2.36
C LEU B 85 -9.69 -5.05 1.17
N LEU B 86 -10.48 -6.00 0.69
CA LEU B 86 -11.47 -5.74 -0.35
C LEU B 86 -12.83 -5.48 0.28
N GLN B 87 -13.45 -4.36 -0.07
CA GLN B 87 -14.78 -4.05 0.43
C GLN B 87 -15.85 -4.90 -0.26
N ARG B 88 -16.92 -5.20 0.46
CA ARG B 88 -18.10 -5.77 -0.19
C ARG B 88 -18.59 -4.72 -1.18
N GLN B 89 -18.99 -5.14 -2.37
CA GLN B 89 -19.40 -4.15 -3.37
C GLN B 89 -20.84 -3.73 -3.17
N THR B 90 -21.16 -2.55 -3.68
CA THR B 90 -22.51 -2.01 -3.62
C THR B 90 -23.00 -1.84 -5.05
N GLU B 91 -24.28 -2.12 -5.30
CA GLU B 91 -24.80 -1.90 -6.64
C GLU B 91 -25.61 -0.62 -6.64
N VAL B 92 -25.13 0.35 -7.42
CA VAL B 92 -25.85 1.60 -7.59
C VAL B 92 -26.76 1.55 -8.82
N GLN B 93 -28.04 1.78 -8.60
CA GLN B 93 -29.02 1.75 -9.67
C GLN B 93 -29.66 3.12 -9.88
N VAL B 94 -29.66 3.59 -11.12
CA VAL B 94 -30.22 4.89 -11.45
C VAL B 94 -31.68 4.79 -11.81
N ALA B 95 -32.52 5.45 -11.02
CA ALA B 95 -33.95 5.51 -11.30
C ALA B 95 -34.25 6.41 -12.50
N TYR B 96 -35.22 6.01 -13.30
CA TYR B 96 -35.59 6.74 -14.50
C TYR B 96 -36.94 6.23 -14.99
N MET B 97 -37.63 7.03 -15.78
CA MET B 97 -38.78 6.52 -16.54
C MET B 97 -38.97 7.34 -17.82
N GLY B 98 -39.13 6.64 -18.94
CA GLY B 98 -39.36 7.30 -20.21
C GLY B 98 -40.81 7.60 -20.48
N SER B 99 -41.25 7.30 -21.69
CA SER B 99 -42.63 7.53 -22.12
C SER B 99 -43.13 6.32 -22.88
N PHE B 100 -44.45 6.21 -23.01
CA PHE B 100 -45.06 5.03 -23.63
C PHE B 100 -44.72 4.90 -25.11
N GLU B 101 -44.14 3.76 -25.46
CA GLU B 101 -43.66 3.50 -26.81
C GLU B 101 -44.78 3.45 -27.84
N GLU B 102 -45.66 2.48 -27.67
CA GLU B 102 -46.76 2.24 -28.60
C GLU B 102 -47.77 3.39 -28.62
N GLY B 103 -48.69 3.31 -29.58
CA GLY B 103 -49.77 4.26 -29.70
C GLY B 103 -51.05 3.48 -29.42
N GLU B 104 -52.10 3.76 -30.17
CA GLU B 104 -53.32 3.00 -30.02
C GLU B 104 -53.04 1.55 -30.40
N LYS B 105 -53.79 0.62 -29.81
CA LYS B 105 -53.64 -0.79 -30.17
C LYS B 105 -55.03 -1.38 -30.41
N ARG B 106 -55.10 -2.39 -31.27
CA ARG B 106 -56.39 -3.02 -31.53
C ARG B 106 -56.34 -4.50 -31.21
N GLN B 107 -57.39 -4.96 -30.51
CA GLN B 107 -57.43 -6.32 -29.99
C GLN B 107 -58.84 -6.89 -30.10
N SER B 108 -58.93 -8.21 -30.29
CA SER B 108 -60.24 -8.85 -30.42
C SER B 108 -60.41 -10.02 -29.45
N VAL B 109 -61.66 -10.30 -29.09
CA VAL B 109 -61.96 -11.42 -28.20
C VAL B 109 -63.33 -12.02 -28.51
N ASN B 110 -63.43 -13.34 -28.39
CA ASN B 110 -64.71 -14.02 -28.55
C ASN B 110 -65.57 -14.00 -27.30
N HIS B 111 -66.87 -13.81 -27.50
CA HIS B 111 -67.86 -13.82 -26.44
C HIS B 111 -67.67 -15.01 -25.50
N GLY B 112 -67.62 -14.76 -24.20
CA GLY B 112 -67.48 -15.82 -23.22
C GLY B 112 -66.06 -16.29 -22.94
N GLU B 113 -65.14 -15.98 -23.84
CA GLU B 113 -63.73 -16.30 -23.62
C GLU B 113 -63.03 -15.15 -22.91
N ALA B 114 -61.76 -15.35 -22.56
CA ALA B 114 -61.04 -14.33 -21.82
C ALA B 114 -60.15 -13.47 -22.70
N ALA B 115 -60.28 -12.16 -22.54
CA ALA B 115 -59.47 -11.18 -23.24
C ALA B 115 -58.23 -10.89 -22.41
N VAL B 116 -57.06 -11.05 -23.00
CA VAL B 116 -55.82 -10.79 -22.29
C VAL B 116 -55.11 -9.57 -22.85
N ILE B 117 -55.13 -8.48 -22.08
CA ILE B 117 -54.53 -7.22 -22.51
C ILE B 117 -53.32 -6.86 -21.67
N ARG B 118 -52.14 -7.08 -22.21
CA ARG B 118 -50.90 -6.68 -21.56
C ARG B 118 -50.83 -5.17 -21.40
N ALA B 119 -50.19 -4.71 -20.34
CA ALA B 119 -50.02 -3.28 -20.12
C ALA B 119 -49.05 -2.72 -21.15
N PRO B 120 -49.35 -1.52 -21.68
CA PRO B 120 -48.46 -0.80 -22.59
C PRO B 120 -47.06 -0.70 -22.02
N ARG B 121 -46.06 -1.00 -22.83
CA ARG B 121 -44.68 -0.97 -22.38
C ARG B 121 -44.12 0.42 -22.23
N ILE B 122 -43.44 0.64 -21.11
CA ILE B 122 -42.68 1.85 -20.85
C ILE B 122 -41.39 1.47 -20.14
N SER B 123 -40.28 2.02 -20.62
CA SER B 123 -38.98 1.76 -20.01
C SER B 123 -38.89 2.49 -18.68
N SER B 124 -38.50 1.77 -17.62
CA SER B 124 -38.47 2.35 -16.28
C SER B 124 -37.70 1.54 -15.26
N PHE B 125 -37.02 2.24 -14.36
CA PHE B 125 -36.53 1.63 -13.12
C PHE B 125 -36.79 2.55 -11.93
N PRO B 126 -37.31 1.99 -10.84
CA PRO B 126 -37.78 0.60 -10.74
C PRO B 126 -39.05 0.37 -11.56
N ARG B 127 -39.57 -0.85 -11.57
CA ARG B 127 -40.79 -1.11 -12.33
C ARG B 127 -41.91 -0.26 -11.76
N PRO B 128 -42.65 0.42 -12.65
CA PRO B 128 -43.64 1.42 -12.23
C PRO B 128 -44.93 0.81 -11.69
N GLN B 129 -45.68 1.61 -10.94
CA GLN B 129 -47.02 1.25 -10.54
C GLN B 129 -48.00 1.52 -11.66
N VAL B 130 -48.74 0.49 -12.06
CA VAL B 130 -49.64 0.56 -13.20
C VAL B 130 -51.09 0.52 -12.75
N THR B 131 -51.88 1.48 -13.20
CA THR B 131 -53.30 1.47 -12.92
C THR B 131 -54.04 1.39 -14.25
N TRP B 132 -55.02 0.48 -14.33
CA TRP B 132 -55.79 0.36 -15.56
C TRP B 132 -57.00 1.28 -15.51
N PHE B 133 -57.30 1.90 -16.65
CA PHE B 133 -58.41 2.82 -16.72
C PHE B 133 -59.32 2.53 -17.91
N ARG B 134 -60.59 2.90 -17.75
CA ARG B 134 -61.53 2.98 -18.86
C ARG B 134 -62.53 4.10 -18.57
N ASP B 135 -62.64 5.04 -19.50
CA ASP B 135 -63.58 6.16 -19.37
C ASP B 135 -63.31 7.00 -18.13
N GLY B 136 -62.03 7.20 -17.82
CA GLY B 136 -61.63 8.03 -16.71
C GLY B 136 -61.83 7.42 -15.34
N ARG B 137 -62.34 6.20 -15.29
CA ARG B 137 -62.54 5.49 -14.04
C ARG B 137 -61.55 4.33 -13.87
N LYS B 138 -61.04 4.17 -12.65
CA LYS B 138 -60.06 3.13 -12.36
C LYS B 138 -60.67 1.73 -12.43
N ILE B 139 -59.91 0.78 -12.96
CA ILE B 139 -60.35 -0.61 -13.08
C ILE B 139 -59.67 -1.51 -12.05
N PRO B 140 -60.38 -1.82 -10.96
CA PRO B 140 -59.86 -2.71 -9.92
C PRO B 140 -60.17 -4.17 -10.23
N PRO B 141 -59.43 -5.10 -9.62
CA PRO B 141 -59.78 -6.51 -9.79
C PRO B 141 -61.19 -6.81 -9.29
N SER B 142 -61.87 -7.75 -9.92
CA SER B 142 -63.24 -8.11 -9.54
C SER B 142 -63.46 -9.58 -9.88
N SER B 143 -64.69 -10.05 -9.71
CA SER B 143 -65.01 -11.45 -10.02
C SER B 143 -64.71 -11.79 -11.47
N ARG B 144 -64.87 -10.81 -12.36
CA ARG B 144 -64.67 -11.02 -13.79
C ARG B 144 -63.49 -10.24 -14.37
N ILE B 145 -62.79 -9.50 -13.52
CA ILE B 145 -61.61 -8.75 -13.92
C ILE B 145 -60.38 -9.06 -13.08
N ALA B 146 -59.35 -9.59 -13.73
CA ALA B 146 -58.10 -9.88 -13.06
C ALA B 146 -57.02 -8.92 -13.54
N ILE B 147 -56.10 -8.58 -12.64
CA ILE B 147 -54.89 -7.86 -13.02
C ILE B 147 -53.72 -8.66 -12.46
N THR B 148 -52.83 -9.09 -13.36
CA THR B 148 -51.77 -10.02 -12.98
C THR B 148 -50.56 -9.32 -12.38
N LEU B 149 -49.66 -10.14 -11.83
CA LEU B 149 -48.41 -9.64 -11.24
C LEU B 149 -47.58 -8.86 -12.25
N GLU B 150 -47.88 -9.04 -13.54
CA GLU B 150 -47.18 -8.35 -14.60
C GLU B 150 -48.02 -7.19 -15.14
N ASN B 151 -49.04 -6.81 -14.37
CA ASN B 151 -49.94 -5.70 -14.71
C ASN B 151 -50.74 -5.95 -16.00
N THR B 152 -50.91 -7.22 -16.36
CA THR B 152 -51.78 -7.59 -17.47
C THR B 152 -53.25 -7.55 -17.07
N LEU B 153 -54.06 -6.85 -17.84
CA LEU B 153 -55.50 -6.84 -17.58
C LEU B 153 -56.13 -8.06 -18.24
N VAL B 154 -56.89 -8.82 -17.46
CA VAL B 154 -57.58 -10.00 -17.96
C VAL B 154 -59.07 -9.89 -17.68
N ILE B 155 -59.86 -9.75 -18.74
CA ILE B 155 -61.32 -9.67 -18.60
C ILE B 155 -61.97 -11.03 -18.85
N LEU B 156 -62.53 -11.60 -17.79
CA LEU B 156 -63.10 -12.95 -17.85
C LEU B 156 -64.51 -12.99 -18.43
N SER B 157 -64.82 -14.10 -19.10
CA SER B 157 -66.12 -14.36 -19.72
C SER B 157 -66.68 -13.11 -20.38
N THR B 158 -66.02 -12.67 -21.44
CA THR B 158 -66.32 -11.38 -22.06
C THR B 158 -67.74 -11.29 -22.60
N VAL B 159 -68.31 -10.09 -22.49
CA VAL B 159 -69.62 -9.79 -23.03
C VAL B 159 -69.54 -8.47 -23.83
N ALA B 160 -70.64 -8.08 -24.45
CA ALA B 160 -70.67 -6.90 -25.32
C ALA B 160 -70.22 -5.59 -24.63
N PRO B 161 -70.70 -5.31 -23.41
CA PRO B 161 -70.26 -4.05 -22.78
C PRO B 161 -68.75 -3.96 -22.54
N ASP B 162 -68.03 -5.09 -22.56
CA ASP B 162 -66.58 -5.11 -22.38
C ASP B 162 -65.85 -4.62 -23.60
N ALA B 163 -66.42 -3.68 -24.32
CA ALA B 163 -65.75 -3.28 -25.54
C ALA B 163 -65.61 -1.78 -25.49
N GLY B 164 -64.38 -1.34 -25.71
CA GLY B 164 -64.06 0.06 -25.59
C GLY B 164 -62.57 0.25 -25.45
N ARG B 165 -62.20 1.39 -24.91
CA ARG B 165 -60.81 1.80 -24.83
C ARG B 165 -60.22 1.63 -23.44
N TYR B 166 -59.15 0.85 -23.36
CA TYR B 166 -58.49 0.59 -22.09
C TYR B 166 -57.08 1.15 -22.12
N TYR B 167 -56.69 1.87 -21.07
CA TYR B 167 -55.37 2.47 -21.02
C TYR B 167 -54.81 2.43 -19.60
N VAL B 168 -53.53 2.76 -19.46
CA VAL B 168 -52.91 2.77 -18.15
C VAL B 168 -52.26 4.12 -17.81
N GLN B 169 -52.07 4.35 -16.52
CA GLN B 169 -51.19 5.42 -16.08
C GLN B 169 -50.06 4.72 -15.32
N ALA B 170 -48.83 5.09 -15.64
CA ALA B 170 -47.69 4.49 -14.96
C ALA B 170 -47.08 5.53 -14.02
N VAL B 171 -46.87 5.13 -12.77
CA VAL B 171 -46.23 6.02 -11.82
C VAL B 171 -44.97 5.37 -11.29
N ASN B 172 -43.85 6.09 -11.44
CA ASN B 172 -42.59 5.66 -10.87
C ASN B 172 -42.49 6.24 -9.47
N ASP B 173 -42.62 5.38 -8.47
CA ASP B 173 -42.71 5.85 -7.08
C ASP B 173 -41.37 6.36 -6.55
N LYS B 174 -40.28 6.10 -7.29
CA LYS B 174 -38.97 6.57 -6.87
C LYS B 174 -38.66 8.01 -7.31
N ASN B 175 -39.07 8.38 -8.52
CA ASN B 175 -38.84 9.76 -8.97
C ASN B 175 -40.13 10.54 -9.22
N GLY B 176 -41.26 9.92 -8.93
CA GLY B 176 -42.54 10.61 -8.97
C GLY B 176 -43.15 10.83 -10.34
N ASP B 177 -42.43 10.41 -11.39
CA ASP B 177 -42.96 10.52 -12.74
C ASP B 177 -44.32 9.84 -12.88
N ASN B 178 -45.18 10.43 -13.70
CA ASN B 178 -46.57 10.02 -13.86
C ASN B 178 -46.95 10.23 -15.31
N LYS B 179 -46.97 9.14 -16.09
CA LYS B 179 -47.28 9.22 -17.51
C LYS B 179 -48.47 8.34 -17.85
N THR B 180 -49.24 8.74 -18.87
CA THR B 180 -50.44 8.00 -19.25
C THR B 180 -50.39 7.54 -20.71
N SER B 181 -50.67 6.25 -20.92
CA SER B 181 -50.58 5.64 -22.23
C SER B 181 -51.76 5.96 -23.16
N GLN B 182 -51.61 5.56 -24.41
CA GLN B 182 -52.67 5.63 -25.40
C GLN B 182 -53.56 4.38 -25.25
N PRO B 183 -54.86 4.52 -25.56
CA PRO B 183 -55.79 3.43 -25.30
C PRO B 183 -55.58 2.17 -26.13
N ILE B 184 -55.97 1.03 -25.58
CA ILE B 184 -56.10 -0.20 -26.34
C ILE B 184 -57.58 -0.40 -26.55
N THR B 185 -58.01 -0.51 -27.81
CA THR B 185 -59.43 -0.65 -28.07
C THR B 185 -59.77 -2.13 -28.22
N LEU B 186 -60.73 -2.59 -27.44
CA LEU B 186 -61.09 -4.00 -27.43
C LEU B 186 -62.44 -4.21 -28.07
N ALA B 187 -62.53 -5.18 -28.97
CA ALA B 187 -63.78 -5.52 -29.62
C ALA B 187 -64.22 -6.93 -29.23
N VAL B 188 -65.51 -7.07 -28.95
CA VAL B 188 -66.07 -8.37 -28.58
C VAL B 188 -66.85 -8.96 -29.76
N GLU B 189 -66.46 -10.16 -30.17
CA GLU B 189 -67.00 -10.76 -31.37
C GLU B 189 -67.85 -12.00 -31.07
N ASN B 190 -68.73 -12.34 -32.01
CA ASN B 190 -69.69 -13.44 -31.84
C ASN B 190 -70.62 -13.17 -30.66
N VAL B 191 -70.89 -11.90 -30.41
CA VAL B 191 -71.78 -11.46 -29.35
C VAL B 191 -73.16 -12.12 -29.44
N GLY B 192 -73.69 -12.55 -28.30
CA GLY B 192 -75.10 -12.88 -28.20
C GLY B 192 -75.46 -14.18 -28.88
N GLY B 193 -74.51 -15.10 -28.96
CA GLY B 193 -74.78 -16.42 -29.52
C GLY B 193 -75.53 -17.28 -28.53
N PRO B 194 -75.50 -18.61 -28.72
CA PRO B 194 -76.03 -19.41 -27.61
C PRO B 194 -75.11 -19.26 -26.41
N ALA B 195 -75.68 -18.95 -25.24
CA ALA B 195 -74.86 -18.77 -24.05
C ALA B 195 -74.59 -20.11 -23.37
N ASP B 196 -74.00 -21.02 -24.14
CA ASP B 196 -73.65 -22.35 -23.64
C ASP B 196 -72.51 -22.25 -22.64
N PRO B 197 -72.37 -23.27 -21.78
CA PRO B 197 -71.29 -23.19 -20.80
C PRO B 197 -69.91 -23.38 -21.43
N ILE B 198 -68.91 -22.73 -20.85
CA ILE B 198 -67.54 -22.85 -21.31
C ILE B 198 -66.71 -23.48 -20.21
N ALA B 199 -66.05 -24.57 -20.54
CA ALA B 199 -65.29 -25.34 -19.57
C ALA B 199 -64.14 -24.51 -19.01
N PRO B 200 -63.74 -24.79 -17.76
CA PRO B 200 -62.68 -24.02 -17.11
C PRO B 200 -61.34 -24.19 -17.80
N THR B 201 -60.70 -23.06 -18.09
CA THR B 201 -59.36 -23.05 -18.64
C THR B 201 -58.53 -22.10 -17.79
N ILE B 202 -57.25 -22.41 -17.66
CA ILE B 202 -56.35 -21.56 -16.88
C ILE B 202 -55.66 -20.60 -17.83
N ILE B 203 -56.01 -19.32 -17.73
CA ILE B 203 -55.48 -18.30 -18.61
C ILE B 203 -54.07 -17.89 -18.22
N ILE B 204 -53.86 -17.68 -16.92
CA ILE B 204 -52.55 -17.32 -16.41
C ILE B 204 -52.07 -18.40 -15.44
N PRO B 205 -51.22 -19.32 -15.91
CA PRO B 205 -50.79 -20.42 -15.06
C PRO B 205 -49.65 -20.01 -14.13
N PRO B 206 -49.47 -20.75 -13.03
CA PRO B 206 -48.35 -20.52 -12.09
C PRO B 206 -47.00 -20.49 -12.80
N LYS B 207 -46.13 -19.57 -12.42
CA LYS B 207 -44.80 -19.51 -13.00
C LYS B 207 -43.80 -20.15 -12.04
N ASN B 208 -42.81 -20.87 -12.58
CA ASN B 208 -41.69 -21.28 -11.76
C ASN B 208 -41.15 -20.00 -11.15
N THR B 209 -41.02 -19.95 -9.82
CA THR B 209 -40.68 -18.70 -9.15
C THR B 209 -39.52 -18.88 -8.18
N SER B 210 -38.63 -17.90 -8.15
CA SER B 210 -37.50 -17.90 -7.23
C SER B 210 -37.60 -16.75 -6.24
N VAL B 211 -37.09 -16.96 -5.04
CA VAL B 211 -37.12 -15.97 -3.99
C VAL B 211 -35.91 -16.17 -3.09
N VAL B 212 -35.29 -15.08 -2.66
CA VAL B 212 -34.16 -15.18 -1.76
C VAL B 212 -34.64 -15.16 -0.32
N ALA B 213 -34.24 -16.16 0.47
CA ALA B 213 -34.60 -16.21 1.87
C ALA B 213 -34.26 -14.89 2.55
N GLY B 214 -35.23 -14.34 3.27
CA GLY B 214 -35.08 -13.04 3.88
C GLY B 214 -36.06 -12.06 3.25
N THR B 215 -36.54 -12.41 2.05
CA THR B 215 -37.58 -11.63 1.40
C THR B 215 -38.87 -11.86 2.18
N SER B 216 -39.65 -10.80 2.38
CA SER B 216 -40.81 -10.86 3.24
C SER B 216 -41.92 -11.76 2.72
N GLU B 217 -42.00 -11.92 1.40
CA GLU B 217 -43.14 -12.60 0.81
C GLU B 217 -42.86 -13.11 -0.61
N VAL B 218 -43.52 -14.20 -1.01
CA VAL B 218 -43.48 -14.65 -2.39
C VAL B 218 -44.89 -15.09 -2.79
N THR B 219 -45.27 -14.79 -4.03
CA THR B 219 -46.64 -15.03 -4.49
C THR B 219 -46.71 -15.84 -5.77
N MET B 220 -47.59 -16.84 -5.78
CA MET B 220 -47.93 -17.56 -6.99
C MET B 220 -49.26 -17.01 -7.52
N GLU B 221 -49.47 -17.09 -8.83
CA GLU B 221 -50.67 -16.51 -9.43
C GLU B 221 -51.30 -17.46 -10.43
N CYS B 222 -52.62 -17.53 -10.42
CA CYS B 222 -53.35 -18.41 -11.32
C CYS B 222 -54.72 -17.83 -11.65
N VAL B 223 -54.88 -17.35 -12.88
CA VAL B 223 -56.15 -16.77 -13.31
C VAL B 223 -56.91 -17.75 -14.21
N ALA B 224 -58.18 -17.97 -13.89
CA ALA B 224 -58.98 -18.95 -14.60
C ALA B 224 -60.21 -18.31 -15.23
N ASN B 225 -60.71 -18.96 -16.28
CA ASN B 225 -61.91 -18.51 -16.98
C ASN B 225 -62.95 -19.61 -17.04
N ALA B 226 -64.21 -19.23 -16.95
CA ALA B 226 -65.32 -20.17 -17.15
C ALA B 226 -66.61 -19.43 -17.43
N ARG B 227 -67.57 -20.14 -17.98
CA ARG B 227 -68.92 -19.64 -18.16
C ARG B 227 -69.86 -20.74 -17.70
N PRO B 228 -70.71 -20.46 -16.71
CA PRO B 228 -70.85 -19.20 -15.97
C PRO B 228 -69.82 -19.03 -14.86
N LEU B 229 -69.24 -17.83 -14.76
CA LEU B 229 -68.19 -17.55 -13.80
C LEU B 229 -68.55 -17.82 -12.34
N ILE B 230 -69.82 -17.62 -11.99
CA ILE B 230 -70.25 -17.74 -10.61
C ILE B 230 -70.04 -19.15 -10.07
N LYS B 231 -70.06 -20.13 -10.97
CA LYS B 231 -69.79 -21.51 -10.56
C LYS B 231 -68.29 -21.85 -10.58
N LEU B 232 -67.47 -20.93 -11.08
CA LEU B 232 -66.03 -21.19 -11.16
C LEU B 232 -65.35 -21.04 -9.78
N HIS B 233 -64.56 -22.04 -9.44
CA HIS B 233 -63.90 -22.11 -8.14
C HIS B 233 -62.42 -22.49 -8.30
N ILE B 234 -61.51 -21.67 -7.74
CA ILE B 234 -60.09 -22.00 -7.78
C ILE B 234 -59.60 -22.58 -6.46
N VAL B 235 -58.95 -23.75 -6.54
CA VAL B 235 -58.37 -24.40 -5.37
C VAL B 235 -56.86 -24.53 -5.51
N TRP B 236 -56.13 -24.08 -4.50
CA TRP B 236 -54.67 -24.24 -4.48
C TRP B 236 -54.29 -25.49 -3.71
N LYS B 237 -53.32 -26.24 -4.25
CA LYS B 237 -52.81 -27.41 -3.56
C LYS B 237 -51.29 -27.43 -3.51
N LYS B 238 -50.75 -27.76 -2.35
CA LYS B 238 -49.34 -28.12 -2.26
C LYS B 238 -49.29 -29.56 -1.77
N ASP B 239 -48.50 -30.38 -2.45
CA ASP B 239 -48.39 -31.80 -2.14
C ASP B 239 -49.75 -32.49 -2.05
N GLY B 240 -50.62 -32.17 -3.00
CA GLY B 240 -51.90 -32.83 -3.16
C GLY B 240 -53.04 -32.41 -2.23
N ALA B 241 -52.69 -31.77 -1.11
CA ALA B 241 -53.71 -31.31 -0.17
C ALA B 241 -54.01 -29.83 -0.35
N PRO B 242 -55.31 -29.48 -0.39
CA PRO B 242 -55.74 -28.10 -0.59
C PRO B 242 -55.25 -27.17 0.51
N LEU B 243 -54.89 -25.94 0.14
CA LEU B 243 -54.41 -24.95 1.09
C LEU B 243 -55.56 -24.09 1.58
N SER B 244 -55.68 -23.95 2.90
CA SER B 244 -56.79 -23.23 3.49
C SER B 244 -56.42 -21.83 3.98
N SER B 245 -55.18 -21.43 3.71
CA SER B 245 -54.72 -20.08 4.06
C SER B 245 -53.73 -19.52 3.04
N GLY B 246 -53.55 -18.21 3.05
CA GLY B 246 -52.56 -17.58 2.18
C GLY B 246 -53.11 -17.21 0.82
N ILE B 247 -54.42 -17.32 0.67
CA ILE B 247 -55.08 -17.13 -0.61
C ILE B 247 -55.83 -15.79 -0.67
N SER B 248 -55.70 -15.10 -1.79
CA SER B 248 -56.29 -13.77 -1.93
C SER B 248 -56.61 -13.45 -3.39
N ASP B 249 -57.23 -12.29 -3.61
CA ASP B 249 -57.45 -11.75 -4.95
C ASP B 249 -58.35 -12.68 -5.77
N TYR B 250 -59.55 -12.95 -5.25
CA TYR B 250 -60.50 -13.86 -5.89
C TYR B 250 -59.90 -15.24 -6.16
N ASN B 251 -59.17 -15.75 -5.17
CA ASN B 251 -58.50 -17.06 -5.21
C ASN B 251 -57.38 -17.14 -6.24
N ARG B 252 -57.05 -16.01 -6.86
CA ARG B 252 -56.10 -16.03 -7.97
C ARG B 252 -54.65 -15.89 -7.50
N ARG B 253 -54.46 -15.66 -6.21
CA ARG B 253 -53.10 -15.49 -5.67
C ARG B 253 -52.86 -16.38 -4.45
N LEU B 254 -51.65 -16.91 -4.37
CA LEU B 254 -51.20 -17.62 -3.17
C LEU B 254 -49.99 -16.90 -2.60
N THR B 255 -50.08 -16.47 -1.34
CA THR B 255 -48.99 -15.75 -0.72
C THR B 255 -48.35 -16.57 0.38
N ILE B 256 -47.04 -16.74 0.30
CA ILE B 256 -46.27 -17.43 1.34
C ILE B 256 -45.39 -16.41 2.04
N ALA B 257 -45.69 -16.16 3.32
CA ALA B 257 -45.00 -15.13 4.09
C ALA B 257 -43.62 -15.60 4.54
N ASN B 258 -42.62 -14.72 4.40
CA ASN B 258 -41.24 -15.02 4.80
C ASN B 258 -40.78 -16.43 4.43
N PRO B 259 -40.75 -16.73 3.12
CA PRO B 259 -40.42 -18.10 2.71
C PRO B 259 -39.02 -18.53 3.11
N THR B 260 -38.89 -19.81 3.42
CA THR B 260 -37.62 -20.46 3.68
C THR B 260 -37.63 -21.75 2.87
N VAL B 261 -36.59 -22.57 2.99
CA VAL B 261 -36.52 -23.80 2.19
C VAL B 261 -37.68 -24.74 2.51
N SER B 262 -38.23 -24.64 3.71
CA SER B 262 -39.35 -25.48 4.12
C SER B 262 -40.55 -25.29 3.19
N ASP B 263 -40.62 -24.14 2.54
CA ASP B 263 -41.76 -23.78 1.70
C ASP B 263 -41.52 -24.11 0.24
N ALA B 264 -40.31 -24.54 -0.09
CA ALA B 264 -40.00 -24.92 -1.46
C ALA B 264 -40.77 -26.17 -1.85
N GLY B 265 -41.09 -26.30 -3.13
CA GLY B 265 -41.82 -27.46 -3.61
C GLY B 265 -42.77 -27.12 -4.74
N TYR B 266 -43.60 -28.09 -5.12
CA TYR B 266 -44.53 -27.90 -6.22
C TYR B 266 -45.89 -27.46 -5.72
N TYR B 267 -46.32 -26.29 -6.18
CA TYR B 267 -47.62 -25.75 -5.83
C TYR B 267 -48.45 -25.76 -7.09
N GLU B 268 -49.66 -26.32 -7.03
CA GLU B 268 -50.47 -26.36 -8.25
C GLU B 268 -51.83 -25.71 -8.08
N CYS B 269 -52.39 -25.27 -9.21
CA CYS B 269 -53.66 -24.56 -9.27
C CYS B 269 -54.71 -25.38 -10.01
N GLU B 270 -55.86 -25.59 -9.37
CA GLU B 270 -56.93 -26.33 -10.00
C GLU B 270 -58.17 -25.47 -10.17
N ALA B 271 -58.58 -25.29 -11.42
CA ALA B 271 -59.79 -24.56 -11.77
C ALA B 271 -60.94 -25.53 -12.04
N MET B 272 -62.10 -25.24 -11.46
CA MET B 272 -63.24 -26.15 -11.58
C MET B 272 -64.59 -25.45 -11.46
N LEU B 273 -65.63 -26.15 -11.91
CA LEU B 273 -67.01 -25.65 -11.82
C LEU B 273 -67.74 -26.40 -10.72
N ARG B 274 -68.35 -25.65 -9.80
CA ARG B 274 -69.12 -26.25 -8.71
C ARG B 274 -70.39 -26.86 -9.26
N SER B 275 -70.83 -27.97 -8.66
CA SER B 275 -72.09 -28.60 -9.07
C SER B 275 -72.10 -28.97 -10.55
N SER B 276 -70.97 -29.48 -11.04
CA SER B 276 -70.85 -29.78 -12.46
C SER B 276 -70.07 -31.06 -12.74
N SER B 277 -70.33 -31.63 -13.91
CA SER B 277 -69.71 -32.88 -14.33
C SER B 277 -68.47 -32.61 -15.18
N VAL B 278 -68.28 -31.34 -15.54
CA VAL B 278 -67.14 -30.94 -16.36
C VAL B 278 -65.84 -31.22 -15.59
N ALA B 279 -64.80 -31.61 -16.32
CA ALA B 279 -63.51 -31.95 -15.72
C ALA B 279 -62.77 -30.70 -15.24
N PRO B 280 -62.11 -30.79 -14.09
CA PRO B 280 -61.26 -29.69 -13.62
C PRO B 280 -59.92 -29.70 -14.34
N VAL B 281 -59.28 -28.53 -14.46
CA VAL B 281 -57.98 -28.45 -15.11
C VAL B 281 -56.92 -28.03 -14.08
N THR B 282 -55.75 -28.64 -14.15
CA THR B 282 -54.70 -28.34 -13.19
C THR B 282 -53.39 -27.89 -13.83
N ARG B 283 -52.84 -26.80 -13.29
CA ARG B 283 -51.51 -26.31 -13.64
C ARG B 283 -50.74 -25.97 -12.37
N GLY B 284 -49.44 -26.24 -12.36
CA GLY B 284 -48.62 -25.97 -11.19
C GLY B 284 -47.21 -25.54 -11.55
N ALA B 285 -46.48 -25.09 -10.54
CA ALA B 285 -45.11 -24.62 -10.74
C ALA B 285 -44.27 -24.81 -9.47
N TYR B 286 -42.97 -24.61 -9.60
CA TYR B 286 -42.06 -24.81 -8.48
C TYR B 286 -41.60 -23.51 -7.84
N LEU B 287 -41.75 -23.44 -6.53
CA LEU B 287 -41.17 -22.37 -5.72
C LEU B 287 -39.77 -22.78 -5.29
N SER B 288 -38.77 -22.03 -5.72
CA SER B 288 -37.38 -22.30 -5.34
C SER B 288 -36.89 -21.22 -4.38
N VAL B 289 -36.30 -21.64 -3.27
CA VAL B 289 -35.78 -20.71 -2.29
C VAL B 289 -34.27 -20.71 -2.25
N LEU B 290 -33.69 -19.54 -2.49
CA LEU B 290 -32.25 -19.36 -2.40
C LEU B 290 -31.87 -18.82 -1.03
N GLU B 291 -30.69 -19.22 -0.54
CA GLU B 291 -30.15 -18.65 0.70
C GLU B 291 -28.81 -18.02 0.42
N PRO B 292 -28.66 -16.73 0.77
CA PRO B 292 -27.36 -16.10 0.58
C PRO B 292 -26.33 -16.75 1.52
N PRO B 293 -25.02 -16.60 1.20
CA PRO B 293 -24.00 -17.29 1.99
C PRO B 293 -23.89 -16.81 3.44
N GLN B 294 -23.83 -17.77 4.36
CA GLN B 294 -23.51 -17.50 5.75
C GLN B 294 -22.31 -18.32 6.16
N PHE B 295 -21.35 -17.68 6.83
CA PHE B 295 -20.18 -18.39 7.29
C PHE B 295 -20.57 -19.33 8.43
N VAL B 296 -20.03 -20.54 8.40
CA VAL B 296 -20.27 -21.53 9.45
C VAL B 296 -19.06 -21.50 10.38
N ARG B 297 -17.88 -21.37 9.78
CA ARG B 297 -16.63 -21.18 10.50
C ARG B 297 -15.80 -20.05 9.90
N GLU B 298 -15.35 -19.11 10.75
CA GLU B 298 -14.48 -18.04 10.30
C GLU B 298 -13.12 -18.17 10.98
N PRO B 299 -12.06 -17.71 10.29
CA PRO B 299 -10.71 -17.84 10.86
C PRO B 299 -10.48 -16.92 12.05
N GLU B 300 -9.53 -17.29 12.92
CA GLU B 300 -9.03 -16.37 13.92
C GLU B 300 -8.57 -15.10 13.21
N ARG B 301 -8.84 -13.95 13.80
CA ARG B 301 -8.42 -12.68 13.21
C ARG B 301 -6.89 -12.58 13.22
N HIS B 302 -6.28 -13.34 14.11
CA HIS B 302 -4.83 -13.45 14.19
C HIS B 302 -4.43 -14.90 14.02
N ILE B 303 -3.61 -15.18 13.01
CA ILE B 303 -3.03 -16.51 12.86
C ILE B 303 -1.53 -16.32 12.77
N THR B 304 -0.80 -17.00 13.64
CA THR B 304 0.65 -16.90 13.65
C THR B 304 1.22 -18.27 13.33
N ALA B 305 2.13 -18.31 12.37
CA ALA B 305 2.72 -19.57 11.94
C ALA B 305 4.21 -19.41 11.70
N GLU B 306 4.95 -20.48 11.97
CA GLU B 306 6.39 -20.47 11.83
C GLU B 306 6.79 -20.60 10.37
N MET B 307 7.89 -19.95 10.00
CA MET B 307 8.38 -19.93 8.62
C MET B 307 8.64 -21.34 8.09
N GLU B 308 8.31 -21.52 6.81
CA GLU B 308 8.52 -22.79 6.08
C GLU B 308 7.58 -23.90 6.52
N LYS B 309 6.71 -23.62 7.49
CA LYS B 309 5.75 -24.63 7.89
C LYS B 309 4.50 -24.55 7.03
N VAL B 310 3.48 -25.33 7.40
CA VAL B 310 2.26 -25.34 6.64
C VAL B 310 1.17 -24.81 7.56
N VAL B 311 0.26 -24.02 7.00
CA VAL B 311 -0.83 -23.45 7.77
C VAL B 311 -2.16 -23.62 7.05
N ASP B 312 -3.20 -23.93 7.82
CA ASP B 312 -4.53 -24.00 7.26
C ASP B 312 -5.35 -22.82 7.78
N ILE B 313 -6.04 -22.16 6.86
CA ILE B 313 -6.84 -21.00 7.20
C ILE B 313 -8.30 -21.31 6.91
N PRO B 314 -9.10 -21.42 7.97
CA PRO B 314 -10.47 -21.89 7.80
C PRO B 314 -11.34 -20.86 7.08
N CYS B 315 -12.25 -21.37 6.25
CA CYS B 315 -13.31 -20.58 5.66
C CYS B 315 -14.41 -21.54 5.21
N ARG B 316 -15.50 -21.56 5.97
CA ARG B 316 -16.59 -22.48 5.70
C ARG B 316 -17.88 -21.69 5.60
N ALA B 317 -18.60 -21.87 4.49
CA ALA B 317 -19.83 -21.14 4.29
C ALA B 317 -20.96 -22.06 3.82
N LYS B 318 -22.18 -21.70 4.17
CA LYS B 318 -23.35 -22.41 3.71
C LYS B 318 -24.18 -21.50 2.82
N GLY B 319 -24.95 -22.09 1.92
CA GLY B 319 -25.83 -21.32 1.06
C GLY B 319 -26.55 -22.17 0.04
N VAL B 320 -27.63 -21.63 -0.51
CA VAL B 320 -28.32 -22.26 -1.61
C VAL B 320 -28.41 -21.28 -2.77
N PRO B 321 -27.71 -21.56 -3.89
CA PRO B 321 -26.84 -22.72 -4.15
C PRO B 321 -25.58 -22.67 -3.30
N PRO B 322 -24.88 -23.82 -3.13
CA PRO B 322 -23.64 -23.84 -2.36
C PRO B 322 -22.65 -22.81 -2.88
N PRO B 323 -22.16 -21.94 -1.99
CA PRO B 323 -21.34 -20.78 -2.37
C PRO B 323 -19.96 -21.16 -2.88
N SER B 324 -19.44 -20.38 -3.83
CA SER B 324 -18.07 -20.53 -4.29
C SER B 324 -17.16 -19.74 -3.36
N ILE B 325 -15.90 -20.18 -3.25
CA ILE B 325 -14.98 -19.55 -2.32
C ILE B 325 -13.78 -18.98 -3.06
N THR B 326 -13.49 -17.71 -2.82
CA THR B 326 -12.39 -17.05 -3.49
C THR B 326 -11.47 -16.39 -2.47
N TRP B 327 -10.17 -16.61 -2.62
CA TRP B 327 -9.20 -16.08 -1.67
C TRP B 327 -8.44 -14.89 -2.21
N TYR B 328 -8.27 -13.90 -1.33
CA TYR B 328 -7.47 -12.72 -1.64
C TYR B 328 -6.34 -12.55 -0.65
N LYS B 329 -5.19 -12.13 -1.16
CA LYS B 329 -4.07 -11.74 -0.33
C LYS B 329 -3.85 -10.24 -0.53
N ASP B 330 -4.11 -9.47 0.52
CA ASP B 330 -4.08 -8.01 0.46
C ASP B 330 -4.81 -7.47 -0.77
N ALA B 331 -6.08 -7.85 -0.90
CA ALA B 331 -6.95 -7.39 -1.98
C ALA B 331 -6.51 -7.86 -3.36
N ALA B 332 -5.54 -8.78 -3.39
CA ALA B 332 -5.09 -9.35 -4.65
C ALA B 332 -5.56 -10.79 -4.75
N LEU B 333 -6.11 -11.15 -5.90
CA LEU B 333 -6.60 -12.50 -6.12
C LEU B 333 -5.50 -13.55 -5.92
N VAL B 334 -5.76 -14.53 -5.08
CA VAL B 334 -4.80 -15.62 -4.86
C VAL B 334 -4.95 -16.69 -5.95
N GLU B 335 -3.87 -16.98 -6.65
CA GLU B 335 -3.92 -18.04 -7.66
C GLU B 335 -3.51 -19.39 -7.09
N VAL B 336 -4.47 -20.32 -7.13
CA VAL B 336 -4.34 -21.63 -6.50
C VAL B 336 -4.19 -22.72 -7.56
N THR B 340 2.21 -25.06 -6.94
CA THR B 340 2.10 -23.83 -6.17
C THR B 340 1.98 -24.13 -4.68
N ARG B 341 2.44 -23.21 -3.83
CA ARG B 341 2.37 -23.41 -2.39
C ARG B 341 0.95 -23.23 -1.84
N PHE B 342 0.03 -22.86 -2.71
CA PHE B 342 -1.33 -22.56 -2.29
C PHE B 342 -2.31 -23.62 -2.77
N LYS B 343 -2.95 -24.30 -1.81
CA LYS B 343 -3.97 -25.27 -2.14
C LYS B 343 -5.27 -24.86 -1.47
N GLN B 344 -6.38 -24.96 -2.19
CA GLN B 344 -7.67 -24.63 -1.60
C GLN B 344 -8.40 -25.91 -1.28
N ARG B 345 -8.70 -26.11 0.00
CA ARG B 345 -9.35 -27.33 0.44
C ARG B 345 -10.79 -27.40 -0.04
N SER B 346 -11.36 -28.60 0.01
CA SER B 346 -12.75 -28.79 -0.39
C SER B 346 -13.69 -28.00 0.52
N ASP B 347 -13.37 -27.97 1.80
CA ASP B 347 -14.20 -27.29 2.79
C ASP B 347 -14.11 -25.76 2.72
N GLY B 348 -13.26 -25.25 1.82
CA GLY B 348 -13.14 -23.83 1.60
C GLY B 348 -11.85 -23.25 2.11
N GLY B 349 -11.22 -23.96 3.05
CA GLY B 349 -10.01 -23.48 3.69
C GLY B 349 -8.86 -23.34 2.71
N LEU B 350 -7.95 -22.43 3.01
CA LEU B 350 -6.76 -22.24 2.20
C LEU B 350 -5.59 -22.86 2.95
N GLN B 351 -4.85 -23.74 2.29
CA GLN B 351 -3.70 -24.33 2.95
C GLN B 351 -2.44 -23.84 2.26
N ILE B 352 -1.59 -23.17 3.04
CA ILE B 352 -0.36 -22.62 2.53
C ILE B 352 0.81 -23.41 3.12
N SER B 353 1.65 -23.97 2.26
CA SER B 353 2.82 -24.72 2.73
C SER B 353 4.08 -24.01 2.29
N GLY B 354 5.19 -24.34 2.94
CA GLY B 354 6.45 -23.68 2.64
C GLY B 354 6.34 -22.19 2.89
N LEU B 355 5.81 -21.82 4.05
CA LEU B 355 5.52 -20.42 4.37
C LEU B 355 6.71 -19.49 4.24
N LEU B 356 6.54 -18.47 3.41
CA LEU B 356 7.52 -17.41 3.26
C LEU B 356 7.10 -16.22 4.13
N PRO B 357 8.07 -15.41 4.55
CA PRO B 357 7.76 -14.19 5.29
C PRO B 357 6.91 -13.23 4.45
N ASP B 358 7.01 -13.38 3.12
CA ASP B 358 6.27 -12.53 2.20
C ASP B 358 4.77 -12.86 2.21
N ASP B 359 4.42 -13.97 2.83
CA ASP B 359 3.02 -14.41 2.90
C ASP B 359 2.28 -13.68 4.02
N THR B 360 3.03 -12.97 4.84
CA THR B 360 2.46 -12.10 5.87
C THR B 360 1.50 -11.10 5.24
N GLY B 361 0.47 -10.70 5.98
CA GLY B 361 -0.49 -9.73 5.48
C GLY B 361 -1.92 -10.21 5.64
N MET B 362 -2.84 -9.53 4.97
CA MET B 362 -4.25 -9.89 5.08
C MET B 362 -4.63 -10.99 4.09
N LEU B 363 -5.22 -12.07 4.62
CA LEU B 363 -5.86 -13.07 3.79
C LEU B 363 -7.36 -12.95 3.96
N GLN B 364 -8.06 -12.82 2.84
CA GLN B 364 -9.47 -12.50 2.85
C GLN B 364 -10.25 -13.44 1.96
N CYS B 365 -11.38 -13.91 2.48
CA CYS B 365 -12.16 -14.94 1.81
C CYS B 365 -13.53 -14.42 1.45
N PHE B 366 -13.91 -14.55 0.18
CA PHE B 366 -15.27 -14.22 -0.24
C PHE B 366 -16.10 -15.47 -0.53
N ALA B 367 -17.28 -15.55 0.06
CA ALA B 367 -18.24 -16.61 -0.25
C ALA B 367 -19.35 -16.05 -1.12
N HIS B 368 -19.51 -16.60 -2.32
CA HIS B 368 -20.46 -16.04 -3.28
C HIS B 368 -21.43 -17.02 -3.95
N ASN B 369 -22.63 -16.52 -4.23
CA ASN B 369 -23.68 -17.27 -4.93
C ASN B 369 -24.66 -16.24 -5.50
N ALA B 370 -25.60 -16.71 -6.33
CA ALA B 370 -26.60 -15.84 -6.94
C ALA B 370 -27.40 -14.97 -5.97
N ALA B 371 -27.43 -15.33 -4.69
CA ALA B 371 -28.26 -14.61 -3.73
C ALA B 371 -27.49 -13.58 -2.91
N GLY B 372 -26.16 -13.61 -3.01
CA GLY B 372 -25.35 -12.65 -2.27
C GLY B 372 -23.89 -13.06 -2.09
N GLU B 373 -23.16 -12.24 -1.35
CA GLU B 373 -21.76 -12.53 -1.06
C GLU B 373 -21.38 -12.10 0.35
N ALA B 374 -20.48 -12.85 0.97
CA ALA B 374 -19.99 -12.52 2.29
C ALA B 374 -18.48 -12.58 2.33
N GLN B 375 -17.87 -11.84 3.25
CA GLN B 375 -16.42 -11.79 3.33
C GLN B 375 -15.96 -11.93 4.78
N THR B 376 -14.79 -12.54 4.94
CA THR B 376 -14.19 -12.73 6.24
C THR B 376 -12.68 -12.67 6.02
N SER B 377 -11.92 -12.30 7.05
CA SER B 377 -10.49 -12.12 6.86
C SER B 377 -9.67 -12.36 8.12
N THR B 378 -8.36 -12.37 7.94
CA THR B 378 -7.43 -12.66 9.01
C THR B 378 -6.07 -12.06 8.71
N TYR B 379 -5.32 -11.75 9.76
CA TYR B 379 -3.93 -11.34 9.57
C TYR B 379 -3.03 -12.54 9.81
N LEU B 380 -2.27 -12.91 8.80
CA LEU B 380 -1.34 -14.03 8.92
C LEU B 380 0.05 -13.49 9.24
N ALA B 381 0.61 -13.91 10.36
CA ALA B 381 1.95 -13.48 10.74
C ALA B 381 2.90 -14.65 10.66
N VAL B 382 3.96 -14.50 9.87
CA VAL B 382 4.99 -15.52 9.75
C VAL B 382 6.17 -15.24 10.66
N THR B 383 6.45 -16.19 11.56
CA THR B 383 7.54 -16.04 12.51
C THR B 383 8.86 -16.43 11.84
N SER B 384 9.97 -15.88 12.33
CA SER B 384 11.29 -16.29 11.89
C SER B 384 12.29 -16.09 13.02
N GLN C 6 61.08 -4.04 -10.55
CA GLN C 6 60.11 -2.94 -10.47
C GLN C 6 60.61 -1.70 -11.19
N ASP C 7 61.19 -1.89 -12.37
CA ASP C 7 61.75 -0.80 -13.16
C ASP C 7 60.81 0.26 -13.76
N ASP C 8 59.74 -0.15 -14.45
CA ASP C 8 59.03 0.85 -15.25
C ASP C 8 57.50 0.90 -15.29
N VAL C 9 56.84 0.86 -14.15
CA VAL C 9 55.40 1.09 -14.17
C VAL C 9 55.14 2.61 -14.15
N PRO C 10 54.52 3.13 -15.23
CA PRO C 10 54.26 4.57 -15.28
C PRO C 10 53.22 4.97 -14.24
N PRO C 11 53.12 6.28 -13.94
CA PRO C 11 52.13 6.71 -12.95
C PRO C 11 50.69 6.49 -13.42
N TYR C 12 49.82 6.20 -12.47
CA TYR C 12 48.38 6.21 -12.70
C TYR C 12 47.67 6.55 -11.40
N PHE C 13 46.38 6.81 -11.47
CA PHE C 13 45.61 7.12 -10.28
C PHE C 13 44.80 5.93 -9.81
N LYS C 14 45.00 5.58 -8.54
CA LYS C 14 44.22 4.52 -7.92
C LYS C 14 42.78 5.00 -7.79
N THR C 15 42.64 6.22 -7.25
CA THR C 15 41.34 6.88 -7.11
C THR C 15 41.49 8.36 -7.47
N GLU C 16 40.38 8.96 -7.89
CA GLU C 16 40.33 10.39 -8.22
C GLU C 16 39.70 11.18 -7.07
N PRO C 17 40.05 12.47 -6.94
CA PRO C 17 39.46 13.24 -5.84
C PRO C 17 38.02 13.61 -6.16
N VAL C 18 37.22 13.92 -5.14
CA VAL C 18 35.84 14.34 -5.36
C VAL C 18 35.87 15.64 -6.16
N ARG C 19 34.83 15.88 -6.96
CA ARG C 19 34.82 17.01 -7.88
C ARG C 19 34.68 18.33 -7.13
N THR C 20 33.88 18.32 -6.06
CA THR C 20 33.71 19.50 -5.21
C THR C 20 33.63 19.03 -3.75
N GLN C 21 34.17 19.84 -2.84
CA GLN C 21 34.11 19.52 -1.42
C GLN C 21 34.04 20.77 -0.55
N VAL C 22 33.07 20.78 0.37
CA VAL C 22 32.90 21.87 1.31
C VAL C 22 33.53 21.54 2.66
N ARG C 23 34.35 22.46 3.17
CA ARG C 23 34.98 22.26 4.48
C ARG C 23 34.82 23.53 5.28
N LEU C 24 34.75 23.42 6.60
CA LEU C 24 34.49 24.58 7.45
C LEU C 24 35.72 25.47 7.53
N GLU C 25 35.50 26.77 7.61
CA GLU C 25 36.57 27.76 7.75
C GLU C 25 37.43 27.48 8.98
N GLY C 26 38.74 27.54 8.82
CA GLY C 26 39.67 27.27 9.90
C GLY C 26 39.99 25.81 10.15
N SER C 27 39.36 24.91 9.40
CA SER C 27 39.62 23.47 9.56
C SER C 27 40.92 23.06 8.88
N ARG C 28 41.40 21.87 9.18
CA ARG C 28 42.62 21.39 8.56
C ARG C 28 42.26 20.50 7.36
N LEU C 29 42.80 20.86 6.20
CA LEU C 29 42.47 20.19 4.95
C LEU C 29 43.66 19.46 4.37
N VAL C 30 43.48 18.18 4.06
CA VAL C 30 44.55 17.39 3.47
C VAL C 30 44.14 16.84 2.10
N LEU C 31 44.63 17.47 1.05
CA LEU C 31 44.39 17.01 -0.31
C LEU C 31 45.40 15.90 -0.61
N THR C 32 45.00 14.91 -1.39
CA THR C 32 45.89 13.77 -1.64
C THR C 32 46.03 13.47 -3.12
N CYS C 33 47.20 12.97 -3.49
CA CYS C 33 47.46 12.52 -4.85
C CYS C 33 47.58 11.01 -4.84
N MET C 34 46.46 10.34 -5.04
CA MET C 34 46.38 8.89 -4.88
C MET C 34 46.96 8.19 -6.10
N ALA C 35 48.26 8.32 -6.27
CA ALA C 35 48.93 7.79 -7.44
C ALA C 35 49.70 6.50 -7.13
N GLU C 36 49.87 5.69 -8.17
CA GLU C 36 50.64 4.47 -8.07
C GLU C 36 51.65 4.51 -9.19
N GLY C 37 52.64 3.65 -9.14
CA GLY C 37 53.66 3.63 -10.17
C GLY C 37 55.02 3.33 -9.56
N SER C 38 55.98 2.99 -10.40
CA SER C 38 57.29 2.60 -9.90
C SER C 38 57.96 3.73 -9.13
N TRP C 39 58.53 3.38 -7.98
CA TRP C 39 59.20 4.32 -7.10
C TRP C 39 60.55 4.73 -7.67
N PRO C 40 60.97 5.98 -7.44
CA PRO C 40 60.31 7.01 -6.62
C PRO C 40 59.29 7.87 -7.35
N LEU C 41 58.17 8.10 -6.69
CA LEU C 41 57.08 8.92 -7.22
C LEU C 41 57.17 10.34 -6.67
N GLU C 42 57.11 11.33 -7.57
CA GLU C 42 57.19 12.75 -7.17
C GLU C 42 55.92 13.54 -7.47
N PHE C 43 55.59 14.45 -6.55
CA PHE C 43 54.31 15.15 -6.62
C PHE C 43 54.46 16.67 -6.53
N LYS C 44 53.63 17.38 -7.28
CA LYS C 44 53.62 18.84 -7.27
C LYS C 44 52.17 19.30 -7.42
N TRP C 45 51.84 20.42 -6.81
CA TRP C 45 50.44 20.83 -6.73
C TRP C 45 50.15 22.14 -7.45
N LEU C 46 48.97 22.23 -8.04
CA LEU C 46 48.53 23.46 -8.69
C LEU C 46 47.29 23.99 -8.00
N HIS C 47 47.21 25.31 -7.84
CA HIS C 47 45.99 25.94 -7.38
C HIS C 47 45.55 26.98 -8.40
N ASN C 48 44.38 26.77 -9.00
CA ASN C 48 43.88 27.58 -10.12
C ASN C 48 44.87 27.70 -11.27
N ASN C 49 45.53 26.58 -11.59
CA ASN C 49 46.49 26.49 -12.70
C ASN C 49 47.75 27.32 -12.50
N ARG C 50 48.12 27.57 -11.24
CA ARG C 50 49.38 28.22 -10.95
C ARG C 50 50.21 27.29 -10.06
N GLU C 51 51.50 27.16 -10.35
CA GLU C 51 52.36 26.26 -9.60
C GLU C 51 52.32 26.66 -8.13
N LEU C 52 52.07 25.68 -7.27
CA LEU C 52 51.93 25.95 -5.85
C LEU C 52 53.15 25.45 -5.07
N THR C 53 53.63 24.27 -5.43
CA THR C 53 54.78 23.67 -4.76
C THR C 53 55.74 23.11 -5.79
N ARG C 54 56.94 22.78 -5.35
CA ARG C 54 57.88 22.05 -6.20
C ARG C 54 57.70 20.57 -5.93
N PHE C 55 58.25 19.73 -6.80
CA PHE C 55 58.12 18.29 -6.67
C PHE C 55 58.59 17.78 -5.32
N SER C 56 57.83 16.84 -4.77
CA SER C 56 58.10 16.29 -3.45
C SER C 56 57.78 14.82 -3.43
N LEU C 57 58.39 14.08 -2.50
CA LEU C 57 58.06 12.67 -2.32
C LEU C 57 56.75 12.53 -1.55
N GLU C 58 56.31 13.63 -0.94
CA GLU C 58 55.08 13.64 -0.16
C GLU C 58 53.86 13.72 -1.09
N TYR C 59 52.92 12.79 -0.89
CA TYR C 59 51.76 12.67 -1.76
C TYR C 59 50.60 13.52 -1.25
N ARG C 60 50.80 14.14 -0.09
CA ARG C 60 49.78 14.95 0.54
C ARG C 60 50.13 16.43 0.50
N TYR C 61 49.11 17.27 0.35
CA TYR C 61 49.25 18.71 0.48
C TYR C 61 48.40 19.17 1.65
N MET C 62 49.01 19.83 2.62
CA MET C 62 48.28 20.15 3.83
C MET C 62 47.95 21.63 3.99
N ILE C 63 46.67 21.92 4.19
CA ILE C 63 46.27 23.26 4.57
C ILE C 63 45.88 23.15 6.03
N THR C 64 46.73 23.74 6.87
CA THR C 64 46.62 23.69 8.32
C THR C 64 45.35 24.38 8.83
N SER C 65 45.08 25.57 8.29
CA SER C 65 43.89 26.32 8.64
C SER C 65 43.25 26.86 7.37
N LEU C 66 42.00 26.47 7.14
CA LEU C 66 41.31 26.79 5.90
C LEU C 66 40.66 28.16 5.92
N ASP C 67 41.03 29.00 4.96
CA ASP C 67 40.38 30.30 4.78
C ASP C 67 39.89 30.48 3.35
N ARG C 68 39.20 31.60 3.10
CA ARG C 68 38.52 31.83 1.84
C ARG C 68 39.43 32.21 0.66
N THR C 69 40.63 32.67 0.94
CA THR C 69 41.60 32.94 -0.14
C THR C 69 42.14 31.64 -0.72
N HIS C 70 42.19 30.61 0.12
CA HIS C 70 42.76 29.31 -0.25
C HIS C 70 41.73 28.37 -0.84
N ALA C 71 40.52 28.87 -1.06
CA ALA C 71 39.51 28.12 -1.79
C ALA C 71 39.88 28.05 -3.26
N GLY C 72 39.14 27.26 -4.02
CA GLY C 72 39.39 27.19 -5.44
C GLY C 72 39.72 25.79 -5.91
N PHE C 73 40.34 25.71 -7.08
CA PHE C 73 40.63 24.43 -7.71
C PHE C 73 42.06 23.95 -7.42
N TYR C 74 42.18 22.69 -7.05
CA TYR C 74 43.46 22.08 -6.75
C TYR C 74 43.62 20.84 -7.62
N ARG C 75 44.84 20.58 -8.05
CA ARG C 75 45.14 19.37 -8.78
C ARG C 75 46.63 19.10 -8.62
N CYS C 76 47.01 17.83 -8.61
CA CYS C 76 48.43 17.51 -8.52
C CYS C 76 48.97 16.99 -9.83
N ILE C 77 50.28 17.08 -9.99
CA ILE C 77 50.96 16.39 -11.07
C ILE C 77 51.85 15.33 -10.44
N VAL C 78 51.81 14.12 -11.00
CA VAL C 78 52.63 13.05 -10.49
C VAL C 78 53.57 12.56 -11.58
N ARG C 79 54.81 12.33 -11.20
CA ARG C 79 55.77 11.83 -12.16
C ARG C 79 56.66 10.74 -11.56
N ASN C 80 57.29 9.98 -12.44
CA ASN C 80 58.36 9.05 -12.10
C ASN C 80 59.30 8.94 -13.29
N ARG C 81 60.14 7.91 -13.35
CA ARG C 81 61.09 7.80 -14.45
C ARG C 81 60.39 7.85 -15.82
N MET C 82 59.16 7.36 -15.84
CA MET C 82 58.42 7.15 -17.09
C MET C 82 57.76 8.38 -17.72
N GLY C 83 57.23 9.28 -16.90
CA GLY C 83 56.46 10.40 -17.40
C GLY C 83 55.60 11.02 -16.33
N ALA C 84 54.61 11.82 -16.71
CA ALA C 84 53.79 12.52 -15.74
C ALA C 84 52.31 12.55 -16.09
N LEU C 85 51.46 12.63 -15.06
CA LEU C 85 50.01 12.77 -15.26
C LEU C 85 49.40 13.98 -14.57
N LEU C 86 48.33 14.49 -15.17
CA LEU C 86 47.55 15.57 -14.60
C LEU C 86 46.38 14.99 -13.84
N GLN C 87 46.25 15.37 -12.57
CA GLN C 87 45.14 14.87 -11.76
C GLN C 87 43.87 15.58 -12.21
N ARG C 88 42.73 14.90 -12.08
CA ARG C 88 41.46 15.57 -12.24
C ARG C 88 41.42 16.61 -11.14
N GLN C 89 40.89 17.80 -11.43
CA GLN C 89 40.91 18.84 -10.41
C GLN C 89 39.79 18.66 -9.41
N THR C 90 40.01 19.17 -8.20
CA THR C 90 38.99 19.16 -7.17
C THR C 90 38.74 20.60 -6.76
N GLU C 91 37.48 20.95 -6.51
CA GLU C 91 37.17 22.30 -6.08
C GLU C 91 36.90 22.35 -4.58
N VAL C 92 37.72 23.08 -3.86
CA VAL C 92 37.53 23.28 -2.43
C VAL C 92 36.69 24.52 -2.21
N GLN C 93 35.55 24.35 -1.53
CA GLN C 93 34.65 25.46 -1.29
C GLN C 93 34.61 25.76 0.20
N VAL C 94 34.85 27.01 0.57
CA VAL C 94 34.88 27.40 1.97
C VAL C 94 33.51 27.87 2.43
N ALA C 95 32.94 27.14 3.40
CA ALA C 95 31.65 27.50 3.98
C ALA C 95 31.78 28.72 4.89
N TYR C 96 30.76 29.57 4.83
CA TYR C 96 30.75 30.82 5.59
C TYR C 96 29.37 31.45 5.59
N MET C 97 29.16 32.34 6.55
CA MET C 97 28.01 33.25 6.51
C MET C 97 28.39 34.54 7.22
N GLY C 98 28.10 35.65 6.55
CA GLY C 98 28.33 36.95 7.14
C GLY C 98 27.11 37.30 7.94
N SER C 99 26.65 38.54 7.78
CA SER C 99 25.47 39.02 8.49
C SER C 99 24.64 39.81 7.50
N PHE C 100 23.38 40.06 7.83
CA PHE C 100 22.47 40.73 6.91
C PHE C 100 22.95 42.14 6.64
N GLU C 101 23.15 42.46 5.37
CA GLU C 101 23.74 43.72 4.97
C GLU C 101 22.68 44.81 4.82
N GLU C 102 21.52 44.42 4.30
CA GLU C 102 20.44 45.35 4.07
C GLU C 102 19.89 45.89 5.39
N GLY C 103 19.14 46.97 5.33
CA GLY C 103 18.53 47.56 6.50
C GLY C 103 17.03 47.35 6.49
N GLU C 104 16.32 48.11 7.32
CA GLU C 104 14.87 48.04 7.34
C GLU C 104 14.35 48.43 5.97
N LYS C 105 13.21 47.86 5.58
CA LYS C 105 12.60 48.23 4.32
C LYS C 105 11.11 48.46 4.50
N ARG C 106 10.54 49.33 3.68
CA ARG C 106 9.11 49.57 3.72
C ARG C 106 8.51 49.26 2.35
N GLN C 107 7.38 48.57 2.37
CA GLN C 107 6.77 48.05 1.15
C GLN C 107 5.25 48.19 1.21
N SER C 108 4.62 48.45 0.06
CA SER C 108 3.17 48.60 0.03
C SER C 108 2.51 47.73 -1.03
N VAL C 109 1.23 47.42 -0.82
CA VAL C 109 0.45 46.65 -1.76
C VAL C 109 -0.99 47.12 -1.66
N ASN C 110 -1.70 47.15 -2.78
CA ASN C 110 -3.11 47.51 -2.77
C ASN C 110 -3.94 46.32 -2.32
N HIS C 111 -4.95 46.58 -1.49
CA HIS C 111 -5.82 45.53 -0.96
C HIS C 111 -6.30 44.53 -2.00
N GLY C 112 -6.18 43.25 -1.69
CA GLY C 112 -6.60 42.21 -2.60
C GLY C 112 -5.54 41.81 -3.62
N GLU C 113 -4.51 42.65 -3.75
CA GLU C 113 -3.42 42.36 -4.66
C GLU C 113 -2.37 41.55 -3.90
N ALA C 114 -1.35 41.07 -4.59
CA ALA C 114 -0.35 40.23 -3.95
C ALA C 114 0.93 40.96 -3.59
N ALA C 115 1.38 40.73 -2.36
CA ALA C 115 2.62 41.31 -1.88
C ALA C 115 3.78 40.38 -2.19
N VAL C 116 4.78 40.88 -2.91
CA VAL C 116 5.96 40.08 -3.23
C VAL C 116 7.16 40.66 -2.51
N ILE C 117 7.63 39.93 -1.50
CA ILE C 117 8.74 40.37 -0.67
C ILE C 117 9.98 39.50 -0.81
N ARG C 118 11.01 40.01 -1.50
CA ARG C 118 12.27 39.29 -1.60
C ARG C 118 12.88 39.13 -0.20
N ALA C 119 13.55 38.01 0.02
CA ALA C 119 14.24 37.78 1.28
C ALA C 119 15.45 38.68 1.36
N PRO C 120 15.72 39.23 2.54
CA PRO C 120 16.94 40.02 2.78
C PRO C 120 18.18 39.26 2.33
N ARG C 121 19.07 39.93 1.60
CA ARG C 121 20.26 39.27 1.06
C ARG C 121 21.30 39.06 2.17
N ILE C 122 21.89 37.87 2.22
CA ILE C 122 22.99 37.60 3.14
C ILE C 122 24.07 36.74 2.49
N SER C 123 25.33 37.12 2.72
CA SER C 123 26.46 36.36 2.18
C SER C 123 26.57 35.02 2.87
N SER C 124 26.65 33.94 2.08
CA SER C 124 26.68 32.60 2.64
C SER C 124 27.07 31.53 1.62
N PHE C 125 27.84 30.54 2.07
CA PHE C 125 27.97 29.31 1.33
C PHE C 125 27.92 28.14 2.31
N PRO C 126 27.08 27.14 2.00
CA PRO C 126 26.13 27.13 0.88
C PRO C 126 25.00 28.12 1.10
N ARG C 127 24.08 28.23 0.14
CA ARG C 127 22.95 29.14 0.32
C ARG C 127 22.17 28.66 1.53
N PRO C 128 21.80 29.61 2.41
CA PRO C 128 21.24 29.29 3.73
C PRO C 128 19.80 28.80 3.70
N GLN C 129 19.40 28.14 4.78
CA GLN C 129 18.00 27.81 4.98
C GLN C 129 17.29 29.05 5.49
N VAL C 130 16.26 29.48 4.76
CA VAL C 130 15.57 30.72 5.10
C VAL C 130 14.16 30.44 5.59
N THR C 131 13.84 30.96 6.78
CA THR C 131 12.49 30.85 7.33
C THR C 131 11.90 32.24 7.57
N TRP C 132 10.65 32.43 7.17
CA TRP C 132 9.98 33.72 7.37
C TRP C 132 9.25 33.77 8.71
N PHE C 133 9.31 34.93 9.35
CA PHE C 133 8.67 35.15 10.65
C PHE C 133 7.83 36.42 10.62
N ARG C 134 6.78 36.44 11.42
CA ARG C 134 6.03 37.67 11.68
C ARG C 134 5.50 37.62 13.10
N ASP C 135 5.82 38.64 13.90
CA ASP C 135 5.39 38.72 15.29
C ASP C 135 5.92 37.52 16.08
N GLY C 136 7.14 37.10 15.77
CA GLY C 136 7.79 36.01 16.47
C GLY C 136 7.29 34.62 16.14
N ARG C 137 6.30 34.52 15.26
CA ARG C 137 5.76 33.22 14.84
C ARG C 137 6.17 32.89 13.41
N LYS C 138 6.53 31.63 13.17
CA LYS C 138 6.98 31.18 11.86
C LYS C 138 5.86 31.21 10.82
N ILE C 139 6.22 31.60 9.59
CA ILE C 139 5.26 31.69 8.49
C ILE C 139 5.43 30.55 7.48
N PRO C 140 4.55 29.53 7.56
CA PRO C 140 4.60 28.40 6.64
C PRO C 140 3.82 28.64 5.35
N PRO C 141 4.12 27.88 4.28
CA PRO C 141 3.34 27.97 3.04
C PRO C 141 1.88 27.61 3.30
N SER C 142 0.96 28.24 2.57
CA SER C 142 -0.47 28.03 2.78
C SER C 142 -1.27 28.27 1.49
N SER C 143 -2.60 28.22 1.58
CA SER C 143 -3.45 28.48 0.41
C SER C 143 -3.18 29.88 -0.17
N ARG C 144 -2.90 30.83 0.72
CA ARG C 144 -2.66 32.23 0.35
C ARG C 144 -1.26 32.76 0.64
N ILE C 145 -0.39 31.90 1.17
CA ILE C 145 0.99 32.28 1.42
C ILE C 145 1.91 31.31 0.71
N ALA C 146 2.65 31.83 -0.26
CA ALA C 146 3.60 31.04 -1.02
C ALA C 146 5.02 31.42 -0.65
N ILE C 147 5.93 30.45 -0.70
CA ILE C 147 7.35 30.71 -0.58
C ILE C 147 8.10 30.09 -1.75
N THR C 148 8.80 30.93 -2.51
CA THR C 148 9.43 30.52 -3.75
C THR C 148 10.78 29.88 -3.51
N LEU C 149 11.32 29.26 -4.56
CA LEU C 149 12.64 28.63 -4.50
C LEU C 149 13.76 29.60 -4.16
N GLU C 150 13.53 30.89 -4.35
CA GLU C 150 14.51 31.91 -4.02
C GLU C 150 14.16 32.60 -2.71
N ASN C 151 13.30 31.94 -1.93
CA ASN C 151 12.90 32.39 -0.60
C ASN C 151 12.13 33.70 -0.62
N THR C 152 11.50 34.00 -1.75
CA THR C 152 10.60 35.14 -1.85
C THR C 152 9.26 34.79 -1.23
N LEU C 153 8.79 35.62 -0.31
CA LEU C 153 7.47 35.45 0.28
C LEU C 153 6.42 36.09 -0.60
N VAL C 154 5.38 35.34 -0.96
CA VAL C 154 4.30 35.89 -1.76
C VAL C 154 2.95 35.69 -1.06
N ILE C 155 2.35 36.80 -0.64
CA ILE C 155 1.06 36.77 0.03
C ILE C 155 -0.09 37.02 -0.93
N LEU C 156 -0.91 35.99 -1.14
CA LEU C 156 -2.01 36.09 -2.09
C LEU C 156 -3.21 36.82 -1.51
N SER C 157 -3.91 37.56 -2.36
CA SER C 157 -5.12 38.31 -1.98
C SER C 157 -4.98 38.99 -0.62
N THR C 158 -4.11 39.99 -0.54
CA THR C 158 -3.79 40.63 0.74
C THR C 158 -5.01 41.28 1.38
N VAL C 159 -5.06 41.24 2.70
CA VAL C 159 -6.11 41.87 3.47
C VAL C 159 -5.47 42.72 4.56
N ALA C 160 -6.29 43.42 5.33
CA ALA C 160 -5.79 44.34 6.36
C ALA C 160 -4.85 43.68 7.38
N PRO C 161 -5.20 42.49 7.91
CA PRO C 161 -4.29 41.88 8.89
C PRO C 161 -2.89 41.56 8.36
N ASP C 162 -2.71 41.47 7.04
CA ASP C 162 -1.40 41.17 6.46
C ASP C 162 -0.42 42.33 6.46
N ALA C 163 -0.47 43.17 7.48
CA ALA C 163 0.39 44.35 7.49
C ALA C 163 1.09 44.41 8.82
N GLY C 164 2.41 44.57 8.77
CA GLY C 164 3.22 44.51 9.97
C GLY C 164 4.66 44.28 9.62
N ARG C 165 5.41 43.71 10.55
CA ARG C 165 6.83 43.53 10.36
C ARG C 165 7.15 42.11 9.91
N TYR C 166 7.77 41.99 8.74
CA TYR C 166 8.19 40.69 8.21
C TYR C 166 9.70 40.63 8.13
N TYR C 167 10.26 39.53 8.62
CA TYR C 167 11.70 39.33 8.60
C TYR C 167 12.00 37.85 8.39
N VAL C 168 13.27 37.54 8.17
CA VAL C 168 13.68 36.15 7.99
C VAL C 168 14.74 35.73 8.99
N GLN C 169 14.87 34.42 9.13
CA GLN C 169 15.98 33.82 9.86
C GLN C 169 16.81 33.01 8.88
N ALA C 170 18.11 33.23 8.87
CA ALA C 170 18.98 32.49 7.97
C ALA C 170 19.85 31.49 8.73
N VAL C 171 19.82 30.24 8.29
CA VAL C 171 20.65 29.21 8.91
C VAL C 171 21.58 28.55 7.89
N ASN C 172 22.87 28.59 8.19
CA ASN C 172 23.87 27.90 7.38
C ASN C 172 24.05 26.51 7.95
N ASP C 173 23.62 25.49 7.20
CA ASP C 173 23.59 24.13 7.74
C ASP C 173 24.99 23.53 7.93
N LYS C 174 25.99 24.11 7.27
CA LYS C 174 27.35 23.62 7.39
C LYS C 174 28.19 24.21 8.53
N ASN C 175 28.05 25.51 8.82
CA ASN C 175 28.84 26.07 9.92
C ASN C 175 27.98 26.54 11.08
N GLY C 176 26.67 26.31 10.97
CA GLY C 176 25.78 26.56 12.09
C GLY C 176 25.38 28.00 12.38
N ASP C 177 25.90 28.97 11.61
CA ASP C 177 25.53 30.37 11.82
C ASP C 177 24.01 30.54 11.77
N ASN C 178 23.50 31.44 12.59
CA ASN C 178 22.07 31.62 12.75
C ASN C 178 21.85 33.11 13.01
N LYS C 179 21.46 33.82 11.96
CA LYS C 179 21.29 35.28 12.03
C LYS C 179 19.87 35.68 11.66
N THR C 180 19.43 36.81 12.21
CA THR C 180 18.07 37.31 11.96
C THR C 180 18.12 38.67 11.29
N SER C 181 17.35 38.82 10.22
CA SER C 181 17.34 40.03 9.43
C SER C 181 16.58 41.20 10.05
N GLN C 182 16.68 42.35 9.39
CA GLN C 182 15.93 43.53 9.77
C GLN C 182 14.53 43.39 9.21
N PRO C 183 13.54 43.94 9.91
CA PRO C 183 12.17 43.71 9.45
C PRO C 183 11.88 44.39 8.12
N ILE C 184 10.98 43.80 7.35
CA ILE C 184 10.40 44.48 6.21
C ILE C 184 9.00 44.85 6.62
N THR C 185 8.69 46.14 6.59
CA THR C 185 7.37 46.57 7.03
C THR C 185 6.45 46.75 5.84
N LEU C 186 5.32 46.07 5.91
CA LEU C 186 4.35 46.05 4.83
C LEU C 186 3.05 46.75 5.21
N ALA C 187 2.54 47.59 4.33
CA ALA C 187 1.25 48.21 4.58
C ALA C 187 0.23 47.75 3.53
N VAL C 188 -0.96 47.36 4.01
CA VAL C 188 -2.03 46.99 3.12
C VAL C 188 -3.03 48.13 3.14
N GLU C 189 -3.27 48.70 1.97
CA GLU C 189 -4.03 49.92 1.86
C GLU C 189 -5.32 49.65 1.08
N ASN C 190 -6.30 50.56 1.21
CA ASN C 190 -7.66 50.36 0.70
C ASN C 190 -8.34 49.21 1.45
N ASP C 196 -14.02 43.53 -4.46
CA ASP C 196 -14.08 43.37 -5.91
C ASP C 196 -13.24 42.17 -6.36
N PRO C 197 -13.60 41.57 -7.52
CA PRO C 197 -12.90 40.41 -8.10
C PRO C 197 -11.58 40.73 -8.81
N ILE C 198 -10.62 39.81 -8.74
CA ILE C 198 -9.35 39.92 -9.44
C ILE C 198 -9.09 38.72 -10.36
N ALA C 199 -8.87 38.97 -11.64
CA ALA C 199 -8.64 37.92 -12.64
C ALA C 199 -7.36 37.13 -12.38
N PRO C 200 -7.30 35.87 -12.83
CA PRO C 200 -6.10 35.05 -12.57
C PRO C 200 -4.84 35.60 -13.25
N THR C 201 -3.79 35.81 -12.47
CA THR C 201 -2.50 36.24 -13.00
C THR C 201 -1.37 35.39 -12.46
N ILE C 202 -0.32 35.22 -13.26
CA ILE C 202 0.85 34.47 -12.79
C ILE C 202 1.91 35.43 -12.27
N ILE C 203 2.09 35.41 -10.96
CA ILE C 203 3.02 36.31 -10.28
C ILE C 203 4.47 35.85 -10.37
N ILE C 204 4.69 34.58 -10.10
CA ILE C 204 6.02 34.01 -10.17
C ILE C 204 6.02 32.91 -11.22
N PRO C 205 6.44 33.26 -12.45
CA PRO C 205 6.40 32.32 -13.57
C PRO C 205 7.60 31.39 -13.59
N PRO C 206 7.47 30.23 -14.26
CA PRO C 206 8.57 29.28 -14.44
C PRO C 206 9.81 29.92 -15.03
N LYS C 207 10.96 29.57 -14.47
CA LYS C 207 12.24 30.06 -14.93
C LYS C 207 12.89 29.00 -15.78
N ASN C 208 13.60 29.43 -16.83
CA ASN C 208 14.43 28.50 -17.57
C ASN C 208 15.36 27.81 -16.58
N THR C 209 15.37 26.48 -16.59
CA THR C 209 16.10 25.76 -15.56
C THR C 209 17.09 24.79 -16.21
N SER C 210 18.29 24.74 -15.64
CA SER C 210 19.31 23.80 -16.10
C SER C 210 19.62 22.84 -14.96
N VAL C 211 19.96 21.61 -15.30
CA VAL C 211 20.27 20.60 -14.31
C VAL C 211 21.26 19.61 -14.91
N VAL C 212 22.22 19.17 -14.11
CA VAL C 212 23.18 18.19 -14.55
C VAL C 212 22.71 16.78 -14.21
N ALA C 213 22.71 15.90 -15.22
CA ALA C 213 22.33 14.51 -15.03
C ALA C 213 23.11 13.89 -13.88
N GLY C 214 22.39 13.21 -13.00
CA GLY C 214 22.99 12.63 -11.81
C GLY C 214 22.45 13.35 -10.59
N THR C 215 21.92 14.54 -10.80
CA THR C 215 21.24 15.29 -9.75
C THR C 215 19.95 14.56 -9.44
N SER C 216 19.61 14.44 -8.17
CA SER C 216 18.47 13.63 -7.76
C SER C 216 17.12 14.21 -8.19
N GLU C 217 17.07 15.52 -8.35
CA GLU C 217 15.79 16.19 -8.57
C GLU C 217 15.94 17.58 -9.20
N VAL C 218 14.93 18.00 -9.95
CA VAL C 218 14.83 19.37 -10.44
C VAL C 218 13.38 19.85 -10.31
N THR C 219 13.20 21.12 -9.95
CA THR C 219 11.86 21.65 -9.71
C THR C 219 11.56 22.93 -10.48
N MET C 220 10.40 22.96 -11.14
CA MET C 220 9.86 24.18 -11.73
C MET C 220 8.81 24.75 -10.77
N GLU C 221 8.62 26.06 -10.80
CA GLU C 221 7.74 26.69 -9.83
C GLU C 221 6.83 27.74 -10.46
N CYS C 222 5.59 27.78 -9.99
CA CYS C 222 4.60 28.72 -10.52
C CYS C 222 3.59 29.17 -9.47
N VAL C 223 3.68 30.43 -9.06
CA VAL C 223 2.75 30.98 -8.09
C VAL C 223 1.72 31.84 -8.79
N ALA C 224 0.45 31.59 -8.52
CA ALA C 224 -0.64 32.27 -9.20
C ALA C 224 -1.56 32.96 -8.20
N ASN C 225 -2.25 34.00 -8.65
CA ASN C 225 -3.21 34.71 -7.82
C ASN C 225 -4.55 34.80 -8.50
N ALA C 226 -5.62 34.75 -7.71
CA ALA C 226 -6.97 34.95 -8.22
C ALA C 226 -7.94 35.28 -7.10
N ARG C 227 -9.09 35.80 -7.48
CA ARG C 227 -10.19 36.03 -6.54
C ARG C 227 -11.46 35.46 -7.13
N PRO C 228 -12.10 34.52 -6.42
CA PRO C 228 -11.70 33.96 -5.13
C PRO C 228 -10.64 32.85 -5.24
N LEU C 229 -9.66 32.87 -4.33
CA LEU C 229 -8.55 31.92 -4.35
C LEU C 229 -8.99 30.46 -4.37
N ILE C 230 -10.10 30.18 -3.70
CA ILE C 230 -10.59 28.81 -3.58
C ILE C 230 -10.96 28.24 -4.95
N LYS C 231 -11.34 29.13 -5.87
CA LYS C 231 -11.69 28.74 -7.22
C LYS C 231 -10.47 28.68 -8.15
N LEU C 232 -9.31 29.11 -7.65
CA LEU C 232 -8.09 29.11 -8.45
C LEU C 232 -7.51 27.71 -8.58
N HIS C 233 -7.16 27.33 -9.81
CA HIS C 233 -6.63 25.99 -10.07
C HIS C 233 -5.39 26.08 -10.97
N ILE C 234 -4.29 25.50 -10.50
CA ILE C 234 -3.06 25.46 -11.31
C ILE C 234 -2.88 24.11 -11.97
N VAL C 235 -2.71 24.13 -13.29
CA VAL C 235 -2.45 22.90 -14.02
C VAL C 235 -1.08 22.99 -14.69
N TRP C 236 -0.26 21.97 -14.47
CA TRP C 236 1.03 21.90 -15.13
C TRP C 236 0.87 21.06 -16.39
N LYS C 237 1.47 21.51 -17.48
CA LYS C 237 1.45 20.74 -18.71
C LYS C 237 2.83 20.63 -19.32
N LYS C 238 3.18 19.44 -19.79
CA LYS C 238 4.35 19.31 -20.64
C LYS C 238 3.87 18.85 -22.01
N ASP C 239 4.34 19.54 -23.05
CA ASP C 239 3.94 19.24 -24.42
C ASP C 239 2.43 19.15 -24.58
N GLY C 240 1.74 20.11 -23.95
CA GLY C 240 0.30 20.26 -24.10
C GLY C 240 -0.58 19.34 -23.27
N ALA C 241 -0.01 18.25 -22.76
CA ALA C 241 -0.79 17.31 -21.94
C ALA C 241 -0.58 17.57 -20.46
N PRO C 242 -1.68 17.64 -19.69
CA PRO C 242 -1.61 17.91 -18.25
C PRO C 242 -0.85 16.83 -17.51
N LEU C 243 -0.08 17.24 -16.51
CA LEU C 243 0.70 16.32 -15.69
C LEU C 243 -0.09 15.93 -14.45
N SER C 244 -0.21 14.64 -14.20
CA SER C 244 -1.02 14.15 -13.09
C SER C 244 -0.14 13.67 -11.94
N SER C 245 1.17 13.87 -12.07
CA SER C 245 2.11 13.48 -11.02
C SER C 245 3.26 14.48 -10.88
N GLY C 246 3.92 14.46 -9.73
CA GLY C 246 5.10 15.27 -9.51
C GLY C 246 4.80 16.66 -8.99
N ILE C 247 3.54 16.89 -8.63
CA ILE C 247 3.10 18.22 -8.24
C ILE C 247 2.92 18.33 -6.72
N SER C 248 3.38 19.45 -6.16
CA SER C 248 3.36 19.65 -4.71
C SER C 248 3.24 21.12 -4.37
N ASP C 249 3.16 21.41 -3.07
CA ASP C 249 3.22 22.77 -2.56
C ASP C 249 2.08 23.62 -3.11
N TYR C 250 0.85 23.18 -2.88
CA TYR C 250 -0.34 23.87 -3.39
C TYR C 250 -0.31 24.08 -4.90
N ASN C 251 0.13 23.05 -5.62
CA ASN C 251 0.23 23.04 -7.09
C ASN C 251 1.25 24.02 -7.66
N ARG C 252 2.05 24.62 -6.79
CA ARG C 252 2.98 25.65 -7.23
C ARG C 252 4.31 25.04 -7.66
N ARG C 253 4.47 23.73 -7.46
CA ARG C 253 5.72 23.08 -7.80
C ARG C 253 5.56 21.85 -8.66
N LEU C 254 6.47 21.69 -9.62
CA LEU C 254 6.60 20.48 -10.41
C LEU C 254 7.97 19.89 -10.16
N THR C 255 8.02 18.64 -9.71
CA THR C 255 9.29 17.99 -9.41
C THR C 255 9.56 16.87 -10.41
N ILE C 256 10.72 16.91 -11.04
CA ILE C 256 11.12 15.84 -11.95
C ILE C 256 12.28 15.07 -11.33
N ALA C 257 12.00 13.83 -10.95
CA ALA C 257 12.97 13.01 -10.22
C ALA C 257 14.04 12.43 -11.13
N ASN C 258 15.30 12.51 -10.67
CA ASN C 258 16.45 11.99 -11.40
C ASN C 258 16.39 12.33 -12.88
N PRO C 259 16.38 13.64 -13.21
CA PRO C 259 16.19 14.01 -14.61
C PRO C 259 17.32 13.53 -15.52
N THR C 260 16.95 13.20 -16.75
CA THR C 260 17.89 12.86 -17.80
C THR C 260 17.47 13.71 -19.00
N VAL C 261 18.17 13.62 -20.13
CA VAL C 261 17.83 14.44 -21.30
C VAL C 261 16.42 14.15 -21.80
N SER C 262 15.93 12.95 -21.51
CA SER C 262 14.59 12.53 -21.90
C SER C 262 13.55 13.49 -21.33
N ASP C 263 13.92 14.17 -20.25
CA ASP C 263 12.99 15.04 -19.53
C ASP C 263 13.11 16.51 -19.95
N ALA C 264 14.10 16.82 -20.78
CA ALA C 264 14.26 18.19 -21.25
C ALA C 264 13.10 18.57 -22.16
N GLY C 265 12.76 19.85 -22.20
CA GLY C 265 11.66 20.32 -23.01
C GLY C 265 10.92 21.50 -22.39
N TYR C 266 9.79 21.87 -22.99
CA TYR C 266 9.04 23.03 -22.52
C TYR C 266 7.94 22.64 -21.53
N TYR C 267 8.03 23.19 -20.32
CA TYR C 267 7.03 22.94 -19.29
C TYR C 267 6.28 24.23 -19.05
N GLU C 268 4.95 24.18 -19.06
CA GLU C 268 4.19 25.41 -18.86
C GLU C 268 3.19 25.32 -17.71
N CYS C 269 2.89 26.48 -17.15
CA CYS C 269 2.00 26.59 -16.00
C CYS C 269 0.74 27.36 -16.38
N GLU C 270 -0.41 26.78 -16.09
CA GLU C 270 -1.68 27.42 -16.42
C GLU C 270 -2.51 27.74 -15.16
N ALA C 271 -2.77 29.02 -14.97
CA ALA C 271 -3.62 29.49 -13.87
C ALA C 271 -5.04 29.73 -14.39
N MET C 272 -6.02 29.20 -13.67
CA MET C 272 -7.41 29.29 -14.12
C MET C 272 -8.40 29.22 -12.96
N LEU C 273 -9.63 29.66 -13.23
CA LEU C 273 -10.70 29.64 -12.24
C LEU C 273 -11.71 28.54 -12.51
N ARG C 274 -11.98 27.73 -11.49
CA ARG C 274 -12.98 26.69 -11.61
C ARG C 274 -14.35 27.35 -11.63
N SER C 275 -15.29 26.76 -12.35
CA SER C 275 -16.66 27.25 -12.37
C SER C 275 -16.74 28.72 -12.81
N SER C 276 -15.91 29.10 -13.79
CA SER C 276 -15.86 30.48 -14.23
C SER C 276 -15.63 30.61 -15.73
N SER C 277 -16.04 31.74 -16.29
CA SER C 277 -15.89 31.98 -17.73
C SER C 277 -14.63 32.79 -18.07
N VAL C 278 -13.96 33.31 -17.05
CA VAL C 278 -12.77 34.12 -17.24
C VAL C 278 -11.65 33.34 -17.92
N ALA C 279 -10.85 34.03 -18.72
CA ALA C 279 -9.78 33.37 -19.46
C ALA C 279 -8.64 32.97 -18.52
N PRO C 280 -8.09 31.77 -18.75
CA PRO C 280 -6.90 31.28 -18.02
C PRO C 280 -5.62 31.89 -18.58
N VAL C 281 -4.59 31.97 -17.74
CA VAL C 281 -3.30 32.51 -18.17
C VAL C 281 -2.26 31.39 -18.14
N THR C 282 -1.42 31.33 -19.18
CA THR C 282 -0.41 30.28 -19.26
C THR C 282 1.00 30.86 -19.41
N ARG C 283 1.94 30.38 -18.58
CA ARG C 283 3.35 30.77 -18.70
C ARG C 283 4.25 29.55 -18.56
N GLY C 284 5.35 29.52 -19.31
CA GLY C 284 6.23 28.37 -19.31
C GLY C 284 7.72 28.65 -19.45
N ALA C 285 8.53 27.62 -19.28
CA ALA C 285 9.99 27.72 -19.37
C ALA C 285 10.61 26.41 -19.84
N TYR C 286 11.92 26.44 -20.12
CA TYR C 286 12.63 25.26 -20.60
C TYR C 286 13.50 24.58 -19.54
N LEU C 287 13.35 23.26 -19.42
CA LEU C 287 14.25 22.46 -18.62
C LEU C 287 15.42 21.98 -19.47
N SER C 288 16.63 22.38 -19.11
CA SER C 288 17.82 21.94 -19.84
C SER C 288 18.59 20.93 -19.00
N VAL C 289 18.89 19.78 -19.59
CA VAL C 289 19.66 18.76 -18.90
C VAL C 289 21.03 18.56 -19.51
N LEU C 290 22.06 18.74 -18.70
CA LEU C 290 23.43 18.50 -19.12
C LEU C 290 23.90 17.10 -18.73
N GLU C 291 24.74 16.51 -19.58
CA GLU C 291 25.42 15.27 -19.24
C GLU C 291 26.91 15.48 -19.32
N PRO C 292 27.62 15.22 -18.21
CA PRO C 292 29.07 15.35 -18.15
C PRO C 292 29.73 14.34 -19.08
N PRO C 293 31.00 14.56 -19.45
CA PRO C 293 31.64 13.69 -20.44
C PRO C 293 31.77 12.25 -19.94
N GLN C 294 31.38 11.32 -20.80
CA GLN C 294 31.64 9.91 -20.57
C GLN C 294 32.44 9.37 -21.73
N PHE C 295 33.50 8.62 -21.45
CA PHE C 295 34.31 8.07 -22.53
C PHE C 295 33.57 6.98 -23.30
N VAL C 296 33.68 7.06 -24.63
CA VAL C 296 33.12 6.06 -25.53
C VAL C 296 34.22 5.11 -25.99
N ARG C 297 35.37 5.68 -26.34
CA ARG C 297 36.52 4.87 -26.68
C ARG C 297 37.74 5.47 -25.97
N GLU C 298 38.45 4.64 -25.22
CA GLU C 298 39.66 5.06 -24.53
C GLU C 298 40.84 4.33 -25.15
N PRO C 299 42.03 4.96 -25.13
CA PRO C 299 43.17 4.29 -25.75
C PRO C 299 43.67 3.09 -24.96
N GLU C 300 44.33 2.16 -25.65
CA GLU C 300 45.10 1.12 -24.97
C GLU C 300 46.08 1.78 -24.02
N ARG C 301 46.27 1.18 -22.85
CA ARG C 301 47.21 1.75 -21.89
C ARG C 301 48.65 1.67 -22.40
N HIS C 302 48.89 0.78 -23.36
CA HIS C 302 50.22 0.66 -23.97
C HIS C 302 50.14 0.90 -25.47
N ILE C 303 50.90 1.88 -25.95
CA ILE C 303 51.00 2.15 -27.39
C ILE C 303 52.46 2.21 -27.87
N THR C 304 52.75 1.41 -28.89
CA THR C 304 54.08 1.32 -29.48
C THR C 304 54.11 1.72 -30.96
N ALA C 305 55.06 2.57 -31.34
CA ALA C 305 55.19 3.01 -32.72
C ALA C 305 56.66 3.10 -33.13
N GLU C 306 56.94 2.82 -34.41
CA GLU C 306 58.30 2.83 -34.92
C GLU C 306 58.79 4.25 -35.17
N MET C 307 60.09 4.46 -34.98
CA MET C 307 60.69 5.79 -35.16
C MET C 307 60.40 6.30 -36.57
N GLU C 308 60.09 7.60 -36.66
CA GLU C 308 59.83 8.31 -37.92
C GLU C 308 58.49 7.93 -38.57
N LYS C 309 57.77 6.99 -37.97
CA LYS C 309 56.46 6.58 -38.47
C LYS C 309 55.32 7.41 -37.87
N VAL C 310 54.08 7.01 -38.13
CA VAL C 310 52.92 7.74 -37.64
C VAL C 310 52.02 6.92 -36.69
N VAL C 311 51.52 7.54 -35.63
CA VAL C 311 50.56 6.88 -34.74
C VAL C 311 49.41 7.84 -34.41
N ASP C 312 48.17 7.34 -34.45
CA ASP C 312 47.03 8.13 -33.99
C ASP C 312 46.44 7.48 -32.73
N ILE C 313 46.14 8.31 -31.73
CA ILE C 313 45.64 7.82 -30.44
C ILE C 313 44.22 8.27 -30.13
N PRO C 314 43.29 7.33 -30.07
CA PRO C 314 41.86 7.64 -29.90
C PRO C 314 41.50 8.16 -28.52
N CYS C 315 40.53 9.06 -28.48
CA CYS C 315 39.91 9.52 -27.24
C CYS C 315 38.56 10.09 -27.64
N ARG C 316 37.50 9.33 -27.35
CA ARG C 316 36.15 9.71 -27.77
C ARG C 316 35.18 9.70 -26.60
N ALA C 317 34.48 10.81 -26.41
CA ALA C 317 33.54 10.94 -25.30
C ALA C 317 32.21 11.54 -25.72
N LYS C 318 31.16 11.21 -24.97
CA LYS C 318 29.84 11.80 -25.21
C LYS C 318 29.45 12.68 -24.04
N GLY C 319 28.58 13.65 -24.28
CA GLY C 319 28.12 14.54 -23.23
C GLY C 319 27.19 15.62 -23.75
N VAL C 320 26.46 16.26 -22.85
CA VAL C 320 25.65 17.43 -23.19
C VAL C 320 26.07 18.61 -22.33
N PRO C 321 26.61 19.68 -22.96
CA PRO C 321 26.91 19.87 -24.39
C PRO C 321 28.02 18.94 -24.88
N PRO C 322 28.16 18.76 -26.20
CA PRO C 322 29.21 17.88 -26.73
C PRO C 322 30.58 18.23 -26.17
N PRO C 323 31.27 17.24 -25.56
CA PRO C 323 32.51 17.55 -24.85
C PRO C 323 33.65 17.89 -25.80
N SER C 324 34.49 18.83 -25.38
CA SER C 324 35.72 19.16 -26.09
C SER C 324 36.88 18.32 -25.58
N ILE C 325 37.87 18.08 -26.43
CA ILE C 325 38.97 17.19 -26.07
C ILE C 325 40.34 17.87 -26.13
N THR C 326 41.10 17.75 -25.05
CA THR C 326 42.41 18.40 -24.94
C THR C 326 43.47 17.37 -24.57
N TRP C 327 44.60 17.41 -25.27
CA TRP C 327 45.66 16.42 -25.08
C TRP C 327 46.85 16.94 -24.28
N TYR C 328 47.36 16.10 -23.40
CA TYR C 328 48.56 16.44 -22.64
C TYR C 328 49.66 15.41 -22.83
N LYS C 329 50.89 15.91 -22.92
CA LYS C 329 52.08 15.06 -22.94
C LYS C 329 52.86 15.33 -21.65
N ASP C 330 52.91 14.33 -20.78
CA ASP C 330 53.55 14.46 -19.48
C ASP C 330 53.18 15.74 -18.72
N ALA C 331 51.88 15.92 -18.48
CA ALA C 331 51.33 17.03 -17.70
C ALA C 331 51.56 18.37 -18.39
N ALA C 332 52.03 18.32 -19.63
CA ALA C 332 52.23 19.52 -20.42
C ALA C 332 51.22 19.57 -21.57
N LEU C 333 50.62 20.74 -21.77
CA LEU C 333 49.69 20.95 -22.87
C LEU C 333 50.34 20.59 -24.21
N VAL C 334 49.68 19.77 -25.00
CA VAL C 334 50.19 19.40 -26.31
C VAL C 334 49.88 20.51 -27.30
N GLU C 335 50.90 20.94 -28.03
CA GLU C 335 50.73 22.01 -29.00
C GLU C 335 50.21 21.43 -30.31
N VAL C 336 48.97 21.75 -30.64
CA VAL C 336 48.29 21.17 -31.78
C VAL C 336 48.00 22.23 -32.83
N GLY C 337 47.97 21.80 -34.09
CA GLY C 337 47.58 22.67 -35.19
C GLY C 337 48.01 22.09 -36.52
N LYS C 338 47.37 22.52 -37.60
CA LYS C 338 47.79 22.14 -38.93
C LYS C 338 49.19 22.70 -39.17
N LEU C 339 49.91 22.11 -40.13
CA LEU C 339 51.31 22.44 -40.44
C LEU C 339 52.28 21.96 -39.36
N THR C 340 51.82 21.05 -38.50
CA THR C 340 52.65 20.53 -37.41
C THR C 340 52.55 19.02 -37.36
N ARG C 341 53.56 18.36 -36.82
CA ARG C 341 53.52 16.91 -36.73
C ARG C 341 52.52 16.46 -35.66
N PHE C 342 51.95 17.41 -34.92
CA PHE C 342 50.94 17.10 -33.91
C PHE C 342 49.60 17.62 -34.42
N LYS C 343 48.72 16.70 -34.78
CA LYS C 343 47.38 17.04 -35.26
C LYS C 343 46.28 16.36 -34.46
N GLN C 344 45.20 17.10 -34.20
CA GLN C 344 44.05 16.54 -33.52
C GLN C 344 42.91 16.27 -34.50
N ARG C 345 42.51 15.02 -34.58
CA ARG C 345 41.46 14.58 -35.50
C ARG C 345 40.09 15.11 -35.07
N SER C 346 39.12 15.06 -35.98
CA SER C 346 37.76 15.50 -35.71
C SER C 346 37.10 14.67 -34.60
N ASP C 347 37.36 13.36 -34.60
CA ASP C 347 36.75 12.48 -33.59
C ASP C 347 37.41 12.64 -32.22
N GLY C 348 38.42 13.50 -32.15
CA GLY C 348 39.08 13.79 -30.89
C GLY C 348 40.49 13.24 -30.81
N GLY C 349 40.78 12.25 -31.65
CA GLY C 349 42.04 11.55 -31.61
C GLY C 349 43.25 12.43 -31.89
N LEU C 350 44.39 12.05 -31.32
CA LEU C 350 45.64 12.77 -31.55
C LEU C 350 46.50 11.98 -32.52
N GLN C 351 46.98 12.65 -33.55
CA GLN C 351 47.85 12.03 -34.54
C GLN C 351 49.26 12.57 -34.44
N ILE C 352 50.21 11.69 -34.14
CA ILE C 352 51.59 12.13 -34.08
C ILE C 352 52.37 11.51 -35.22
N SER C 353 52.99 12.37 -36.02
CA SER C 353 53.79 11.96 -37.16
C SER C 353 55.25 12.36 -36.98
N GLY C 354 56.13 11.75 -37.76
CA GLY C 354 57.56 12.02 -37.65
C GLY C 354 58.04 11.70 -36.26
N LEU C 355 57.66 10.53 -35.78
CA LEU C 355 57.92 10.12 -34.41
C LEU C 355 59.38 10.16 -34.00
N LEU C 356 59.66 10.96 -32.99
CA LEU C 356 60.98 11.07 -32.36
C LEU C 356 61.03 10.23 -31.08
N PRO C 357 62.23 9.85 -30.64
CA PRO C 357 62.35 9.12 -29.37
C PRO C 357 61.85 9.92 -28.16
N ASP C 358 61.88 11.25 -28.23
CA ASP C 358 61.38 12.08 -27.14
C ASP C 358 59.86 12.13 -27.06
N ASP C 359 59.19 11.56 -28.05
CA ASP C 359 57.72 11.53 -28.04
C ASP C 359 57.27 10.44 -27.07
N THR C 360 58.24 9.63 -26.65
CA THR C 360 58.03 8.64 -25.61
C THR C 360 57.49 9.32 -24.35
N GLY C 361 56.67 8.62 -23.59
CA GLY C 361 56.13 9.16 -22.35
C GLY C 361 54.62 9.04 -22.26
N MET C 362 54.03 9.76 -21.30
CA MET C 362 52.60 9.71 -21.08
C MET C 362 51.85 10.67 -21.99
N LEU C 363 50.86 10.13 -22.70
CA LEU C 363 49.89 10.97 -23.39
C LEU C 363 48.56 10.84 -22.69
N GLN C 364 47.98 11.99 -22.34
CA GLN C 364 46.80 12.04 -21.49
C GLN C 364 45.74 12.94 -22.09
N CYS C 365 44.50 12.46 -22.08
CA CYS C 365 43.41 13.15 -22.76
C CYS C 365 42.33 13.56 -21.78
N PHE C 366 41.97 14.84 -21.80
CA PHE C 366 40.85 15.32 -21.01
C PHE C 366 39.66 15.63 -21.91
N ALA C 367 38.51 15.05 -21.56
CA ALA C 367 37.26 15.41 -22.21
C ALA C 367 36.51 16.29 -21.24
N HIS C 368 36.22 17.52 -21.63
CA HIS C 368 35.63 18.45 -20.69
C HIS C 368 34.35 19.11 -21.22
N ASN C 369 33.59 19.65 -20.27
CA ASN C 369 32.22 20.07 -20.52
C ASN C 369 31.77 21.16 -19.57
N ALA C 370 30.66 21.79 -19.91
CA ALA C 370 30.00 22.72 -19.01
C ALA C 370 29.62 21.97 -17.73
N ALA C 371 29.49 20.65 -17.87
CA ALA C 371 28.99 19.80 -16.80
C ALA C 371 30.08 19.00 -16.07
N GLY C 372 31.31 18.99 -16.60
CA GLY C 372 32.36 18.24 -15.95
C GLY C 372 33.54 17.86 -16.82
N GLU C 373 34.46 17.08 -16.26
CA GLU C 373 35.63 16.64 -17.00
C GLU C 373 36.01 15.21 -16.63
N ALA C 374 36.48 14.47 -17.63
CA ALA C 374 36.95 13.12 -17.44
C ALA C 374 38.32 13.00 -18.08
N GLN C 375 39.13 12.09 -17.60
CA GLN C 375 40.48 11.98 -18.09
C GLN C 375 40.86 10.52 -18.36
N THR C 376 41.68 10.32 -19.39
CA THR C 376 42.17 9.00 -19.76
C THR C 376 43.58 9.16 -20.31
N SER C 377 44.40 8.11 -20.22
CA SER C 377 45.79 8.24 -20.65
C SER C 377 46.42 6.92 -21.08
N THR C 378 47.62 7.04 -21.65
CA THR C 378 48.36 5.90 -22.19
C THR C 378 49.86 6.21 -22.23
N TYR C 379 50.68 5.15 -22.20
CA TYR C 379 52.12 5.33 -22.37
C TYR C 379 52.58 5.03 -23.79
N LEU C 380 53.21 6.02 -24.42
CA LEU C 380 53.72 5.90 -25.77
C LEU C 380 55.21 5.55 -25.80
N ALA C 381 55.55 4.44 -26.46
CA ALA C 381 56.93 4.03 -26.64
C ALA C 381 57.34 4.09 -28.11
N VAL C 382 58.42 4.82 -28.41
CA VAL C 382 58.93 4.87 -29.78
C VAL C 382 60.10 3.88 -29.94
N THR C 383 59.94 2.93 -30.86
CA THR C 383 60.91 1.86 -31.08
C THR C 383 62.11 2.18 -31.98
N SER C 384 63.09 1.29 -31.89
CA SER C 384 64.25 1.25 -32.79
C SER C 384 65.26 2.32 -32.44
N GLN D 6 -3.04 15.34 -1.00
CA GLN D 6 -3.14 16.38 -2.01
C GLN D 6 -1.99 16.28 -3.00
N ASP D 7 -0.77 16.43 -2.49
CA ASP D 7 0.44 16.34 -3.32
C ASP D 7 0.61 14.94 -3.89
N ASP D 8 1.25 14.83 -5.05
CA ASP D 8 1.36 13.54 -5.71
C ASP D 8 2.74 13.30 -6.35
N VAL D 9 3.79 13.59 -5.60
CA VAL D 9 5.14 13.26 -6.05
C VAL D 9 5.44 11.81 -5.72
N PRO D 10 5.66 10.98 -6.75
CA PRO D 10 5.92 9.55 -6.54
C PRO D 10 7.24 9.31 -5.83
N PRO D 11 7.47 8.10 -5.30
CA PRO D 11 8.75 7.86 -4.63
C PRO D 11 9.91 7.95 -5.62
N TYR D 12 11.05 8.42 -5.17
CA TYR D 12 12.28 8.31 -5.95
C TYR D 12 13.47 8.26 -5.00
N PHE D 13 14.63 7.91 -5.53
CA PHE D 13 15.82 7.86 -4.69
C PHE D 13 16.71 9.07 -4.88
N LYS D 14 17.00 9.73 -3.76
CA LYS D 14 17.92 10.83 -3.69
C LYS D 14 19.33 10.28 -3.96
N THR D 15 19.67 9.21 -3.24
CA THR D 15 20.93 8.52 -3.44
C THR D 15 20.73 7.00 -3.38
N GLU D 16 21.65 6.27 -4.01
CA GLU D 16 21.61 4.82 -4.01
C GLU D 16 22.67 4.27 -3.06
N PRO D 17 22.46 3.06 -2.51
CA PRO D 17 23.45 2.51 -1.58
C PRO D 17 24.69 1.98 -2.29
N VAL D 18 25.80 1.85 -1.57
CA VAL D 18 27.03 1.30 -2.15
C VAL D 18 26.77 -0.16 -2.54
N ARG D 19 27.49 -0.63 -3.55
CA ARG D 19 27.22 -1.97 -4.08
C ARG D 19 27.71 -3.06 -3.11
N THR D 20 28.84 -2.81 -2.44
CA THR D 20 29.38 -3.74 -1.46
C THR D 20 29.96 -3.00 -0.25
N GLN D 21 29.86 -3.61 0.93
CA GLN D 21 30.47 -3.04 2.13
C GLN D 21 30.89 -4.13 3.12
N VAL D 22 32.17 -4.09 3.51
CA VAL D 22 32.69 -5.06 4.47
C VAL D 22 32.80 -4.47 5.88
N ARG D 23 32.21 -5.14 6.86
CA ARG D 23 32.33 -4.71 8.24
C ARG D 23 32.56 -5.90 9.18
N LEU D 24 33.15 -5.63 10.33
CA LEU D 24 33.56 -6.67 11.28
C LEU D 24 32.39 -7.38 11.97
N GLU D 25 32.60 -8.66 12.25
CA GLU D 25 31.62 -9.45 12.98
C GLU D 25 31.33 -8.80 14.33
N GLY D 26 30.05 -8.72 14.67
CA GLY D 26 29.63 -8.08 15.89
C GLY D 26 29.50 -6.57 15.83
N SER D 27 29.85 -5.97 14.69
CA SER D 27 29.71 -4.52 14.58
C SER D 27 28.26 -4.16 14.30
N ARG D 28 27.91 -2.90 14.53
CA ARG D 28 26.55 -2.45 14.30
C ARG D 28 26.44 -1.73 12.96
N LEU D 29 25.52 -2.20 12.13
CA LEU D 29 25.33 -1.68 10.77
C LEU D 29 23.95 -1.05 10.56
N VAL D 30 23.92 0.14 9.97
CA VAL D 30 22.64 0.81 9.68
C VAL D 30 22.44 1.06 8.20
N LEU D 31 21.57 0.24 7.60
CA LEU D 31 21.18 0.38 6.21
C LEU D 31 20.07 1.44 6.08
N THR D 32 20.06 2.18 4.98
CA THR D 32 19.11 3.28 4.80
C THR D 32 18.38 3.24 3.47
N CYS D 33 17.15 3.73 3.46
CA CYS D 33 16.38 3.90 2.24
C CYS D 33 16.23 5.39 1.94
N MET D 34 17.17 5.93 1.18
CA MET D 34 17.25 7.37 0.97
C MET D 34 16.27 7.84 -0.10
N ALA D 35 14.98 7.72 0.22
CA ALA D 35 13.91 8.04 -0.71
C ALA D 35 13.22 9.35 -0.37
N GLU D 36 12.63 9.95 -1.39
CA GLU D 36 11.83 11.16 -1.24
C GLU D 36 10.52 10.90 -1.94
N GLY D 37 9.54 11.77 -1.71
CA GLY D 37 8.24 11.62 -2.35
C GLY D 37 7.14 12.04 -1.40
N SER D 38 5.96 12.26 -1.94
CA SER D 38 4.85 12.77 -1.16
C SER D 38 4.46 11.83 -0.04
N TRP D 39 4.17 12.43 1.11
CA TRP D 39 3.79 11.72 2.31
C TRP D 39 2.39 11.11 2.10
N PRO D 40 2.14 9.93 2.69
CA PRO D 40 3.07 9.21 3.56
C PRO D 40 4.05 8.29 2.83
N LEU D 41 5.31 8.35 3.27
CA LEU D 41 6.33 7.46 2.74
C LEU D 41 6.51 6.26 3.66
N GLU D 42 6.38 5.07 3.10
CA GLU D 42 6.52 3.83 3.85
C GLU D 42 7.66 2.98 3.31
N PHE D 43 8.36 2.32 4.21
CA PHE D 43 9.56 1.59 3.84
C PHE D 43 9.48 0.16 4.34
N LYS D 44 10.01 -0.74 3.52
CA LYS D 44 9.98 -2.15 3.82
C LYS D 44 11.30 -2.78 3.35
N TRP D 45 11.79 -3.76 4.07
CA TRP D 45 13.11 -4.29 3.76
C TRP D 45 13.11 -5.74 3.33
N LEU D 46 13.99 -6.04 2.39
CA LEU D 46 14.19 -7.40 1.93
C LEU D 46 15.60 -7.85 2.27
N HIS D 47 15.73 -9.10 2.67
CA HIS D 47 17.04 -9.69 2.84
C HIS D 47 17.12 -10.90 1.91
N ASN D 48 18.02 -10.82 0.93
CA ASN D 48 18.11 -11.84 -0.11
C ASN D 48 16.75 -12.10 -0.77
N ASN D 49 16.02 -11.01 -1.00
CA ASN D 49 14.71 -11.00 -1.68
C ASN D 49 13.58 -11.70 -0.92
N ARG D 50 13.69 -11.75 0.41
CA ARG D 50 12.63 -12.25 1.27
C ARG D 50 12.28 -11.16 2.29
N GLU D 51 11.00 -10.98 2.61
CA GLU D 51 10.63 -9.90 3.54
C GLU D 51 11.37 -9.95 4.85
N LEU D 52 11.92 -8.81 5.24
CA LEU D 52 12.65 -8.70 6.48
C LEU D 52 11.78 -7.94 7.47
N THR D 53 11.13 -6.91 6.96
CA THR D 53 10.25 -6.08 7.77
C THR D 53 8.96 -5.81 7.00
N ARG D 54 7.94 -5.35 7.70
CA ARG D 54 6.73 -4.87 7.04
C ARG D 54 6.86 -3.36 6.89
N PHE D 55 6.00 -2.78 6.07
CA PHE D 55 6.06 -1.34 5.81
C PHE D 55 6.05 -0.54 7.10
N SER D 56 6.91 0.47 7.14
CA SER D 56 7.07 1.31 8.31
C SER D 56 7.33 2.72 7.83
N LEU D 57 7.05 3.71 8.67
CA LEU D 57 7.35 5.09 8.34
C LEU D 57 8.85 5.32 8.51
N GLU D 58 9.51 4.37 9.15
CA GLU D 58 10.96 4.42 9.39
C GLU D 58 11.75 3.97 8.16
N TYR D 59 12.71 4.80 7.74
CA TYR D 59 13.50 4.55 6.54
C TYR D 59 14.80 3.78 6.79
N ARG D 60 15.11 3.53 8.06
CA ARG D 60 16.37 2.87 8.40
C ARG D 60 16.18 1.45 8.89
N TYR D 61 17.12 0.58 8.52
CA TYR D 61 17.15 -0.77 9.06
C TYR D 61 18.44 -0.99 9.82
N MET D 62 18.35 -1.41 11.07
CA MET D 62 19.53 -1.53 11.91
C MET D 62 19.89 -2.99 12.23
N ILE D 63 21.17 -3.30 12.05
CA ILE D 63 21.70 -4.60 12.41
C ILE D 63 22.47 -4.38 13.71
N THR D 64 21.96 -4.92 14.81
CA THR D 64 22.54 -4.69 16.12
C THR D 64 23.95 -5.28 16.25
N SER D 65 24.10 -6.54 15.89
CA SER D 65 25.41 -7.21 15.91
C SER D 65 25.54 -8.04 14.65
N LEU D 66 26.62 -7.81 13.89
CA LEU D 66 26.75 -8.46 12.60
C LEU D 66 27.32 -9.85 12.73
N ASP D 67 26.58 -10.83 12.23
CA ASP D 67 27.06 -12.20 12.12
C ASP D 67 26.89 -12.67 10.68
N ARG D 68 27.34 -13.89 10.40
CA ARG D 68 27.40 -14.36 9.02
C ARG D 68 26.01 -14.69 8.45
N THR D 69 25.04 -14.91 9.33
CA THR D 69 23.66 -15.10 8.88
C THR D 69 23.05 -13.77 8.44
N HIS D 70 23.51 -12.68 9.05
CA HIS D 70 22.96 -11.36 8.77
C HIS D 70 23.69 -10.69 7.62
N ALA D 71 24.65 -11.40 7.05
CA ALA D 71 25.31 -10.97 5.82
C ALA D 71 24.39 -11.19 4.64
N GLY D 72 24.80 -10.71 3.47
CA GLY D 72 24.04 -10.99 2.28
C GLY D 72 23.56 -9.73 1.60
N PHE D 73 22.55 -9.88 0.74
CA PHE D 73 22.03 -8.78 -0.03
C PHE D 73 20.83 -8.13 0.63
N TYR D 74 20.86 -6.81 0.67
CA TYR D 74 19.79 -6.02 1.23
C TYR D 74 19.30 -4.99 0.24
N ARG D 75 17.99 -4.75 0.26
CA ARG D 75 17.37 -3.73 -0.54
C ARG D 75 16.06 -3.36 0.12
N CYS D 76 15.65 -2.11 -0.03
CA CYS D 76 14.37 -1.72 0.51
C CYS D 76 13.36 -1.51 -0.60
N ILE D 77 12.09 -1.57 -0.23
CA ILE D 77 11.02 -1.12 -1.10
C ILE D 77 10.41 0.13 -0.45
N VAL D 78 10.19 1.15 -1.25
CA VAL D 78 9.56 2.37 -0.75
C VAL D 78 8.29 2.62 -1.55
N ARG D 79 7.23 3.01 -0.84
CA ARG D 79 5.96 3.33 -1.48
C ARG D 79 5.31 4.57 -0.90
N ASN D 80 4.37 5.12 -1.66
CA ASN D 80 3.47 6.18 -1.20
C ASN D 80 2.15 6.05 -1.98
N ARG D 81 1.30 7.06 -1.96
CA ARG D 81 0.01 6.97 -2.65
C ARG D 81 0.15 6.64 -4.14
N MET D 82 1.25 7.10 -4.75
CA MET D 82 1.40 7.00 -6.21
C MET D 82 1.82 5.63 -6.70
N GLY D 83 2.65 4.94 -5.93
CA GLY D 83 3.22 3.68 -6.38
C GLY D 83 4.44 3.31 -5.57
N ALA D 84 5.24 2.38 -6.10
CA ALA D 84 6.40 1.90 -5.35
C ALA D 84 7.63 1.70 -6.23
N LEU D 85 8.80 1.83 -5.63
CA LEU D 85 10.06 1.56 -6.30
C LEU D 85 10.88 0.51 -5.56
N LEU D 86 11.63 -0.26 -6.32
CA LEU D 86 12.56 -1.24 -5.77
C LEU D 86 13.96 -0.63 -5.73
N GLN D 87 14.60 -0.63 -4.57
CA GLN D 87 15.94 -0.06 -4.44
C GLN D 87 17.01 -0.95 -5.08
N ARG D 88 18.07 -0.32 -5.58
CA ARG D 88 19.28 -1.04 -5.98
C ARG D 88 19.84 -1.74 -4.75
N GLN D 89 20.26 -2.99 -4.90
CA GLN D 89 20.70 -3.75 -3.73
C GLN D 89 22.15 -3.53 -3.36
N THR D 90 22.43 -3.76 -2.08
CA THR D 90 23.75 -3.65 -1.49
C THR D 90 24.13 -4.99 -0.88
N GLU D 91 25.39 -5.38 -1.00
CA GLU D 91 25.83 -6.63 -0.38
C GLU D 91 26.62 -6.37 0.89
N VAL D 92 26.11 -6.87 2.01
CA VAL D 92 26.81 -6.77 3.28
C VAL D 92 27.69 -8.00 3.47
N GLN D 93 28.98 -7.77 3.64
CA GLN D 93 29.94 -8.86 3.78
C GLN D 93 30.60 -8.84 5.15
N VAL D 94 30.60 -9.99 5.81
CA VAL D 94 31.17 -10.11 7.16
C VAL D 94 32.65 -10.48 7.12
N ALA D 95 33.48 -9.59 7.65
CA ALA D 95 34.91 -9.87 7.73
C ALA D 95 35.18 -10.92 8.79
N TYR D 96 36.12 -11.82 8.49
CA TYR D 96 36.46 -12.92 9.37
C TYR D 96 37.74 -13.56 8.89
N MET D 97 38.39 -14.32 9.76
CA MET D 97 39.45 -15.21 9.34
C MET D 97 39.45 -16.44 10.24
N GLY D 98 39.51 -17.61 9.62
CA GLY D 98 39.53 -18.86 10.36
C GLY D 98 40.91 -19.26 10.79
N SER D 99 41.22 -20.54 10.63
CA SER D 99 42.51 -21.06 11.04
C SER D 99 43.08 -22.01 10.00
N PHE D 100 44.39 -22.23 10.06
CA PHE D 100 45.05 -23.07 9.07
C PHE D 100 44.67 -24.53 9.18
N GLU D 101 44.14 -25.05 8.08
CA GLU D 101 43.64 -26.42 8.02
C GLU D 101 43.40 -26.79 6.55
N LYS D 105 53.35 -30.69 6.02
CA LYS D 105 53.76 -31.29 4.76
C LYS D 105 55.26 -31.13 4.52
N ARG D 106 55.84 -32.08 3.78
CA ARG D 106 57.26 -32.07 3.44
C ARG D 106 57.46 -32.13 1.93
N GLN D 107 58.42 -31.37 1.40
CA GLN D 107 58.59 -31.31 -0.05
C GLN D 107 60.08 -31.32 -0.43
N SER D 108 60.39 -31.92 -1.58
CA SER D 108 61.76 -32.05 -2.05
C SER D 108 61.92 -31.52 -3.47
N VAL D 109 63.14 -31.18 -3.85
CA VAL D 109 63.42 -30.64 -5.16
C VAL D 109 64.77 -31.11 -5.69
N ASN D 110 64.87 -31.31 -7.01
CA ASN D 110 66.12 -31.71 -7.62
C ASN D 110 67.02 -30.49 -7.79
N HIS D 111 68.31 -30.66 -7.48
CA HIS D 111 69.29 -29.59 -7.57
C HIS D 111 69.22 -28.85 -8.90
N GLY D 112 69.23 -27.52 -8.84
CA GLY D 112 69.16 -26.69 -10.02
C GLY D 112 67.74 -26.45 -10.51
N GLU D 113 66.80 -27.21 -9.95
CA GLU D 113 65.40 -27.04 -10.35
C GLU D 113 64.73 -26.04 -9.41
N ALA D 114 63.48 -25.68 -9.72
CA ALA D 114 62.73 -24.71 -8.93
C ALA D 114 61.72 -25.34 -7.99
N ALA D 115 61.68 -24.86 -6.75
CA ALA D 115 60.75 -25.35 -5.74
C ALA D 115 59.41 -24.61 -5.76
N VAL D 116 58.33 -25.35 -5.88
CA VAL D 116 56.99 -24.76 -5.86
C VAL D 116 56.18 -25.16 -4.63
N ILE D 117 56.00 -24.20 -3.71
CA ILE D 117 55.25 -24.43 -2.48
C ILE D 117 53.98 -23.58 -2.45
N ARG D 118 52.82 -24.22 -2.65
CA ARG D 118 51.56 -23.49 -2.50
C ARG D 118 51.43 -23.04 -1.06
N ALA D 119 50.83 -21.88 -0.85
CA ALA D 119 50.62 -21.38 0.51
C ALA D 119 49.57 -22.22 1.22
N PRO D 120 49.82 -22.52 2.50
CA PRO D 120 48.82 -23.21 3.33
C PRO D 120 47.49 -22.48 3.27
N ARG D 121 46.41 -23.23 3.04
CA ARG D 121 45.09 -22.62 2.90
C ARG D 121 44.51 -22.20 4.24
N ILE D 122 43.95 -20.99 4.27
CA ILE D 122 43.20 -20.53 5.42
C ILE D 122 41.97 -19.78 4.93
N SER D 123 40.82 -20.11 5.50
CA SER D 123 39.57 -19.44 5.15
C SER D 123 39.55 -18.02 5.69
N SER D 124 39.24 -17.06 4.82
CA SER D 124 39.27 -15.66 5.23
C SER D 124 38.57 -14.74 4.24
N PHE D 125 37.90 -13.73 4.77
CA PHE D 125 37.47 -12.59 3.96
C PHE D 125 37.73 -11.27 4.67
N PRO D 126 38.34 -10.30 3.96
CA PRO D 126 38.90 -10.52 2.61
C PRO D 126 40.13 -11.45 2.63
N ARG D 127 40.68 -11.74 1.47
CA ARG D 127 41.85 -12.62 1.38
C ARG D 127 43.00 -12.02 2.14
N PRO D 128 43.70 -12.84 2.94
CA PRO D 128 44.69 -12.29 3.88
C PRO D 128 45.96 -11.82 3.18
N GLN D 129 46.70 -10.96 3.86
CA GLN D 129 48.04 -10.61 3.43
C GLN D 129 49.00 -11.71 3.86
N VAL D 130 49.70 -12.32 2.91
CA VAL D 130 50.53 -13.47 3.22
C VAL D 130 52.01 -13.19 3.04
N THR D 131 52.80 -13.47 4.08
CA THR D 131 54.25 -13.34 4.02
C THR D 131 54.90 -14.69 4.29
N TRP D 132 55.90 -15.04 3.48
CA TRP D 132 56.62 -16.29 3.62
C TRP D 132 57.81 -16.13 4.55
N PHE D 133 58.05 -17.15 5.37
CA PHE D 133 59.19 -17.10 6.30
C PHE D 133 60.08 -18.32 6.24
N ARG D 134 61.35 -18.08 6.59
CA ARG D 134 62.26 -19.15 6.90
C ARG D 134 63.15 -18.62 8.03
N ASP D 135 63.13 -19.32 9.17
CA ASP D 135 63.87 -18.96 10.37
C ASP D 135 63.53 -17.57 11.03
N GLY D 136 62.26 -17.20 11.10
CA GLY D 136 61.92 -15.96 11.78
C GLY D 136 62.32 -14.78 10.94
N ARG D 137 62.91 -15.12 9.81
CA ARG D 137 63.34 -14.15 8.85
C ARG D 137 62.39 -14.12 7.66
N LYS D 138 62.01 -12.92 7.28
CA LYS D 138 61.09 -12.70 6.17
C LYS D 138 61.78 -13.00 4.85
N ILE D 139 61.04 -13.63 3.94
CA ILE D 139 61.55 -13.93 2.62
C ILE D 139 60.89 -13.01 1.60
N PRO D 140 61.56 -11.93 1.21
CA PRO D 140 61.00 -11.01 0.21
C PRO D 140 61.35 -11.47 -1.19
N PRO D 141 60.59 -10.99 -2.20
CA PRO D 141 60.94 -11.34 -3.58
C PRO D 141 62.36 -10.90 -3.91
N SER D 142 63.05 -11.68 -4.74
CA SER D 142 64.44 -11.39 -5.08
C SER D 142 64.76 -11.92 -6.46
N SER D 143 66.04 -11.81 -6.83
CA SER D 143 66.47 -12.28 -8.14
C SER D 143 66.14 -13.74 -8.37
N ARG D 144 66.24 -14.55 -7.33
CA ARG D 144 66.00 -15.98 -7.48
C ARG D 144 64.82 -16.53 -6.66
N ILE D 145 64.11 -15.66 -5.94
CA ILE D 145 62.96 -16.10 -5.16
C ILE D 145 61.71 -15.32 -5.56
N ALA D 146 60.72 -16.03 -6.10
CA ALA D 146 59.47 -15.41 -6.53
C ALA D 146 58.29 -15.74 -5.62
N ILE D 147 57.36 -14.78 -5.51
CA ILE D 147 56.10 -15.01 -4.83
C ILE D 147 54.93 -14.60 -5.74
N THR D 148 54.03 -15.55 -6.01
CA THR D 148 52.98 -15.35 -7.00
C THR D 148 51.79 -14.61 -6.43
N LEU D 149 50.88 -14.18 -7.31
CA LEU D 149 49.67 -13.46 -6.90
C LEU D 149 48.81 -14.28 -5.96
N GLU D 150 49.01 -15.60 -5.96
CA GLU D 150 48.28 -16.49 -5.07
C GLU D 150 49.15 -16.94 -3.90
N ASN D 151 50.25 -16.22 -3.69
CA ASN D 151 51.15 -16.45 -2.56
C ASN D 151 51.84 -17.81 -2.58
N THR D 152 51.98 -18.38 -3.77
CA THR D 152 52.76 -19.59 -3.93
C THR D 152 54.24 -19.20 -3.90
N LEU D 153 55.02 -19.88 -3.06
CA LEU D 153 56.44 -19.61 -2.99
C LEU D 153 57.18 -20.39 -4.06
N VAL D 154 58.00 -19.67 -4.84
CA VAL D 154 58.81 -20.30 -5.86
C VAL D 154 60.28 -19.96 -5.66
N ILE D 155 61.07 -20.95 -5.25
CA ILE D 155 62.50 -20.77 -5.09
C ILE D 155 63.22 -21.31 -6.33
N LEU D 156 63.81 -20.39 -7.09
CA LEU D 156 64.44 -20.74 -8.37
C LEU D 156 65.85 -21.31 -8.23
N SER D 157 66.18 -22.21 -9.17
CA SER D 157 67.49 -22.87 -9.25
C SER D 157 67.99 -23.27 -7.86
N THR D 158 67.29 -24.24 -7.26
CA THR D 158 67.52 -24.61 -5.87
C THR D 158 68.91 -25.18 -5.60
N VAL D 159 69.42 -24.87 -4.40
CA VAL D 159 70.67 -25.44 -3.92
C VAL D 159 70.49 -25.94 -2.50
N ALA D 160 71.51 -26.59 -1.96
CA ALA D 160 71.44 -27.21 -0.64
C ALA D 160 71.12 -26.24 0.53
N PRO D 161 71.82 -25.09 0.62
CA PRO D 161 71.50 -24.22 1.77
C PRO D 161 70.08 -23.64 1.81
N ASP D 162 69.45 -23.51 0.65
CA ASP D 162 68.07 -23.01 0.57
C ASP D 162 67.05 -24.09 0.90
N ALA D 163 67.39 -24.89 1.89
CA ALA D 163 66.57 -26.01 2.31
C ALA D 163 66.36 -25.85 3.80
N GLY D 164 65.12 -26.02 4.26
CA GLY D 164 64.79 -25.77 5.65
C GLY D 164 63.30 -25.68 5.90
N ARG D 165 62.96 -24.99 6.98
CA ARG D 165 61.58 -24.90 7.43
C ARG D 165 61.02 -23.57 6.96
N TYR D 166 59.97 -23.67 6.16
CA TYR D 166 59.29 -22.53 5.60
C TYR D 166 57.86 -22.49 6.07
N TYR D 167 57.39 -21.32 6.46
CA TYR D 167 56.01 -21.16 6.87
C TYR D 167 55.49 -19.79 6.47
N VAL D 168 54.19 -19.59 6.59
CA VAL D 168 53.61 -18.29 6.29
C VAL D 168 52.87 -17.78 7.50
N GLN D 169 52.72 -16.46 7.55
CA GLN D 169 51.79 -15.86 8.49
C GLN D 169 50.77 -15.06 7.67
N ALA D 170 49.50 -15.27 7.96
CA ALA D 170 48.44 -14.61 7.22
C ALA D 170 47.78 -13.52 8.06
N VAL D 171 47.64 -12.33 7.47
CA VAL D 171 47.01 -11.22 8.18
C VAL D 171 45.78 -10.68 7.46
N ASN D 172 44.67 -10.62 8.21
CA ASN D 172 43.42 -10.04 7.76
C ASN D 172 43.35 -8.55 8.13
N ASP D 173 43.43 -7.68 7.12
CA ASP D 173 43.55 -6.24 7.38
C ASP D 173 42.27 -5.57 7.92
N LYS D 174 41.13 -6.25 7.83
CA LYS D 174 39.89 -5.67 8.35
C LYS D 174 39.67 -5.94 9.85
N ASN D 175 40.08 -7.11 10.34
CA ASN D 175 39.92 -7.37 11.78
C ASN D 175 41.25 -7.51 12.52
N GLY D 176 42.36 -7.33 11.81
CA GLY D 176 43.65 -7.31 12.45
C GLY D 176 44.22 -8.68 12.84
N ASP D 177 43.44 -9.73 12.59
CA ASP D 177 43.88 -11.10 12.90
C ASP D 177 45.21 -11.47 12.27
N ASN D 178 45.96 -12.30 12.98
CA ASN D 178 47.31 -12.70 12.58
C ASN D 178 47.54 -14.15 13.01
N LYS D 179 47.47 -15.07 12.05
CA LYS D 179 47.64 -16.49 12.34
C LYS D 179 48.80 -17.09 11.55
N THR D 180 49.44 -18.12 12.10
CA THR D 180 50.62 -18.73 11.47
C THR D 180 50.44 -20.22 11.15
N SER D 181 50.80 -20.62 9.93
CA SER D 181 50.60 -21.98 9.44
C SER D 181 51.57 -22.97 10.05
N GLN D 182 51.37 -24.26 9.79
CA GLN D 182 52.36 -25.24 10.24
C GLN D 182 53.46 -25.24 9.20
N PRO D 183 54.72 -25.34 9.66
CA PRO D 183 55.82 -25.14 8.70
C PRO D 183 55.99 -26.25 7.65
N ILE D 184 56.46 -25.86 6.47
CA ILE D 184 56.84 -26.78 5.41
C ILE D 184 58.36 -26.88 5.29
N THR D 185 58.84 -28.12 5.36
CA THR D 185 60.27 -28.43 5.30
C THR D 185 60.71 -28.84 3.89
N LEU D 186 61.78 -28.23 3.39
CA LEU D 186 62.27 -28.45 2.03
C LEU D 186 63.61 -29.22 1.96
N ALA D 187 63.65 -30.22 1.07
CA ALA D 187 64.83 -31.04 0.81
C ALA D 187 65.38 -30.92 -0.61
N VAL D 188 66.71 -30.93 -0.75
CA VAL D 188 67.34 -30.87 -2.07
C VAL D 188 67.84 -32.23 -2.55
N ILE D 198 70.34 -25.41 -17.03
CA ILE D 198 68.92 -25.65 -17.25
C ILE D 198 68.34 -24.70 -18.29
N ALA D 199 67.72 -25.27 -19.33
CA ALA D 199 67.13 -24.50 -20.40
C ALA D 199 65.98 -23.66 -19.86
N PRO D 200 65.68 -22.51 -20.50
CA PRO D 200 64.61 -21.67 -19.95
C PRO D 200 63.24 -22.34 -20.03
N THR D 201 62.56 -22.42 -18.88
CA THR D 201 61.21 -22.94 -18.81
C THR D 201 60.30 -22.02 -17.98
N ILE D 202 59.00 -22.00 -18.32
CA ILE D 202 58.04 -21.18 -17.59
C ILE D 202 57.29 -21.97 -16.52
N ILE D 203 57.56 -21.65 -15.26
CA ILE D 203 56.95 -22.35 -14.12
C ILE D 203 55.53 -21.91 -13.80
N ILE D 204 55.33 -20.60 -13.78
CA ILE D 204 54.03 -20.02 -13.48
C ILE D 204 53.52 -19.25 -14.68
N PRO D 205 52.61 -19.88 -15.44
CA PRO D 205 52.11 -19.30 -16.69
C PRO D 205 51.04 -18.25 -16.46
N PRO D 206 50.85 -17.35 -17.44
CA PRO D 206 49.77 -16.37 -17.40
C PRO D 206 48.41 -17.05 -17.23
N LYS D 207 47.58 -16.52 -16.35
CA LYS D 207 46.24 -17.06 -16.15
C LYS D 207 45.20 -16.20 -16.85
N ASN D 208 44.18 -16.84 -17.41
CA ASN D 208 43.02 -16.11 -17.92
C ASN D 208 42.48 -15.24 -16.79
N THR D 209 42.30 -13.95 -17.05
CA THR D 209 41.97 -13.00 -15.98
C THR D 209 40.76 -12.13 -16.29
N SER D 210 39.93 -11.89 -15.28
CA SER D 210 38.80 -10.99 -15.41
C SER D 210 38.97 -9.77 -14.52
N VAL D 211 38.45 -8.64 -14.98
CA VAL D 211 38.51 -7.40 -14.23
C VAL D 211 37.31 -6.57 -14.63
N VAL D 212 36.67 -5.94 -13.65
CA VAL D 212 35.53 -5.08 -13.92
C VAL D 212 36.03 -3.65 -14.11
N ALA D 213 35.64 -3.04 -15.22
CA ALA D 213 36.02 -1.65 -15.53
C ALA D 213 35.75 -0.73 -14.34
N GLY D 214 36.74 0.06 -13.99
CA GLY D 214 36.66 0.92 -12.83
C GLY D 214 37.69 0.50 -11.80
N THR D 215 38.18 -0.73 -11.95
CA THR D 215 39.26 -1.22 -11.10
C THR D 215 40.53 -0.47 -11.46
N SER D 216 41.29 -0.07 -10.45
CA SER D 216 42.46 0.78 -10.66
C SER D 216 43.56 0.06 -11.43
N GLU D 217 43.60 -1.25 -11.33
CA GLU D 217 44.72 -2.03 -11.86
C GLU D 217 44.37 -3.50 -12.09
N VAL D 218 45.00 -4.11 -13.07
CA VAL D 218 44.92 -5.56 -13.27
C VAL D 218 46.31 -6.06 -13.61
N THR D 219 46.68 -7.23 -13.10
CA THR D 219 48.04 -7.74 -13.27
C THR D 219 48.10 -9.15 -13.84
N MET D 220 48.95 -9.33 -14.85
CA MET D 220 49.30 -10.66 -15.33
C MET D 220 50.65 -11.05 -14.75
N GLU D 221 50.88 -12.36 -14.58
CA GLU D 221 52.10 -12.83 -13.93
C GLU D 221 52.73 -14.01 -14.66
N CYS D 222 54.06 -14.01 -14.74
CA CYS D 222 54.80 -15.07 -15.43
C CYS D 222 56.19 -15.26 -14.82
N VAL D 223 56.39 -16.37 -14.11
CA VAL D 223 57.67 -16.69 -13.49
C VAL D 223 58.41 -17.80 -14.26
N ALA D 224 59.70 -17.58 -14.55
CA ALA D 224 60.47 -18.51 -15.35
C ALA D 224 61.71 -19.03 -14.62
N ASN D 225 62.20 -20.21 -15.03
CA ASN D 225 63.41 -20.80 -14.46
C ASN D 225 64.46 -21.15 -15.50
N ALA D 226 65.72 -20.98 -15.11
CA ALA D 226 66.85 -21.43 -15.92
C ALA D 226 68.13 -21.47 -15.09
N ARG D 227 69.12 -22.18 -15.60
CA ARG D 227 70.46 -22.19 -15.00
C ARG D 227 71.48 -21.98 -16.11
N PRO D 228 72.31 -20.93 -15.99
CA PRO D 228 72.30 -19.98 -14.87
C PRO D 228 71.21 -18.90 -14.96
N LEU D 229 70.54 -18.66 -13.84
CA LEU D 229 69.43 -17.71 -13.73
C LEU D 229 69.82 -16.31 -14.19
N ILE D 230 71.09 -15.97 -14.00
CA ILE D 230 71.58 -14.63 -14.26
C ILE D 230 71.43 -14.23 -15.72
N LYS D 231 71.44 -15.22 -16.61
CA LYS D 231 71.28 -14.99 -18.04
C LYS D 231 69.81 -14.98 -18.49
N LEU D 232 68.90 -15.31 -17.58
CA LEU D 232 67.49 -15.38 -17.93
C LEU D 232 66.84 -14.02 -18.10
N HIS D 233 66.09 -13.86 -19.19
CA HIS D 233 65.45 -12.60 -19.50
C HIS D 233 63.99 -12.86 -19.87
N ILE D 234 63.09 -12.20 -19.17
CA ILE D 234 61.65 -12.33 -19.44
C ILE D 234 61.13 -11.15 -20.26
N VAL D 235 60.50 -11.46 -21.38
CA VAL D 235 59.89 -10.43 -22.22
C VAL D 235 58.38 -10.63 -22.34
N TRP D 236 57.62 -9.57 -22.07
CA TRP D 236 56.17 -9.59 -22.24
C TRP D 236 55.79 -9.06 -23.62
N LYS D 237 54.81 -9.69 -24.25
CA LYS D 237 54.32 -9.24 -25.55
C LYS D 237 52.79 -9.11 -25.56
N LYS D 238 52.31 -8.02 -26.16
CA LYS D 238 50.89 -7.83 -26.44
C LYS D 238 50.64 -7.83 -27.93
N ASP D 239 49.68 -8.64 -28.36
CA ASP D 239 49.35 -8.81 -29.78
C ASP D 239 50.63 -9.05 -30.59
N GLY D 240 51.54 -9.85 -30.04
CA GLY D 240 52.75 -10.18 -30.74
C GLY D 240 53.81 -9.08 -30.63
N ALA D 241 53.38 -7.89 -30.23
CA ALA D 241 54.31 -6.76 -30.10
C ALA D 241 54.79 -6.60 -28.66
N PRO D 242 56.11 -6.47 -28.48
CA PRO D 242 56.75 -6.37 -27.17
C PRO D 242 56.32 -5.15 -26.36
N LEU D 243 56.14 -5.36 -25.06
CA LEU D 243 55.77 -4.29 -24.13
C LEU D 243 56.99 -3.74 -23.39
N SER D 244 57.16 -2.42 -23.44
CA SER D 244 58.33 -1.79 -22.81
C SER D 244 57.98 -1.03 -21.52
N SER D 245 56.72 -1.13 -21.08
CA SER D 245 56.31 -0.45 -19.84
C SER D 245 55.29 -1.27 -19.05
N GLY D 246 55.16 -0.94 -17.77
CA GLY D 246 54.15 -1.56 -16.93
C GLY D 246 54.66 -2.84 -16.30
N ILE D 247 55.95 -3.07 -16.43
CA ILE D 247 56.56 -4.31 -16.00
C ILE D 247 57.35 -4.10 -14.71
N SER D 248 57.20 -5.03 -13.78
CA SER D 248 57.81 -4.89 -12.47
C SER D 248 58.10 -6.25 -11.85
N ASP D 249 58.71 -6.24 -10.67
CA ASP D 249 58.91 -7.45 -9.89
C ASP D 249 59.76 -8.46 -10.65
N TYR D 250 60.98 -8.05 -11.03
CA TYR D 250 61.91 -8.88 -11.79
C TYR D 250 61.30 -9.43 -13.09
N ASN D 251 60.57 -8.56 -13.80
CA ASN D 251 59.95 -8.90 -15.08
C ASN D 251 58.85 -9.97 -14.97
N ARG D 252 58.47 -10.32 -13.75
CA ARG D 252 57.51 -11.40 -13.52
C ARG D 252 56.08 -10.90 -13.53
N ARG D 253 55.91 -9.57 -13.58
CA ARG D 253 54.58 -8.97 -13.53
C ARG D 253 54.33 -7.98 -14.65
N LEU D 254 53.11 -8.01 -15.17
CA LEU D 254 52.65 -6.97 -16.08
C LEU D 254 51.44 -6.29 -15.47
N THR D 255 51.52 -4.98 -15.28
CA THR D 255 50.42 -4.23 -14.68
C THR D 255 49.78 -3.33 -15.72
N ILE D 256 48.46 -3.43 -15.84
CA ILE D 256 47.69 -2.58 -16.74
C ILE D 256 46.82 -1.65 -15.93
N ALA D 257 47.14 -0.36 -15.98
CA ALA D 257 46.48 0.63 -15.15
C ALA D 257 45.11 1.01 -15.70
N ASN D 258 44.13 1.09 -14.80
CA ASN D 258 42.75 1.46 -15.14
C ASN D 258 42.27 0.81 -16.44
N PRO D 259 42.22 -0.52 -16.48
CA PRO D 259 41.89 -1.20 -17.73
C PRO D 259 40.50 -0.86 -18.23
N THR D 260 40.37 -0.84 -19.55
CA THR D 260 39.09 -0.69 -20.22
C THR D 260 39.08 -1.78 -21.27
N VAL D 261 38.03 -1.89 -22.07
CA VAL D 261 37.97 -2.95 -23.07
C VAL D 261 39.12 -2.82 -24.07
N SER D 262 39.65 -1.61 -24.22
CA SER D 262 40.77 -1.37 -25.11
C SER D 262 41.97 -2.25 -24.74
N ASP D 263 42.05 -2.64 -23.47
CA ASP D 263 43.20 -3.40 -22.96
C ASP D 263 42.96 -4.90 -22.96
N ALA D 264 41.73 -5.31 -23.31
CA ALA D 264 41.43 -6.74 -23.39
C ALA D 264 42.22 -7.35 -24.55
N GLY D 265 42.55 -8.64 -24.43
CA GLY D 265 43.30 -9.32 -25.47
C GLY D 265 44.23 -10.39 -24.96
N TYR D 266 45.06 -10.90 -25.86
CA TYR D 266 45.97 -11.99 -25.54
C TYR D 266 47.33 -11.44 -25.15
N TYR D 267 47.75 -11.77 -23.93
CA TYR D 267 49.05 -11.35 -23.42
C TYR D 267 49.92 -12.57 -23.28
N GLU D 268 51.13 -12.53 -23.83
CA GLU D 268 52.01 -13.68 -23.71
C GLU D 268 53.35 -13.32 -23.11
N CYS D 269 53.94 -14.32 -22.46
CA CYS D 269 55.20 -14.20 -21.74
C CYS D 269 56.24 -15.07 -22.42
N GLU D 270 57.40 -14.50 -22.72
CA GLU D 270 58.45 -15.26 -23.38
C GLU D 270 59.66 -15.38 -22.48
N ALA D 271 60.00 -16.62 -22.12
CA ALA D 271 61.18 -16.86 -21.33
C ALA D 271 62.33 -17.29 -22.22
N MET D 272 63.45 -16.60 -22.07
CA MET D 272 64.63 -16.86 -22.88
C MET D 272 65.86 -16.35 -22.18
N LEU D 273 67.00 -16.91 -22.52
CA LEU D 273 68.22 -16.41 -21.99
C LEU D 273 69.06 -15.78 -23.11
N ARG D 274 69.54 -14.55 -22.88
CA ARG D 274 70.38 -13.85 -23.83
C ARG D 274 71.75 -14.54 -23.90
N SER D 275 72.45 -14.34 -25.02
CA SER D 275 73.78 -14.91 -25.33
C SER D 275 73.80 -16.43 -25.45
N SER D 276 72.74 -16.99 -26.02
CA SER D 276 72.65 -18.43 -26.26
C SER D 276 71.75 -18.80 -27.45
N SER D 277 71.94 -20.01 -27.95
CA SER D 277 71.18 -20.55 -29.07
C SER D 277 69.94 -21.35 -28.63
N VAL D 278 69.81 -21.59 -27.33
CA VAL D 278 68.68 -22.38 -26.82
C VAL D 278 67.37 -21.66 -27.17
N ALA D 279 66.32 -22.43 -27.42
CA ALA D 279 65.05 -21.88 -27.87
C ALA D 279 64.31 -21.14 -26.76
N PRO D 280 63.69 -19.99 -27.11
CA PRO D 280 62.85 -19.29 -26.15
C PRO D 280 61.48 -19.97 -26.04
N VAL D 281 60.86 -19.87 -24.88
CA VAL D 281 59.55 -20.48 -24.67
C VAL D 281 58.47 -19.45 -24.37
N THR D 282 57.31 -19.63 -24.97
CA THR D 282 56.21 -18.70 -24.76
C THR D 282 54.94 -19.38 -24.25
N ARG D 283 54.37 -18.80 -23.20
CA ARG D 283 53.06 -19.17 -22.70
C ARG D 283 52.29 -17.87 -22.47
N GLY D 284 51.00 -17.87 -22.79
CA GLY D 284 50.22 -16.65 -22.70
C GLY D 284 48.78 -16.86 -22.27
N ALA D 285 48.07 -15.77 -22.01
CA ALA D 285 46.68 -15.84 -21.58
C ALA D 285 45.86 -14.64 -22.02
N TYR D 286 44.55 -14.73 -21.83
CA TYR D 286 43.62 -13.70 -22.26
C TYR D 286 43.13 -12.83 -21.10
N LEU D 287 43.23 -11.51 -21.27
CA LEU D 287 42.61 -10.58 -20.32
C LEU D 287 41.18 -10.21 -20.74
N SER D 288 40.23 -10.46 -19.85
CA SER D 288 38.83 -10.13 -20.11
C SER D 288 38.39 -8.92 -19.30
N VAL D 289 37.78 -7.95 -19.96
CA VAL D 289 37.26 -6.78 -19.24
C VAL D 289 35.73 -6.75 -19.27
N LEU D 290 35.14 -6.73 -18.08
CA LEU D 290 33.70 -6.59 -17.96
C LEU D 290 33.36 -5.11 -17.73
N GLU D 291 32.24 -4.66 -18.30
CA GLU D 291 31.73 -3.31 -18.03
C GLU D 291 30.33 -3.39 -17.47
N PRO D 292 30.11 -2.77 -16.30
CA PRO D 292 28.79 -2.77 -15.68
C PRO D 292 27.77 -2.03 -16.53
N PRO D 293 26.47 -2.29 -16.32
CA PRO D 293 25.44 -1.68 -17.16
C PRO D 293 25.38 -0.16 -17.03
N GLN D 294 25.34 0.52 -18.18
CA GLN D 294 25.07 1.95 -18.25
C GLN D 294 23.87 2.19 -19.13
N PHE D 295 22.93 3.01 -18.68
CA PHE D 295 21.78 3.31 -19.52
C PHE D 295 22.18 4.20 -20.70
N VAL D 296 21.64 3.86 -21.87
CA VAL D 296 21.86 4.65 -23.08
C VAL D 296 20.64 5.53 -23.28
N ARG D 297 19.47 4.95 -23.07
CA ARG D 297 18.22 5.68 -23.14
C ARG D 297 17.34 5.37 -21.94
N GLU D 298 16.89 6.41 -21.25
CA GLU D 298 15.97 6.26 -20.13
C GLU D 298 14.63 6.91 -20.47
N PRO D 299 13.54 6.39 -19.89
CA PRO D 299 12.22 6.94 -20.18
C PRO D 299 11.99 8.31 -19.55
N GLU D 300 11.08 9.09 -20.14
CA GLU D 300 10.57 10.27 -19.46
C GLU D 300 10.06 9.87 -18.08
N ARG D 301 10.30 10.73 -17.09
CA ARG D 301 9.82 10.46 -15.75
C ARG D 301 8.30 10.50 -15.66
N HIS D 302 7.67 11.17 -16.63
CA HIS D 302 6.22 11.23 -16.71
C HIS D 302 5.75 10.68 -18.04
N ILE D 303 4.92 9.64 -18.00
CA ILE D 303 4.31 9.12 -19.23
C ILE D 303 2.80 8.97 -19.08
N THR D 304 2.07 9.58 -20.01
CA THR D 304 0.61 9.52 -20.01
C THR D 304 0.12 8.83 -21.28
N ALA D 305 -0.79 7.87 -21.11
CA ALA D 305 -1.31 7.11 -22.24
C ALA D 305 -2.81 6.92 -22.10
N GLU D 306 -3.51 6.86 -23.23
CA GLU D 306 -4.95 6.71 -23.25
C GLU D 306 -5.39 5.27 -22.99
N MET D 307 -6.53 5.13 -22.33
CA MET D 307 -7.10 3.83 -21.94
C MET D 307 -7.38 2.90 -23.13
N GLU D 308 -7.10 1.61 -22.92
CA GLU D 308 -7.36 0.55 -23.89
C GLU D 308 -6.41 0.60 -25.08
N LYS D 309 -5.57 1.63 -25.11
CA LYS D 309 -4.62 1.80 -26.19
C LYS D 309 -3.29 1.11 -25.86
N VAL D 310 -2.26 1.39 -26.65
CA VAL D 310 -0.93 0.80 -26.46
C VAL D 310 0.12 1.87 -26.14
N VAL D 311 1.07 1.52 -25.27
CA VAL D 311 2.14 2.45 -24.89
C VAL D 311 3.51 1.77 -24.94
N ASP D 312 4.52 2.50 -25.39
CA ASP D 312 5.89 2.01 -25.37
C ASP D 312 6.70 2.71 -24.30
N ILE D 313 7.41 1.94 -23.48
CA ILE D 313 8.24 2.51 -22.42
C ILE D 313 9.69 2.14 -22.63
N PRO D 314 10.54 3.13 -22.96
CA PRO D 314 11.93 2.86 -23.32
C PRO D 314 12.81 2.44 -22.15
N CYS D 315 13.75 1.54 -22.43
CA CYS D 315 14.82 1.21 -21.51
C CYS D 315 15.95 0.57 -22.31
N ARG D 316 17.01 1.32 -22.54
CA ARG D 316 18.13 0.84 -23.36
C ARG D 316 19.42 0.97 -22.59
N ALA D 317 20.12 -0.16 -22.44
CA ALA D 317 21.36 -0.17 -21.68
C ALA D 317 22.46 -0.96 -22.37
N LYS D 318 23.71 -0.56 -22.13
CA LYS D 318 24.86 -1.28 -22.64
C LYS D 318 25.70 -1.84 -21.49
N GLY D 319 26.48 -2.88 -21.79
CA GLY D 319 27.36 -3.49 -20.81
C GLY D 319 28.10 -4.68 -21.40
N VAL D 320 29.18 -5.08 -20.73
CA VAL D 320 29.88 -6.30 -21.10
C VAL D 320 29.98 -7.23 -19.89
N PRO D 321 29.31 -8.40 -19.95
CA PRO D 321 28.49 -8.90 -21.06
C PRO D 321 27.22 -8.08 -21.25
N PRO D 322 26.58 -8.18 -22.43
CA PRO D 322 25.36 -7.40 -22.71
C PRO D 322 24.32 -7.60 -21.60
N PRO D 323 23.86 -6.49 -21.01
CA PRO D 323 23.02 -6.54 -19.82
C PRO D 323 21.64 -7.12 -20.10
N SER D 324 21.08 -7.85 -19.13
CA SER D 324 19.71 -8.31 -19.25
C SER D 324 18.80 -7.26 -18.65
N ILE D 325 17.55 -7.22 -19.10
CA ILE D 325 16.59 -6.19 -18.71
C ILE D 325 15.37 -6.78 -18.02
N THR D 326 15.06 -6.27 -16.83
CA THR D 326 13.93 -6.79 -16.06
C THR D 326 12.99 -5.65 -15.64
N TRP D 327 11.69 -5.87 -15.82
CA TRP D 327 10.69 -4.85 -15.53
C TRP D 327 9.92 -5.08 -14.24
N TYR D 328 9.69 -4.00 -13.50
CA TYR D 328 8.87 -4.07 -12.29
C TYR D 328 7.72 -3.07 -12.36
N LYS D 329 6.57 -3.49 -11.85
CA LYS D 329 5.43 -2.59 -11.67
C LYS D 329 5.18 -2.42 -10.18
N ASP D 330 5.43 -1.21 -9.67
CA ASP D 330 5.36 -0.91 -8.25
C ASP D 330 6.04 -2.00 -7.42
N ALA D 331 7.32 -2.22 -7.71
CA ALA D 331 8.18 -3.16 -7.00
C ALA D 331 7.76 -4.63 -7.15
N ALA D 332 6.82 -4.90 -8.06
CA ALA D 332 6.41 -6.27 -8.32
C ALA D 332 6.91 -6.72 -9.69
N LEU D 333 7.50 -7.92 -9.73
CA LEU D 333 8.00 -8.49 -10.97
C LEU D 333 6.90 -8.57 -12.02
N VAL D 334 7.18 -8.03 -13.21
CA VAL D 334 6.22 -8.10 -14.30
C VAL D 334 6.32 -9.47 -14.95
N GLU D 335 5.19 -10.17 -15.03
CA GLU D 335 5.16 -11.48 -15.66
C GLU D 335 4.92 -11.31 -17.15
N VAL D 336 5.90 -11.69 -17.94
CA VAL D 336 5.88 -11.42 -19.37
C VAL D 336 5.72 -12.71 -20.17
N THR D 340 -0.51 -12.54 -22.22
CA THR D 340 -0.63 -11.35 -21.38
C THR D 340 -0.34 -10.08 -22.19
N ARG D 341 -0.90 -8.97 -21.74
CA ARG D 341 -0.78 -7.68 -22.42
C ARG D 341 0.63 -7.09 -22.38
N PHE D 342 1.54 -7.78 -21.73
CA PHE D 342 2.88 -7.26 -21.53
C PHE D 342 3.90 -8.01 -22.38
N LYS D 343 4.51 -7.30 -23.32
CA LYS D 343 5.56 -7.87 -24.15
C LYS D 343 6.82 -7.05 -24.00
N GLN D 344 7.97 -7.73 -23.91
CA GLN D 344 9.23 -7.02 -23.81
C GLN D 344 9.94 -7.03 -25.15
N ARG D 345 10.16 -5.84 -25.69
CA ARG D 345 10.81 -5.68 -26.98
C ARG D 345 12.29 -6.05 -26.86
N SER D 346 12.92 -6.31 -27.99
CA SER D 346 14.33 -6.72 -28.01
C SER D 346 15.29 -5.64 -27.49
N ASP D 347 15.03 -4.37 -27.78
CA ASP D 347 15.93 -3.30 -27.33
C ASP D 347 15.78 -3.04 -25.84
N GLY D 348 14.87 -3.78 -25.20
CA GLY D 348 14.67 -3.71 -23.77
C GLY D 348 13.36 -3.05 -23.35
N GLY D 349 12.80 -2.24 -24.25
CA GLY D 349 11.60 -1.49 -23.92
C GLY D 349 10.43 -2.39 -23.59
N LEU D 350 9.53 -1.90 -22.75
CA LEU D 350 8.33 -2.64 -22.40
C LEU D 350 7.12 -2.09 -23.14
N GLN D 351 6.37 -2.95 -23.81
CA GLN D 351 5.19 -2.47 -24.50
C GLN D 351 3.95 -3.04 -23.84
N ILE D 352 3.09 -2.14 -23.37
CA ILE D 352 1.85 -2.52 -22.72
C ILE D 352 0.70 -2.15 -23.64
N SER D 353 -0.12 -3.13 -24.00
CA SER D 353 -1.26 -2.88 -24.85
C SER D 353 -2.54 -3.19 -24.08
N GLY D 354 -3.67 -2.69 -24.56
CA GLY D 354 -4.94 -2.89 -23.89
C GLY D 354 -4.89 -2.28 -22.50
N LEU D 355 -4.43 -1.03 -22.45
CA LEU D 355 -4.19 -0.32 -21.19
C LEU D 355 -5.41 -0.22 -20.27
N LEU D 356 -5.25 -0.72 -19.06
CA LEU D 356 -6.26 -0.56 -18.03
C LEU D 356 -5.88 0.62 -17.14
N PRO D 357 -6.87 1.23 -16.47
CA PRO D 357 -6.57 2.28 -15.50
C PRO D 357 -5.71 1.73 -14.37
N ASP D 358 -5.77 0.41 -14.18
CA ASP D 358 -4.98 -0.28 -13.15
C ASP D 358 -3.50 -0.33 -13.51
N ASP D 359 -3.16 0.05 -14.74
CA ASP D 359 -1.78 0.03 -15.20
C ASP D 359 -1.02 1.26 -14.70
N THR D 360 -1.76 2.23 -14.19
CA THR D 360 -1.19 3.42 -13.57
C THR D 360 -0.22 3.02 -12.46
N GLY D 361 0.82 3.84 -12.25
CA GLY D 361 1.78 3.59 -11.20
C GLY D 361 3.22 3.63 -11.69
N MET D 362 4.12 3.11 -10.86
CA MET D 362 5.54 3.10 -11.21
C MET D 362 5.92 1.91 -12.07
N LEU D 363 6.57 2.19 -13.19
CA LEU D 363 7.21 1.15 -13.97
C LEU D 363 8.72 1.32 -13.85
N GLN D 364 9.39 0.24 -13.48
CA GLN D 364 10.81 0.33 -13.12
C GLN D 364 11.61 -0.74 -13.84
N CYS D 365 12.75 -0.33 -14.39
CA CYS D 365 13.55 -1.22 -15.22
C CYS D 365 14.94 -1.42 -14.64
N PHE D 366 15.33 -2.69 -14.48
CA PHE D 366 16.68 -3.03 -14.05
C PHE D 366 17.53 -3.62 -15.18
N ALA D 367 18.73 -3.08 -15.34
CA ALA D 367 19.73 -3.64 -16.23
C ALA D 367 20.77 -4.35 -15.36
N HIS D 368 20.98 -5.65 -15.54
CA HIS D 368 21.87 -6.34 -14.62
C HIS D 368 22.98 -7.09 -15.35
N ASN D 369 24.05 -7.39 -14.63
CA ASN D 369 25.27 -7.93 -15.22
C ASN D 369 26.08 -8.66 -14.18
N ALA D 370 27.05 -9.46 -14.62
CA ALA D 370 28.03 -10.04 -13.73
C ALA D 370 28.81 -8.92 -13.05
N ALA D 371 28.81 -7.77 -13.70
CA ALA D 371 29.61 -6.62 -13.29
C ALA D 371 28.85 -5.55 -12.51
N GLY D 372 27.53 -5.64 -12.47
CA GLY D 372 26.75 -4.65 -11.74
C GLY D 372 25.30 -4.54 -12.14
N GLU D 373 24.58 -3.59 -11.54
CA GLU D 373 23.18 -3.37 -11.87
C GLU D 373 22.82 -1.89 -11.82
N ALA D 374 21.90 -1.48 -12.70
CA ALA D 374 21.42 -0.11 -12.71
C ALA D 374 19.90 -0.15 -12.80
N GLN D 375 19.25 0.91 -12.31
CA GLN D 375 17.80 0.95 -12.29
C GLN D 375 17.30 2.31 -12.77
N THR D 376 16.15 2.28 -13.45
CA THR D 376 15.51 3.50 -13.96
C THR D 376 14.00 3.31 -13.91
N SER D 377 13.25 4.41 -13.80
CA SER D 377 11.80 4.29 -13.65
C SER D 377 11.01 5.49 -14.16
N THR D 378 9.69 5.32 -14.19
CA THR D 378 8.77 6.33 -14.70
C THR D 378 7.40 6.13 -14.09
N TYR D 379 6.61 7.19 -14.00
CA TYR D 379 5.23 7.08 -13.57
C TYR D 379 4.31 7.05 -14.78
N LEU D 380 3.53 5.98 -14.91
CA LEU D 380 2.61 5.83 -16.03
C LEU D 380 1.20 6.25 -15.63
N ALA D 381 0.63 7.19 -16.38
CA ALA D 381 -0.74 7.65 -16.15
C ALA D 381 -1.67 7.25 -17.31
N VAL D 382 -2.74 6.54 -16.97
CA VAL D 382 -3.75 6.13 -17.95
C VAL D 382 -4.95 7.07 -17.97
N THR D 383 -5.38 7.48 -19.17
CA THR D 383 -6.47 8.42 -19.34
C THR D 383 -7.84 7.77 -19.12
#